data_5OD2
#
_entry.id   5OD2
#
_cell.length_a   154.565
_cell.length_b   154.565
_cell.length_c   50.483
_cell.angle_alpha   90.00
_cell.angle_beta   90.00
_cell.angle_gamma   120.00
#
_symmetry.space_group_name_H-M   'P 31'
#
loop_
_entity.id
_entity.type
_entity.pdbx_description
1 polymer 'Bifunctional ADP-specific glucokinase/phosphofructokinase'
2 non-polymer alpha-D-glucopyranose
3 non-polymer (2R,3R,4S,5R)-2-(4-AMINO-5-IODO-7H-PYRROLO[2,3-D]PYRIMIDIN-7-YL)-5-(HYDROXYMETHYL)TETRAHYDROFURAN-3,4-DIOL
4 non-polymer 'MAGNESIUM ION'
5 non-polymer 'PHOSPHATE ION'
6 water water
#
_entity_poly.entity_id   1
_entity_poly.type   'polypeptide(L)'
_entity_poly.pdbx_seq_one_letter_code
;IMEIKKFIETIKGTKLFTAYNTNVDAIKYLKDEDVQKLVDEFNHKDIIERMEEYPRIIEEPLDFVARLVHSIKTGKPAEV
PIKDDKKLHEWFDRIKYDEERMGGQAGIVSNLMATLQIDKIIVYTPFLSKKQAEMFVDYDNLLYPLVENGNLVLKKVREA
YRDDPIKINRIFEFKKGLKFKLNGEEITAKQSTRFIVASRPEALRIEIKDDVRKFLPKIGEAVDCAFLSGYQAIKEEYRD
GKTAKYYFERAEEDIKLLKKNKNIKTHLEFASISNIEIRKMVVDYILSNVESVGMDETEIANVLHILGYDELSNNILKDS
FIEDVIEGAKILLDKFKNLEVVQVHTIYYILFVCRADNPLSKEELEECLEFSTILASTKAKLGNIRAIDDLHEGLKIPHN
KYGDLLKEIAEKFNDNNYKIALSPSRYVEKPKSTVGLGDTISSGAFVYYVSLLNKKRM
;
_entity_poly.pdbx_strand_id   A,B,C
#
# COMPACT_ATOMS: atom_id res chain seq x y z
N GLU A 3 3.42 6.63 26.25
CA GLU A 3 3.67 8.08 25.98
C GLU A 3 2.41 8.82 25.45
N ILE A 4 1.74 8.34 24.41
CA ILE A 4 0.42 8.88 24.08
C ILE A 4 -0.56 8.71 25.26
N LYS A 5 -0.56 7.54 25.86
CA LYS A 5 -1.33 7.26 27.06
C LYS A 5 -1.16 8.30 28.14
N LYS A 6 0.09 8.61 28.38
CA LYS A 6 0.45 9.53 29.41
C LYS A 6 -0.10 10.92 29.08
N PHE A 7 0.05 11.39 27.82
CA PHE A 7 -0.50 12.68 27.42
C PHE A 7 -2.01 12.71 27.67
N ILE A 8 -2.71 11.66 27.22
CA ILE A 8 -4.15 11.57 27.34
C ILE A 8 -4.64 11.53 28.80
N GLU A 9 -3.95 10.77 29.65
CA GLU A 9 -4.21 10.75 31.08
C GLU A 9 -4.08 12.11 31.68
N THR A 10 -3.04 12.83 31.27
CA THR A 10 -2.76 14.14 31.85
C THR A 10 -3.86 15.13 31.62
N ILE A 11 -4.50 15.08 30.44
CA ILE A 11 -5.57 16.04 30.15
C ILE A 11 -6.97 15.61 30.52
N LYS A 12 -7.13 14.36 30.92
CA LYS A 12 -8.44 13.78 31.01
C LYS A 12 -9.40 14.52 32.00
N GLY A 13 -8.86 14.99 33.11
CA GLY A 13 -9.67 15.63 34.13
C GLY A 13 -9.96 17.08 33.83
N THR A 14 -9.43 17.62 32.73
CA THR A 14 -9.60 19.05 32.40
C THR A 14 -10.93 19.30 31.66
N LYS A 15 -11.55 20.41 32.00
CA LYS A 15 -12.85 20.73 31.51
C LYS A 15 -12.72 22.05 30.83
N LEU A 16 -13.40 22.20 29.72
CA LEU A 16 -13.23 23.34 28.82
C LEU A 16 -14.55 23.98 28.40
N PHE A 17 -14.57 25.30 28.40
CA PHE A 17 -15.59 26.07 27.72
C PHE A 17 -14.98 26.67 26.45
N THR A 18 -15.75 26.72 25.37
CA THR A 18 -15.27 27.38 24.18
C THR A 18 -16.41 28.13 23.50
N ALA A 19 -16.05 29.28 22.92
CA ALA A 19 -16.95 30.20 22.23
C ALA A 19 -16.11 31.06 21.30
N TYR A 20 -16.62 31.70 20.28
CA TYR A 20 -18.02 31.84 19.93
C TYR A 20 -18.43 31.27 18.57
N ASN A 21 -17.43 30.78 17.83
CA ASN A 21 -17.58 30.57 16.37
C ASN A 21 -17.57 29.15 15.94
N THR A 22 -18.68 28.76 15.29
CA THR A 22 -18.75 27.50 14.59
C THR A 22 -19.38 27.76 13.24
N ASN A 23 -18.96 26.97 12.27
CA ASN A 23 -19.51 27.10 10.93
C ASN A 23 -19.22 25.83 10.17
N VAL A 24 -19.72 25.76 8.97
CA VAL A 24 -19.24 24.77 8.02
C VAL A 24 -18.03 25.39 7.28
N ASP A 25 -16.96 24.61 7.14
CA ASP A 25 -15.84 24.92 6.25
C ASP A 25 -15.98 24.06 5.02
N ALA A 26 -16.30 24.70 3.91
CA ALA A 26 -16.38 24.01 2.60
C ALA A 26 -15.01 24.15 1.98
N ILE A 27 -14.34 23.03 1.79
CA ILE A 27 -12.92 22.98 1.42
C ILE A 27 -12.77 22.59 -0.06
N LYS A 28 -12.04 23.43 -0.80
CA LYS A 28 -11.53 23.08 -2.13
C LYS A 28 -10.00 22.83 -2.11
N TYR A 29 -9.60 21.65 -2.54
CA TYR A 29 -8.16 21.30 -2.72
C TYR A 29 -7.76 21.71 -4.09
N LEU A 30 -7.08 22.84 -4.18
CA LEU A 30 -6.79 23.45 -5.48
C LEU A 30 -5.73 22.64 -6.20
N LYS A 31 -5.96 22.43 -7.49
CA LYS A 31 -4.93 21.97 -8.43
C LYS A 31 -4.54 23.10 -9.40
N ASP A 32 -3.39 22.95 -10.05
CA ASP A 32 -2.88 23.92 -11.04
C ASP A 32 -3.98 24.45 -11.95
N GLU A 33 -4.74 23.52 -12.49
CA GLU A 33 -5.76 23.83 -13.45
C GLU A 33 -6.97 24.57 -12.84
N ASP A 34 -7.26 24.35 -11.56
CA ASP A 34 -8.35 25.06 -10.89
C ASP A 34 -7.99 26.53 -10.82
N VAL A 35 -6.75 26.81 -10.48
CA VAL A 35 -6.30 28.20 -10.36
C VAL A 35 -6.20 28.88 -11.76
N GLN A 36 -5.64 28.15 -12.71
CA GLN A 36 -5.52 28.64 -14.07
C GLN A 36 -6.88 29.05 -14.63
N LYS A 37 -7.87 28.22 -14.37
CA LYS A 37 -9.26 28.51 -14.74
C LYS A 37 -9.83 29.74 -14.04
N LEU A 38 -9.54 29.91 -12.77
CA LEU A 38 -10.01 31.08 -12.05
C LEU A 38 -9.42 32.37 -12.68
N VAL A 39 -8.10 32.43 -12.86
CA VAL A 39 -7.49 33.63 -13.45
C VAL A 39 -7.91 33.88 -14.93
N ASP A 40 -8.06 32.82 -15.69
CA ASP A 40 -8.49 32.93 -17.11
C ASP A 40 -9.94 33.47 -17.33
N GLU A 41 -10.78 33.45 -16.29
CA GLU A 41 -12.09 34.08 -16.38
C GLU A 41 -11.98 35.62 -16.47
N PHE A 42 -10.83 36.18 -16.14
CA PHE A 42 -10.62 37.62 -16.12
C PHE A 42 -9.50 38.03 -17.05
N ASN A 43 -9.48 39.31 -17.39
CA ASN A 43 -8.31 39.95 -17.97
C ASN A 43 -7.21 39.93 -16.91
N HIS A 44 -6.07 39.30 -17.23
CA HIS A 44 -4.93 39.16 -16.31
C HIS A 44 -4.42 40.48 -15.81
N LYS A 45 -4.45 41.49 -16.68
CA LYS A 45 -4.18 42.87 -16.30
C LYS A 45 -5.12 43.40 -15.18
N ASP A 46 -6.41 43.05 -15.24
CA ASP A 46 -7.37 43.49 -14.19
C ASP A 46 -7.07 42.84 -12.84
N ILE A 47 -6.61 41.59 -12.89
CA ILE A 47 -6.16 40.90 -11.69
C ILE A 47 -4.97 41.62 -11.06
N ILE A 48 -3.97 41.95 -11.86
CA ILE A 48 -2.74 42.60 -11.35
C ILE A 48 -3.11 43.95 -10.74
N GLU A 49 -4.00 44.70 -11.40
CA GLU A 49 -4.42 46.04 -10.93
C GLU A 49 -5.23 45.93 -9.64
N ARG A 50 -6.12 44.95 -9.56
CA ARG A 50 -6.83 44.71 -8.33
C ARG A 50 -5.91 44.26 -7.16
N MET A 51 -4.88 43.45 -7.43
CA MET A 51 -3.88 43.08 -6.40
C MET A 51 -3.17 44.30 -5.87
N GLU A 52 -2.87 45.28 -6.76
CA GLU A 52 -2.26 46.56 -6.35
C GLU A 52 -3.16 47.32 -5.36
N GLU A 53 -4.47 47.20 -5.51
CA GLU A 53 -5.40 47.87 -4.62
C GLU A 53 -5.53 47.19 -3.26
N TYR A 54 -5.26 45.89 -3.21
CA TYR A 54 -5.33 45.06 -2.02
C TYR A 54 -6.70 45.11 -1.29
N PRO A 55 -7.74 44.56 -1.90
CA PRO A 55 -9.05 44.71 -1.32
C PRO A 55 -9.09 43.93 -0.02
N ARG A 56 -9.67 44.55 0.99
CA ARG A 56 -9.82 43.98 2.31
C ARG A 56 -11.21 43.44 2.52
N ILE A 57 -12.04 43.54 1.50
CA ILE A 57 -13.34 42.87 1.51
C ILE A 57 -13.62 42.43 0.09
N ILE A 58 -14.16 41.24 -0.03
CA ILE A 58 -14.58 40.70 -1.32
C ILE A 58 -16.00 41.16 -1.66
N GLU A 59 -16.10 42.06 -2.64
CA GLU A 59 -17.42 42.54 -3.13
C GLU A 59 -17.79 41.95 -4.50
N GLU A 60 -16.80 41.51 -5.27
CA GLU A 60 -17.06 40.83 -6.54
C GLU A 60 -15.99 39.77 -6.71
N PRO A 61 -16.23 38.80 -7.59
CA PRO A 61 -15.27 37.71 -7.73
C PRO A 61 -13.82 38.14 -8.01
N LEU A 62 -13.60 39.23 -8.72
CA LEU A 62 -12.25 39.70 -9.00
C LEU A 62 -11.44 40.02 -7.72
N ASP A 63 -12.10 40.53 -6.71
CA ASP A 63 -11.51 40.76 -5.40
C ASP A 63 -10.95 39.47 -4.81
N PHE A 64 -11.72 38.39 -4.92
CA PHE A 64 -11.35 37.06 -4.46
C PHE A 64 -10.13 36.52 -5.18
N VAL A 65 -10.19 36.56 -6.51
CA VAL A 65 -9.12 36.06 -7.32
C VAL A 65 -7.83 36.82 -7.01
N ALA A 66 -7.92 38.14 -6.90
CA ALA A 66 -6.74 38.95 -6.55
C ALA A 66 -6.11 38.54 -5.25
N ARG A 67 -6.91 38.42 -4.20
CA ARG A 67 -6.37 38.02 -2.88
C ARG A 67 -5.91 36.55 -2.83
N LEU A 68 -6.57 35.66 -3.55
CA LEU A 68 -6.12 34.26 -3.62
C LEU A 68 -4.73 34.20 -4.27
N VAL A 69 -4.55 34.89 -5.40
CA VAL A 69 -3.23 34.88 -6.08
C VAL A 69 -2.19 35.43 -5.15
N HIS A 70 -2.53 36.52 -4.48
CA HIS A 70 -1.61 37.09 -3.52
C HIS A 70 -1.17 36.07 -2.43
N SER A 71 -2.12 35.28 -1.93
CA SER A 71 -1.85 34.28 -0.87
C SER A 71 -0.93 33.19 -1.43
N ILE A 72 -1.24 32.69 -2.62
CA ILE A 72 -0.39 31.69 -3.26
C ILE A 72 1.04 32.22 -3.51
N LYS A 73 1.10 33.44 -4.03
CA LYS A 73 2.37 34.04 -4.43
C LYS A 73 3.28 34.34 -3.24
N THR A 74 2.70 34.87 -2.18
CA THR A 74 3.47 35.15 -0.98
C THR A 74 3.62 33.91 -0.08
N GLY A 75 2.81 32.90 -0.32
CA GLY A 75 2.82 31.69 0.50
C GLY A 75 2.28 31.89 1.89
N LYS A 76 1.36 32.83 2.07
CA LYS A 76 0.86 33.19 3.39
C LYS A 76 -0.64 33.04 3.49
N PRO A 77 -1.11 32.45 4.60
CA PRO A 77 -2.56 32.39 4.83
C PRO A 77 -3.22 33.76 4.93
N ALA A 78 -4.49 33.81 4.58
CA ALA A 78 -5.31 35.00 4.80
C ALA A 78 -6.77 34.62 4.95
N GLU A 79 -7.51 35.51 5.62
CA GLU A 79 -8.96 35.37 5.79
C GLU A 79 -9.62 36.73 5.46
N VAL A 80 -10.50 36.72 4.46
CA VAL A 80 -11.03 37.95 3.91
C VAL A 80 -12.54 37.85 3.82
N PRO A 81 -13.25 38.84 4.40
CA PRO A 81 -14.69 38.73 4.41
C PRO A 81 -15.34 39.00 3.05
N ILE A 82 -16.53 38.42 2.87
CA ILE A 82 -17.38 38.74 1.73
C ILE A 82 -18.57 39.58 2.14
N LYS A 83 -19.01 40.42 1.20
CA LYS A 83 -20.30 41.08 1.28
C LYS A 83 -21.40 40.00 1.04
N ASP A 84 -22.57 40.25 1.60
CA ASP A 84 -23.64 39.28 1.65
C ASP A 84 -24.52 39.17 0.40
N ASP A 85 -24.25 39.92 -0.67
CA ASP A 85 -25.16 39.85 -1.84
C ASP A 85 -25.27 38.48 -2.58
N LYS A 86 -26.41 38.31 -3.22
CA LYS A 86 -26.79 37.08 -3.87
C LYS A 86 -25.85 36.69 -5.00
N LYS A 87 -25.58 37.64 -5.89
CA LYS A 87 -24.79 37.36 -7.12
C LYS A 87 -23.46 36.79 -6.77
N LEU A 88 -22.81 37.37 -5.78
CA LEU A 88 -21.51 36.92 -5.31
C LEU A 88 -21.53 35.52 -4.65
N HIS A 89 -22.45 35.35 -3.70
CA HIS A 89 -22.77 34.04 -3.05
C HIS A 89 -22.96 32.89 -4.08
N GLU A 90 -23.73 33.16 -5.12
CA GLU A 90 -23.98 32.20 -6.18
C GLU A 90 -22.75 31.89 -7.02
N TRP A 91 -21.93 32.89 -7.32
CA TRP A 91 -20.70 32.66 -8.07
C TRP A 91 -19.81 31.68 -7.28
N PHE A 92 -19.76 31.87 -5.97
CA PHE A 92 -19.01 30.98 -5.10
C PHE A 92 -19.59 29.56 -5.02
N ASP A 93 -20.91 29.42 -5.12
CA ASP A 93 -21.57 28.08 -5.11
C ASP A 93 -21.27 27.26 -6.33
N ARG A 94 -21.09 27.88 -7.50
CA ARG A 94 -20.67 27.17 -8.72
C ARG A 94 -19.31 26.45 -8.57
N ILE A 95 -18.53 26.81 -7.55
CA ILE A 95 -17.26 26.17 -7.32
C ILE A 95 -17.57 24.79 -6.75
N LYS A 96 -16.79 23.79 -7.16
CA LYS A 96 -16.97 22.40 -6.69
C LYS A 96 -16.06 22.17 -5.50
N TYR A 97 -16.64 22.01 -4.32
CA TYR A 97 -15.85 21.80 -3.08
C TYR A 97 -15.63 20.32 -2.88
N ASP A 98 -14.50 19.96 -2.31
CA ASP A 98 -14.18 18.55 -2.14
C ASP A 98 -14.76 17.92 -0.87
N GLU A 99 -14.88 18.72 0.21
CA GLU A 99 -15.45 18.24 1.47
C GLU A 99 -16.03 19.40 2.27
N GLU A 100 -16.92 19.06 3.19
CA GLU A 100 -17.43 19.95 4.20
C GLU A 100 -16.99 19.38 5.54
N ARG A 101 -16.51 20.26 6.43
CA ARG A 101 -16.22 19.86 7.80
C ARG A 101 -16.45 20.98 8.81
N MET A 102 -16.39 20.64 10.10
CA MET A 102 -16.55 21.61 11.15
C MET A 102 -15.50 22.69 10.98
N GLY A 103 -15.95 23.93 11.02
CA GLY A 103 -15.09 25.08 10.97
C GLY A 103 -15.35 26.00 12.13
N GLY A 104 -14.45 26.96 12.32
CA GLY A 104 -14.52 27.90 13.43
C GLY A 104 -13.76 27.36 14.62
N GLN A 105 -13.04 28.24 15.30
CA GLN A 105 -12.22 27.83 16.44
C GLN A 105 -13.01 27.02 17.45
N ALA A 106 -14.17 27.52 17.88
CA ALA A 106 -14.89 26.85 18.96
C ALA A 106 -15.39 25.49 18.49
N GLY A 107 -15.73 25.37 17.22
CA GLY A 107 -16.14 24.06 16.66
C GLY A 107 -14.99 23.05 16.54
N ILE A 108 -13.86 23.50 16.00
CA ILE A 108 -12.69 22.66 15.82
C ILE A 108 -12.11 22.19 17.16
N VAL A 109 -11.95 23.11 18.09
CA VAL A 109 -11.42 22.83 19.40
C VAL A 109 -12.37 21.92 20.17
N SER A 110 -13.68 22.18 20.12
CA SER A 110 -14.65 21.27 20.74
C SER A 110 -14.51 19.84 20.26
N ASN A 111 -14.51 19.68 18.95
CA ASN A 111 -14.37 18.37 18.35
C ASN A 111 -13.07 17.68 18.76
N LEU A 112 -11.99 18.43 18.74
CA LEU A 112 -10.69 17.87 19.12
C LEU A 112 -10.68 17.36 20.55
N MET A 113 -11.17 18.20 21.46
CA MET A 113 -11.16 17.85 22.86
C MET A 113 -12.18 16.72 23.17
N ALA A 114 -13.25 16.61 22.38
CA ALA A 114 -14.17 15.47 22.50
C ALA A 114 -13.49 14.20 22.02
N THR A 115 -12.78 14.29 20.89
CA THR A 115 -12.01 13.18 20.40
C THR A 115 -10.93 12.72 21.37
N LEU A 116 -10.27 13.66 22.03
CA LEU A 116 -9.28 13.33 23.02
C LEU A 116 -9.87 12.91 24.36
N GLN A 117 -11.19 12.97 24.52
CA GLN A 117 -11.92 12.39 25.67
C GLN A 117 -11.65 13.06 27.03
N ILE A 118 -11.55 14.39 26.99
CA ILE A 118 -11.45 15.14 28.22
C ILE A 118 -12.83 15.14 28.90
N ASP A 119 -12.82 15.46 30.19
CA ASP A 119 -13.96 15.20 31.10
C ASP A 119 -15.19 15.96 30.66
N LYS A 120 -15.02 17.20 30.21
CA LYS A 120 -16.17 17.98 29.82
C LYS A 120 -15.83 19.09 28.87
N ILE A 121 -16.70 19.28 27.87
CA ILE A 121 -16.59 20.43 26.95
C ILE A 121 -17.95 21.11 26.84
N ILE A 122 -17.97 22.41 27.05
CA ILE A 122 -19.18 23.19 26.87
C ILE A 122 -18.90 24.18 25.76
N VAL A 123 -19.64 24.06 24.68
CA VAL A 123 -19.46 24.94 23.50
C VAL A 123 -20.67 25.85 23.36
N TYR A 124 -20.43 27.11 23.05
CA TYR A 124 -21.50 28.01 22.78
C TYR A 124 -21.25 28.70 21.45
N THR A 125 -22.32 28.73 20.68
CA THR A 125 -22.35 29.47 19.44
C THR A 125 -23.81 29.85 19.21
N PRO A 126 -24.09 31.01 18.61
CA PRO A 126 -25.51 31.42 18.54
C PRO A 126 -26.37 30.64 17.57
N PHE A 127 -25.85 30.24 16.40
CA PHE A 127 -26.60 29.42 15.46
C PHE A 127 -26.23 27.94 15.54
N LEU A 128 -27.24 27.11 15.73
CA LEU A 128 -27.04 25.69 15.79
C LEU A 128 -28.15 24.94 15.03
N SER A 129 -28.07 24.97 13.72
CA SER A 129 -28.93 24.17 12.87
C SER A 129 -28.57 22.71 13.01
N LYS A 130 -29.48 21.87 12.54
CA LYS A 130 -29.26 20.43 12.58
C LYS A 130 -28.00 20.05 11.81
N LYS A 131 -27.83 20.57 10.62
CA LYS A 131 -26.65 20.22 9.80
C LYS A 131 -25.37 20.61 10.54
N GLN A 132 -25.38 21.78 11.15
CA GLN A 132 -24.24 22.25 11.91
C GLN A 132 -23.99 21.36 13.13
N ALA A 133 -25.05 21.02 13.85
CA ALA A 133 -24.90 20.25 15.07
C ALA A 133 -24.34 18.88 14.75
N GLU A 134 -24.72 18.33 13.60
CA GLU A 134 -24.30 16.97 13.25
C GLU A 134 -22.90 16.89 12.71
N MET A 135 -22.22 18.02 12.57
CA MET A 135 -20.79 18.01 12.32
C MET A 135 -19.98 17.99 13.61
N PHE A 136 -20.63 18.04 14.78
CA PHE A 136 -19.90 17.85 16.04
C PHE A 136 -19.62 16.38 16.25
N VAL A 137 -18.54 16.09 16.94
CA VAL A 137 -18.22 14.73 17.34
C VAL A 137 -19.30 14.21 18.32
N ASP A 138 -19.57 12.92 18.22
CA ASP A 138 -20.55 12.26 19.05
C ASP A 138 -19.86 11.92 20.35
N TYR A 139 -20.12 12.70 21.38
CA TYR A 139 -19.53 12.48 22.69
C TYR A 139 -20.48 13.01 23.71
N ASP A 140 -20.84 12.17 24.68
CA ASP A 140 -21.87 12.55 25.68
C ASP A 140 -21.48 13.77 26.52
N ASN A 141 -20.19 14.03 26.72
CA ASN A 141 -19.76 15.21 27.48
C ASN A 141 -19.29 16.43 26.66
N LEU A 142 -19.71 16.49 25.41
CA LEU A 142 -19.65 17.67 24.59
C LEU A 142 -21.03 18.30 24.58
N LEU A 143 -21.14 19.43 25.29
CA LEU A 143 -22.42 20.00 25.72
C LEU A 143 -22.62 21.42 25.24
N TYR A 144 -23.91 21.76 25.04
CA TYR A 144 -24.35 23.05 24.61
C TYR A 144 -25.34 23.60 25.65
N PRO A 145 -25.17 24.89 26.06
CA PRO A 145 -26.05 25.47 27.08
C PRO A 145 -27.35 25.99 26.49
N LEU A 146 -28.47 25.55 27.08
CA LEU A 146 -29.83 25.97 26.70
C LEU A 146 -30.55 26.51 27.95
N VAL A 147 -31.53 27.38 27.74
CA VAL A 147 -32.42 27.76 28.84
C VAL A 147 -33.82 27.21 28.58
N GLU A 148 -34.29 26.36 29.49
CA GLU A 148 -35.60 25.73 29.40
C GLU A 148 -36.34 26.00 30.69
N ASN A 149 -37.45 26.73 30.59
CA ASN A 149 -38.31 27.11 31.75
C ASN A 149 -37.52 27.80 32.81
N GLY A 150 -36.74 28.79 32.37
CA GLY A 150 -35.89 29.56 33.24
C GLY A 150 -34.70 28.87 33.89
N ASN A 151 -34.35 27.65 33.47
CA ASN A 151 -33.24 26.89 34.05
C ASN A 151 -32.20 26.55 32.99
N LEU A 152 -30.93 26.60 33.39
CA LEU A 152 -29.82 26.16 32.55
C LEU A 152 -29.83 24.64 32.35
N VAL A 153 -29.83 24.23 31.09
CA VAL A 153 -29.68 22.82 30.70
C VAL A 153 -28.43 22.75 29.79
N LEU A 154 -27.52 21.85 30.13
CA LEU A 154 -26.39 21.47 29.32
C LEU A 154 -26.74 20.20 28.62
N LYS A 155 -26.87 20.30 27.31
CA LYS A 155 -27.38 19.23 26.48
C LYS A 155 -26.33 18.81 25.43
N LYS A 156 -26.31 17.52 25.14
CA LYS A 156 -25.37 16.97 24.17
C LYS A 156 -25.53 17.71 22.87
N VAL A 157 -24.44 18.29 22.37
CA VAL A 157 -24.58 19.32 21.34
C VAL A 157 -25.33 18.80 20.12
N ARG A 158 -25.08 17.57 19.75
CA ARG A 158 -25.68 16.99 18.56
C ARG A 158 -27.23 16.91 18.63
N GLU A 159 -27.79 16.97 19.82
CA GLU A 159 -29.25 16.92 20.04
C GLU A 159 -29.85 18.28 20.36
N ALA A 160 -29.01 19.33 20.39
CA ALA A 160 -29.45 20.64 20.90
C ALA A 160 -29.87 21.61 19.79
N TYR A 161 -30.02 21.11 18.57
CA TYR A 161 -30.19 21.97 17.39
C TYR A 161 -31.58 22.56 17.34
N ARG A 162 -31.72 23.56 16.50
CA ARG A 162 -32.98 24.22 16.32
C ARG A 162 -32.97 24.77 14.90
N ASP A 163 -34.01 25.52 14.55
CA ASP A 163 -34.23 25.94 13.17
C ASP A 163 -33.50 27.22 12.88
N ASP A 164 -32.18 27.17 13.03
CA ASP A 164 -31.35 28.34 12.87
C ASP A 164 -30.78 28.35 11.44
N PRO A 165 -30.39 29.53 10.98
CA PRO A 165 -29.59 29.57 9.76
C PRO A 165 -28.23 28.86 9.91
N ILE A 166 -27.57 28.63 8.78
CA ILE A 166 -26.28 27.93 8.71
C ILE A 166 -25.29 28.96 8.14
N LYS A 167 -24.07 28.98 8.70
CA LYS A 167 -22.98 29.81 8.20
C LYS A 167 -21.98 28.91 7.47
N ILE A 168 -21.57 29.34 6.27
CA ILE A 168 -20.58 28.59 5.47
C ILE A 168 -19.42 29.47 5.12
N ASN A 169 -18.22 29.04 5.51
CA ASN A 169 -16.99 29.63 5.00
C ASN A 169 -16.33 28.73 3.94
N ARG A 170 -15.57 29.36 3.08
CA ARG A 170 -14.98 28.64 1.96
C ARG A 170 -13.48 28.69 2.08
N ILE A 171 -12.90 27.52 2.10
CA ILE A 171 -11.51 27.31 2.37
C ILE A 171 -10.82 26.84 1.06
N PHE A 172 -9.82 27.62 0.62
CA PHE A 172 -9.05 27.26 -0.57
C PHE A 172 -7.68 26.83 -0.19
N GLU A 173 -7.48 25.49 -0.23
CA GLU A 173 -6.23 24.84 0.19
C GLU A 173 -5.30 24.64 -1.00
N PHE A 174 -4.05 24.99 -0.85
CA PHE A 174 -3.06 24.73 -1.87
C PHE A 174 -1.79 24.23 -1.26
N LYS A 175 -1.04 23.49 -2.07
CA LYS A 175 0.19 22.85 -1.65
C LYS A 175 1.39 23.49 -2.31
N LYS A 176 2.52 23.44 -1.60
CA LYS A 176 3.83 23.72 -2.16
C LYS A 176 3.99 23.00 -3.50
N GLY A 177 4.37 23.74 -4.54
CA GLY A 177 4.55 23.17 -5.87
C GLY A 177 3.40 23.47 -6.83
N LEU A 178 2.26 23.92 -6.31
CA LEU A 178 1.14 24.30 -7.18
C LEU A 178 1.64 25.44 -8.07
N LYS A 179 1.23 25.41 -9.32
CA LYS A 179 1.69 26.43 -10.27
C LYS A 179 0.68 26.78 -11.34
N PHE A 180 0.80 28.00 -11.82
CA PHE A 180 -0.09 28.52 -12.83
C PHE A 180 0.56 29.74 -13.46
N LYS A 181 -0.07 30.27 -14.50
CA LYS A 181 0.45 31.43 -15.23
C LYS A 181 -0.47 32.65 -15.10
N LEU A 182 0.10 33.76 -14.72
CA LEU A 182 -0.60 35.04 -14.68
C LEU A 182 0.20 36.14 -15.41
N ASN A 183 -0.36 36.64 -16.48
CA ASN A 183 0.20 37.74 -17.26
C ASN A 183 1.67 37.41 -17.70
N GLY A 184 1.87 36.19 -18.17
CA GLY A 184 3.17 35.71 -18.61
C GLY A 184 4.05 35.07 -17.56
N GLU A 185 3.82 35.38 -16.28
CA GLU A 185 4.70 34.94 -15.20
C GLU A 185 4.15 33.62 -14.65
N GLU A 186 5.03 32.64 -14.54
CA GLU A 186 4.66 31.41 -13.89
C GLU A 186 4.83 31.62 -12.39
N ILE A 187 3.76 31.40 -11.65
CA ILE A 187 3.77 31.55 -10.21
C ILE A 187 3.73 30.15 -9.59
N THR A 188 4.64 29.90 -8.64
CA THR A 188 4.73 28.62 -7.98
C THR A 188 4.57 28.83 -6.48
N ALA A 189 3.66 28.10 -5.87
CA ALA A 189 3.53 28.11 -4.41
C ALA A 189 4.78 27.52 -3.73
N LYS A 190 5.34 28.29 -2.80
CA LYS A 190 6.49 27.86 -2.01
C LYS A 190 6.11 27.24 -0.65
N GLN A 191 4.85 27.37 -0.27
CA GLN A 191 4.34 26.84 1.00
C GLN A 191 2.97 26.24 0.76
N SER A 192 2.61 25.30 1.63
CA SER A 192 1.27 24.77 1.67
C SER A 192 0.48 25.57 2.69
N THR A 193 -0.61 26.18 2.29
CA THR A 193 -1.45 26.91 3.26
C THR A 193 -2.84 27.08 2.67
N ARG A 194 -3.62 28.03 3.17
CA ARG A 194 -5.02 28.14 2.75
C ARG A 194 -5.50 29.59 2.84
N PHE A 195 -6.43 29.90 1.95
CA PHE A 195 -7.04 31.21 1.86
C PHE A 195 -8.51 31.04 2.22
N ILE A 196 -8.99 31.86 3.16
CA ILE A 196 -10.33 31.72 3.69
C ILE A 196 -11.22 32.86 3.23
N VAL A 197 -12.36 32.51 2.65
CA VAL A 197 -13.39 33.43 2.34
C VAL A 197 -14.40 33.40 3.46
N ALA A 198 -14.49 34.51 4.20
CA ALA A 198 -15.20 34.56 5.47
C ALA A 198 -16.57 35.19 5.31
N SER A 199 -17.58 34.43 5.65
CA SER A 199 -18.91 34.95 5.73
C SER A 199 -19.10 35.65 7.07
N ARG A 200 -19.83 36.76 7.06
CA ARG A 200 -20.20 37.48 8.28
C ARG A 200 -21.69 37.81 8.23
N PRO A 201 -22.53 36.80 8.47
CA PRO A 201 -23.94 37.06 8.17
C PRO A 201 -24.49 38.14 9.10
N GLU A 202 -25.30 39.03 8.54
CA GLU A 202 -25.80 40.19 9.28
C GLU A 202 -26.44 39.81 10.63
N ALA A 203 -27.21 38.74 10.64
CA ALA A 203 -27.97 38.30 11.83
C ALA A 203 -27.14 37.59 12.93
N LEU A 204 -25.93 37.16 12.61
CA LEU A 204 -25.11 36.33 13.50
C LEU A 204 -24.14 37.23 14.26
N ARG A 205 -24.36 37.32 15.55
CA ARG A 205 -23.59 38.21 16.40
C ARG A 205 -22.59 37.41 17.24
N ILE A 206 -21.46 38.04 17.48
CA ILE A 206 -20.44 37.39 18.26
C ILE A 206 -20.77 37.76 19.69
N GLU A 207 -21.61 36.93 20.31
CA GLU A 207 -22.09 37.19 21.65
C GLU A 207 -22.65 35.96 22.26
N ILE A 208 -22.80 35.99 23.58
CA ILE A 208 -23.65 35.06 24.30
C ILE A 208 -25.01 35.76 24.44
N LYS A 209 -26.07 35.10 23.98
CA LYS A 209 -27.41 35.71 24.04
C LYS A 209 -27.86 35.83 25.49
N ASP A 210 -28.73 36.81 25.77
CA ASP A 210 -29.17 37.16 27.16
C ASP A 210 -29.61 35.96 28.00
N ASP A 211 -30.35 35.03 27.40
CA ASP A 211 -30.87 33.89 28.14
C ASP A 211 -29.74 33.08 28.79
N VAL A 212 -28.74 32.70 28.01
CA VAL A 212 -27.63 31.91 28.54
C VAL A 212 -26.69 32.81 29.35
N ARG A 213 -26.53 34.06 28.91
CA ARG A 213 -25.49 34.95 29.48
C ARG A 213 -25.64 35.16 31.00
N LYS A 214 -26.88 35.22 31.46
CA LYS A 214 -27.23 35.14 32.90
C LYS A 214 -26.49 34.01 33.68
N PHE A 215 -26.27 32.87 33.03
CA PHE A 215 -25.61 31.72 33.66
C PHE A 215 -24.10 31.59 33.41
N LEU A 216 -23.47 32.57 32.76
CA LEU A 216 -22.01 32.46 32.49
C LEU A 216 -21.16 32.15 33.72
N PRO A 217 -21.42 32.84 34.85
CA PRO A 217 -20.68 32.50 36.06
C PRO A 217 -20.75 31.02 36.44
N LYS A 218 -21.94 30.41 36.31
CA LYS A 218 -22.16 28.98 36.66
C LYS A 218 -21.42 28.10 35.65
N ILE A 219 -21.45 28.50 34.37
CA ILE A 219 -20.68 27.81 33.33
C ILE A 219 -19.18 27.84 33.64
N GLY A 220 -18.66 29.00 33.99
CA GLY A 220 -17.27 29.12 34.46
C GLY A 220 -16.89 28.17 35.59
N GLU A 221 -17.77 28.07 36.59
CA GLU A 221 -17.55 27.16 37.71
C GLU A 221 -17.56 25.71 37.28
N ALA A 222 -18.33 25.39 36.26
CA ALA A 222 -18.33 24.02 35.72
C ALA A 222 -17.06 23.61 34.94
N VAL A 223 -16.18 24.55 34.59
CA VAL A 223 -14.99 24.23 33.76
C VAL A 223 -13.68 24.66 34.46
N ASP A 224 -12.55 24.35 33.82
CA ASP A 224 -11.24 24.76 34.29
C ASP A 224 -10.64 25.88 33.46
N CYS A 225 -11.11 26.02 32.23
CA CYS A 225 -10.50 26.98 31.32
C CYS A 225 -11.40 27.27 30.16
N ALA A 226 -11.09 28.36 29.45
CA ALA A 226 -11.89 28.77 28.32
C ALA A 226 -11.00 29.09 27.13
N PHE A 227 -11.41 28.63 25.93
CA PHE A 227 -10.72 28.91 24.67
C PHE A 227 -11.70 29.77 23.84
N LEU A 228 -11.29 31.02 23.60
CA LEU A 228 -12.13 32.03 23.04
C LEU A 228 -11.59 32.58 21.73
N SER A 229 -12.47 32.66 20.75
CA SER A 229 -12.15 33.24 19.46
C SER A 229 -13.43 33.60 18.71
N GLY A 230 -13.29 34.10 17.48
CA GLY A 230 -14.43 34.49 16.69
C GLY A 230 -14.58 35.98 16.54
N TYR A 231 -13.79 36.73 17.31
CA TYR A 231 -13.82 38.21 17.28
C TYR A 231 -13.54 38.70 15.87
N GLN A 232 -12.79 37.89 15.10
CA GLN A 232 -12.45 38.23 13.72
C GLN A 232 -13.64 38.49 12.78
N ALA A 233 -14.82 37.98 13.11
CA ALA A 233 -16.01 38.22 12.31
C ALA A 233 -16.86 39.41 12.76
N ILE A 234 -16.47 40.14 13.84
CA ILE A 234 -17.23 41.31 14.26
C ILE A 234 -17.12 42.44 13.22
N LYS A 235 -18.26 43.00 12.83
CA LYS A 235 -18.27 44.17 11.91
C LYS A 235 -18.24 45.46 12.71
N GLU A 236 -17.71 46.50 12.10
CA GLU A 236 -17.79 47.87 12.64
C GLU A 236 -19.22 48.36 12.91
N GLU A 237 -20.13 48.08 11.98
CA GLU A 237 -21.52 48.50 12.09
C GLU A 237 -22.44 47.41 11.62
N TYR A 238 -23.59 47.29 12.28
CA TYR A 238 -24.70 46.49 11.81
C TYR A 238 -25.85 47.45 11.42
N ARG A 239 -26.70 47.00 10.52
CA ARG A 239 -27.82 47.85 10.05
C ARG A 239 -28.80 48.28 11.17
N ASP A 240 -28.93 47.47 12.21
CA ASP A 240 -29.77 47.79 13.37
C ASP A 240 -29.13 48.79 14.32
N GLY A 241 -27.94 49.28 13.99
CA GLY A 241 -27.30 50.32 14.77
C GLY A 241 -26.35 49.84 15.84
N LYS A 242 -26.27 48.52 16.07
CA LYS A 242 -25.21 47.96 16.89
C LYS A 242 -23.89 48.13 16.17
N THR A 243 -22.84 48.26 16.95
CA THR A 243 -21.49 48.47 16.47
C THR A 243 -20.48 47.48 17.12
N ALA A 244 -19.24 47.48 16.58
CA ALA A 244 -18.18 46.65 17.11
C ALA A 244 -18.00 46.91 18.61
N LYS A 245 -17.99 48.18 18.97
CA LYS A 245 -17.79 48.54 20.39
C LYS A 245 -18.77 47.86 21.34
N TYR A 246 -20.03 47.74 20.93
CA TYR A 246 -21.07 47.12 21.76
C TYR A 246 -20.67 45.68 22.01
N TYR A 247 -20.24 44.96 20.95
CA TYR A 247 -19.91 43.52 21.09
C TYR A 247 -18.60 43.30 21.81
N PHE A 248 -17.67 44.19 21.61
CA PHE A 248 -16.41 44.10 22.35
C PHE A 248 -16.55 44.40 23.85
N GLU A 249 -17.29 45.45 24.23
CA GLU A 249 -17.57 45.71 25.65
C GLU A 249 -18.28 44.54 26.29
N ARG A 250 -19.25 43.98 25.58
CA ARG A 250 -19.96 42.80 26.05
C ARG A 250 -19.05 41.56 26.21
N ALA A 251 -18.17 41.33 25.24
CA ALA A 251 -17.25 40.21 25.26
C ALA A 251 -16.21 40.30 26.37
N GLU A 252 -15.73 41.51 26.65
CA GLU A 252 -14.84 41.75 27.77
C GLU A 252 -15.52 41.41 29.08
N GLU A 253 -16.77 41.85 29.20
CA GLU A 253 -17.57 41.49 30.33
C GLU A 253 -17.83 39.98 30.44
N ASP A 254 -18.01 39.30 29.31
CA ASP A 254 -18.14 37.82 29.31
C ASP A 254 -16.99 37.13 30.01
N ILE A 255 -15.78 37.64 29.77
CA ILE A 255 -14.59 37.09 30.36
C ILE A 255 -14.64 37.26 31.91
N LYS A 256 -15.05 38.44 32.38
CA LYS A 256 -15.20 38.67 33.83
C LYS A 256 -16.29 37.79 34.42
N LEU A 257 -17.41 37.65 33.70
CA LEU A 257 -18.51 36.76 34.15
C LEU A 257 -18.07 35.31 34.27
N LEU A 258 -17.31 34.84 33.29
CA LEU A 258 -16.76 33.51 33.36
C LEU A 258 -15.87 33.30 34.55
N LYS A 259 -15.13 34.35 34.92
CA LYS A 259 -14.20 34.28 36.05
C LYS A 259 -14.85 34.62 37.40
N LYS A 260 -16.14 34.88 37.41
CA LYS A 260 -16.79 35.52 38.56
C LYS A 260 -16.81 34.64 39.80
N ASN A 261 -17.13 33.35 39.62
CA ASN A 261 -17.16 32.44 40.77
C ASN A 261 -15.97 31.50 40.83
N LYS A 262 -15.18 31.40 39.75
CA LYS A 262 -13.98 30.56 39.73
C LYS A 262 -12.99 31.23 38.82
N ASN A 263 -11.75 31.35 39.25
CA ASN A 263 -10.77 32.01 38.39
C ASN A 263 -10.12 30.98 37.43
N ILE A 264 -10.91 30.64 36.41
CA ILE A 264 -10.49 29.76 35.33
C ILE A 264 -9.48 30.48 34.46
N LYS A 265 -8.66 29.70 33.77
CA LYS A 265 -7.72 30.25 32.79
C LYS A 265 -8.43 30.48 31.46
N THR A 266 -8.14 31.63 30.84
CA THR A 266 -8.75 31.97 29.55
C THR A 266 -7.65 32.22 28.49
N HIS A 267 -7.99 31.86 27.27
CA HIS A 267 -7.10 31.89 26.14
C HIS A 267 -7.78 32.58 24.98
N LEU A 268 -7.06 33.50 24.37
CA LEU A 268 -7.45 34.16 23.14
C LEU A 268 -6.69 33.57 21.97
N GLU A 269 -7.41 33.10 20.96
CA GLU A 269 -6.78 32.68 19.73
C GLU A 269 -7.00 33.77 18.73
N PHE A 270 -5.89 34.34 18.28
CA PHE A 270 -5.89 35.33 17.24
C PHE A 270 -6.18 34.68 15.90
N ALA A 271 -6.40 35.51 14.90
CA ALA A 271 -6.69 35.08 13.55
C ALA A 271 -6.29 36.19 12.58
N SER A 272 -6.42 35.93 11.28
CA SER A 272 -6.17 36.95 10.27
C SER A 272 -7.43 37.87 10.26
N ILE A 273 -7.27 39.11 10.68
CA ILE A 273 -8.37 40.07 10.80
C ILE A 273 -8.13 41.19 9.81
N SER A 274 -8.94 41.19 8.75
CA SER A 274 -8.79 42.10 7.63
C SER A 274 -8.99 43.56 8.00
N ASN A 275 -9.91 43.84 8.92
CA ASN A 275 -10.23 45.21 9.29
C ASN A 275 -9.37 45.58 10.46
N ILE A 276 -8.51 46.56 10.24
CA ILE A 276 -7.54 46.95 11.28
C ILE A 276 -8.18 47.56 12.53
N GLU A 277 -9.38 48.15 12.43
CA GLU A 277 -10.08 48.67 13.62
C GLU A 277 -10.61 47.56 14.52
N ILE A 278 -11.15 46.51 13.93
CA ILE A 278 -11.52 45.32 14.68
C ILE A 278 -10.30 44.66 15.32
N ARG A 279 -9.22 44.58 14.54
CA ARG A 279 -7.98 43.95 15.04
C ARG A 279 -7.48 44.66 16.31
N LYS A 280 -7.53 45.98 16.25
CA LYS A 280 -7.20 46.79 17.40
C LYS A 280 -8.08 46.54 18.59
N MET A 281 -9.37 46.42 18.35
CA MET A 281 -10.29 46.14 19.45
C MET A 281 -10.04 44.78 20.13
N VAL A 282 -9.60 43.80 19.36
CA VAL A 282 -9.28 42.47 19.95
C VAL A 282 -8.14 42.63 20.98
N VAL A 283 -7.12 43.40 20.59
CA VAL A 283 -6.04 43.76 21.50
C VAL A 283 -6.53 44.53 22.73
N ASP A 284 -7.28 45.59 22.51
CA ASP A 284 -7.68 46.50 23.61
C ASP A 284 -8.65 45.87 24.59
N TYR A 285 -9.59 45.08 24.07
CA TYR A 285 -10.66 44.56 24.89
C TYR A 285 -10.44 43.14 25.36
N ILE A 286 -9.80 42.29 24.53
CA ILE A 286 -9.73 40.84 24.84
C ILE A 286 -8.33 40.42 25.30
N LEU A 287 -7.29 40.74 24.52
CA LEU A 287 -5.91 40.39 24.88
C LEU A 287 -5.54 40.88 26.27
N SER A 288 -6.01 42.07 26.65
CA SER A 288 -5.79 42.68 27.96
C SER A 288 -6.43 41.95 29.13
N ASN A 289 -7.30 40.96 28.87
CA ASN A 289 -8.03 40.26 29.92
C ASN A 289 -7.86 38.76 30.00
N VAL A 290 -7.06 38.21 29.11
CA VAL A 290 -6.83 36.78 29.11
C VAL A 290 -5.51 36.38 29.76
N GLU A 291 -5.39 35.08 30.04
CA GLU A 291 -4.15 34.54 30.58
C GLU A 291 -3.22 33.93 29.52
N SER A 292 -3.77 33.54 28.39
CA SER A 292 -3.02 32.90 27.34
C SER A 292 -3.43 33.45 26.01
N VAL A 293 -2.47 33.56 25.10
CA VAL A 293 -2.73 34.03 23.76
C VAL A 293 -1.96 33.18 22.73
N GLY A 294 -2.64 32.83 21.65
CA GLY A 294 -2.11 32.03 20.60
C GLY A 294 -2.14 32.83 19.30
N MET A 295 -1.01 32.89 18.63
CA MET A 295 -0.80 33.66 17.42
C MET A 295 0.16 32.93 16.50
N ASP A 296 0.01 33.10 15.19
CA ASP A 296 1.12 32.86 14.29
C ASP A 296 2.05 34.08 14.24
N GLU A 297 3.08 34.01 13.42
CA GLU A 297 4.09 35.05 13.38
C GLU A 297 3.56 36.37 12.88
N THR A 298 2.74 36.31 11.85
CA THR A 298 2.12 37.49 11.31
C THR A 298 1.23 38.13 12.37
N GLU A 299 0.54 37.31 13.13
CA GLU A 299 -0.43 37.83 14.12
C GLU A 299 0.32 38.55 15.22
N ILE A 300 1.43 38.00 15.71
CA ILE A 300 2.18 38.73 16.76
C ILE A 300 2.77 40.01 16.19
N ALA A 301 3.25 39.97 14.95
CA ALA A 301 3.69 41.22 14.30
C ALA A 301 2.58 42.27 14.31
N ASN A 302 1.39 41.86 13.89
CA ASN A 302 0.25 42.72 13.87
C ASN A 302 -0.11 43.34 15.22
N VAL A 303 -0.05 42.51 16.27
CA VAL A 303 -0.29 42.98 17.63
C VAL A 303 0.77 44.02 18.04
N LEU A 304 2.00 43.71 17.72
CA LEU A 304 3.12 44.57 18.09
C LEU A 304 3.00 45.92 17.43
N HIS A 305 2.58 45.92 16.16
CA HIS A 305 2.31 47.14 15.41
C HIS A 305 1.18 48.00 16.02
N ILE A 306 0.08 47.35 16.38
CA ILE A 306 -0.98 48.01 17.17
C ILE A 306 -0.47 48.64 18.48
N LEU A 307 0.49 48.00 19.14
CA LEU A 307 1.07 48.52 20.37
C LEU A 307 2.20 49.54 20.14
N GLY A 308 2.50 49.86 18.89
CA GLY A 308 3.44 50.90 18.56
C GLY A 308 4.84 50.44 18.30
N TYR A 309 5.08 49.12 18.28
CA TYR A 309 6.43 48.55 18.04
C TYR A 309 6.61 48.20 16.58
N ASP A 310 6.65 49.26 15.78
CA ASP A 310 6.63 49.19 14.31
C ASP A 310 7.88 48.55 13.77
N GLU A 311 9.04 48.98 14.24
CA GLU A 311 10.28 48.43 13.69
C GLU A 311 10.41 46.92 14.00
N LEU A 312 10.11 46.52 15.23
CA LEU A 312 10.23 45.10 15.62
C LEU A 312 9.21 44.30 14.85
N SER A 313 8.00 44.81 14.77
CA SER A 313 6.98 44.07 13.99
C SER A 313 7.37 43.90 12.52
N ASN A 314 7.87 44.94 11.87
CA ASN A 314 8.29 44.83 10.48
C ASN A 314 9.48 43.86 10.34
N ASN A 315 10.41 43.89 11.29
CA ASN A 315 11.51 42.92 11.27
C ASN A 315 11.03 41.48 11.36
N ILE A 316 10.04 41.27 12.21
CA ILE A 316 9.42 39.95 12.30
C ILE A 316 8.85 39.49 10.97
N LEU A 317 8.04 40.33 10.37
CA LEU A 317 7.46 40.06 9.04
C LEU A 317 8.54 39.79 7.98
N LYS A 318 9.59 40.58 7.99
CA LYS A 318 10.67 40.46 7.04
C LYS A 318 11.52 39.22 7.17
N ASP A 319 12.03 38.97 8.38
CA ASP A 319 13.07 37.94 8.59
C ASP A 319 12.68 36.73 9.41
N SER A 320 11.51 36.77 10.07
CA SER A 320 11.10 35.71 11.00
C SER A 320 12.17 35.21 11.97
N PHE A 321 12.97 36.08 12.58
CA PHE A 321 14.01 35.66 13.50
C PHE A 321 13.35 35.32 14.81
N ILE A 322 13.68 34.15 15.30
CA ILE A 322 13.15 33.67 16.53
C ILE A 322 13.46 34.61 17.67
N GLU A 323 14.63 35.23 17.63
CA GLU A 323 15.03 36.25 18.61
C GLU A 323 14.03 37.41 18.66
N ASP A 324 13.60 37.85 17.50
CA ASP A 324 12.65 38.95 17.45
C ASP A 324 11.27 38.56 17.96
N VAL A 325 10.83 37.35 17.63
CA VAL A 325 9.56 36.81 18.14
C VAL A 325 9.58 36.76 19.66
N ILE A 326 10.67 36.23 20.20
CA ILE A 326 10.84 36.17 21.65
C ILE A 326 10.79 37.56 22.27
N GLU A 327 11.50 38.52 21.69
CA GLU A 327 11.45 39.91 22.16
C GLU A 327 10.03 40.42 22.18
N GLY A 328 9.28 40.13 21.11
CA GLY A 328 7.90 40.56 21.06
C GLY A 328 7.06 39.96 22.18
N ALA A 329 7.27 38.69 22.44
CA ALA A 329 6.51 37.99 23.48
C ALA A 329 6.73 38.60 24.83
N LYS A 330 7.98 38.93 25.10
CA LYS A 330 8.35 39.61 26.34
C LYS A 330 7.70 40.96 26.50
N ILE A 331 7.61 41.71 25.40
CA ILE A 331 6.86 42.96 25.40
C ILE A 331 5.42 42.74 25.81
N LEU A 332 4.78 41.73 25.24
CA LEU A 332 3.40 41.43 25.66
C LEU A 332 3.27 41.08 27.13
N LEU A 333 4.13 40.19 27.61
CA LEU A 333 4.18 39.84 29.05
C LEU A 333 4.39 41.05 29.97
N ASP A 334 5.26 41.94 29.55
CA ASP A 334 5.50 43.17 30.33
C ASP A 334 4.33 44.14 30.26
N LYS A 335 3.71 44.26 29.11
CA LYS A 335 2.56 45.13 28.93
C LYS A 335 1.29 44.64 29.65
N PHE A 336 1.01 43.32 29.59
CA PHE A 336 -0.23 42.73 30.05
C PHE A 336 0.00 41.79 31.24
N LYS A 337 -0.17 42.35 32.43
CA LYS A 337 0.05 41.64 33.69
C LYS A 337 -0.75 40.37 33.88
N ASN A 338 -1.98 40.35 33.36
CA ASN A 338 -2.85 39.15 33.44
C ASN A 338 -2.33 38.01 32.59
N LEU A 339 -1.60 38.35 31.54
CA LEU A 339 -1.07 37.35 30.66
C LEU A 339 -0.01 36.51 31.41
N GLU A 340 -0.13 35.19 31.34
CA GLU A 340 0.83 34.26 31.88
C GLU A 340 1.67 33.56 30.83
N VAL A 341 1.11 33.35 29.64
CA VAL A 341 1.84 32.64 28.59
C VAL A 341 1.56 33.22 27.22
N VAL A 342 2.63 33.48 26.48
CA VAL A 342 2.54 33.92 25.10
C VAL A 342 2.95 32.75 24.24
N GLN A 343 2.04 32.36 23.34
CA GLN A 343 2.29 31.24 22.44
C GLN A 343 2.29 31.67 20.99
N VAL A 344 3.37 31.33 20.31
CA VAL A 344 3.51 31.63 18.86
C VAL A 344 3.79 30.36 18.11
N HIS A 345 3.05 30.12 17.04
CA HIS A 345 3.24 28.93 16.23
C HIS A 345 3.55 29.31 14.78
N THR A 346 4.54 28.69 14.18
CA THR A 346 4.86 28.88 12.76
C THR A 346 4.97 27.49 12.17
N ILE A 347 5.22 27.43 10.87
CA ILE A 347 5.40 26.14 10.21
C ILE A 347 6.66 25.39 10.72
N TYR A 348 7.57 26.07 11.38
CA TYR A 348 8.78 25.48 11.90
C TYR A 348 8.77 25.13 13.39
N TYR A 349 7.88 25.72 14.19
CA TYR A 349 7.94 25.56 15.65
C TYR A 349 6.68 26.04 16.33
N ILE A 350 6.51 25.60 17.57
CA ILE A 350 5.64 26.31 18.50
C ILE A 350 6.50 26.73 19.69
N LEU A 351 6.24 27.94 20.20
CA LEU A 351 6.98 28.60 21.24
C LEU A 351 6.06 28.99 22.36
N PHE A 352 6.48 28.75 23.61
CA PHE A 352 5.94 29.39 24.78
C PHE A 352 6.97 30.36 25.42
N VAL A 353 6.48 31.52 25.81
CA VAL A 353 7.23 32.49 26.60
C VAL A 353 6.42 32.78 27.85
N CYS A 354 7.07 32.61 29.01
CA CYS A 354 6.45 32.80 30.31
C CYS A 354 7.40 33.60 31.21
N ARG A 355 6.88 34.10 32.31
CA ARG A 355 7.72 34.72 33.34
C ARG A 355 8.37 33.60 34.18
N ALA A 356 9.50 33.90 34.79
CA ALA A 356 10.19 32.95 35.69
C ALA A 356 9.32 32.51 36.86
N ASP A 357 8.46 33.39 37.32
CA ASP A 357 7.54 33.09 38.41
C ASP A 357 6.40 32.15 38.04
N ASN A 358 6.30 31.75 36.77
CA ASN A 358 5.26 30.78 36.38
C ASN A 358 5.43 29.53 37.26
N PRO A 359 4.32 28.95 37.77
CA PRO A 359 4.50 27.68 38.54
C PRO A 359 5.15 26.53 37.78
N LEU A 360 5.06 26.49 36.46
CA LEU A 360 5.65 25.38 35.69
C LEU A 360 7.13 25.58 35.41
N SER A 361 7.86 24.47 35.34
CA SER A 361 9.25 24.50 34.93
C SER A 361 9.34 24.59 33.43
N LYS A 362 10.51 24.97 32.94
CA LYS A 362 10.74 24.90 31.50
C LYS A 362 10.43 23.51 30.92
N GLU A 363 10.79 22.44 31.60
CA GLU A 363 10.56 21.06 31.11
C GLU A 363 9.03 20.78 31.03
N GLU A 364 8.26 21.28 31.98
CA GLU A 364 6.82 21.08 31.93
C GLU A 364 6.21 21.88 30.77
N LEU A 365 6.74 23.08 30.53
CA LEU A 365 6.28 23.86 29.38
C LEU A 365 6.60 23.08 28.10
N GLU A 366 7.79 22.49 28.02
CA GLU A 366 8.18 21.71 26.87
C GLU A 366 7.23 20.58 26.62
N GLU A 367 6.81 19.89 27.67
CA GLU A 367 5.88 18.73 27.54
C GLU A 367 4.55 19.17 26.92
N CYS A 368 4.03 20.32 27.32
CA CYS A 368 2.87 20.90 26.64
C CYS A 368 3.06 21.04 25.14
N LEU A 369 4.19 21.57 24.76
CA LEU A 369 4.46 21.84 23.33
C LEU A 369 4.73 20.59 22.53
N GLU A 370 5.47 19.67 23.11
CA GLU A 370 5.65 18.37 22.50
C GLU A 370 4.32 17.66 22.26
N PHE A 371 3.41 17.68 23.24
CA PHE A 371 2.06 17.12 23.01
C PHE A 371 1.39 17.82 21.82
N SER A 372 1.44 19.13 21.81
CA SER A 372 0.72 19.90 20.84
C SER A 372 1.23 19.61 19.45
N THR A 373 2.54 19.48 19.32
CA THR A 373 3.16 19.17 18.00
C THR A 373 2.70 17.81 17.46
N ILE A 374 2.55 16.81 18.34
CA ILE A 374 1.99 15.52 17.92
C ILE A 374 0.57 15.63 17.36
N LEU A 375 -0.25 16.46 18.01
CA LEU A 375 -1.57 16.71 17.46
C LEU A 375 -1.52 17.36 16.08
N ALA A 376 -0.73 18.41 15.96
CA ALA A 376 -0.66 19.17 14.72
C ALA A 376 -0.12 18.33 13.56
N SER A 377 0.96 17.60 13.77
CA SER A 377 1.50 16.78 12.69
C SER A 377 0.57 15.68 12.31
N THR A 378 -0.12 15.06 13.27
CA THR A 378 -1.16 14.04 12.94
C THR A 378 -2.22 14.65 12.03
N LYS A 379 -2.71 15.82 12.42
CA LYS A 379 -3.75 16.47 11.63
C LYS A 379 -3.21 16.84 10.25
N ALA A 380 -1.99 17.36 10.16
CA ALA A 380 -1.40 17.72 8.85
C ALA A 380 -1.30 16.50 7.89
N LYS A 381 -0.98 15.34 8.46
CA LYS A 381 -0.86 14.08 7.71
C LYS A 381 -2.22 13.57 7.24
N LEU A 382 -3.14 13.43 8.18
CA LEU A 382 -4.43 12.83 7.89
C LEU A 382 -5.51 13.79 7.49
N GLY A 383 -5.36 15.07 7.74
CA GLY A 383 -6.44 16.02 7.52
C GLY A 383 -7.35 16.23 8.73
N ASN A 384 -7.53 15.19 9.54
CA ASN A 384 -8.41 15.21 10.72
C ASN A 384 -7.87 14.22 11.74
N ILE A 385 -8.08 14.52 13.02
CA ILE A 385 -7.81 13.61 14.10
C ILE A 385 -9.18 13.01 14.49
N ARG A 386 -9.37 11.72 14.18
CA ARG A 386 -10.65 11.05 14.37
C ARG A 386 -10.61 10.17 15.63
N ALA A 387 -9.42 9.69 16.01
CA ALA A 387 -9.27 8.87 17.21
C ALA A 387 -7.90 9.07 17.81
N ILE A 388 -7.83 8.86 19.11
CA ILE A 388 -6.58 8.99 19.89
C ILE A 388 -5.45 8.17 19.25
N ASP A 389 -5.84 6.99 18.78
CA ASP A 389 -4.92 6.12 18.13
C ASP A 389 -4.21 6.76 16.89
N ASP A 390 -4.89 7.67 16.20
CA ASP A 390 -4.29 8.41 15.07
C ASP A 390 -3.00 9.14 15.45
N LEU A 391 -2.83 9.49 16.73
CA LEU A 391 -1.70 10.24 17.17
C LEU A 391 -0.37 9.55 16.93
N HIS A 392 -0.40 8.24 16.76
CA HIS A 392 0.80 7.50 16.35
C HIS A 392 1.37 7.96 15.01
N GLU A 393 0.54 8.51 14.14
CA GLU A 393 1.03 9.10 12.89
C GLU A 393 1.97 10.24 13.16
N GLY A 394 1.53 11.16 14.00
CA GLY A 394 2.33 12.33 14.29
C GLY A 394 3.62 11.98 14.96
N LEU A 395 3.56 10.98 15.81
CA LEU A 395 4.73 10.51 16.54
C LEU A 395 5.80 9.86 15.64
N LYS A 396 5.42 9.32 14.50
CA LYS A 396 6.36 8.83 13.47
C LYS A 396 7.16 9.95 12.76
N ILE A 397 6.62 11.17 12.68
CA ILE A 397 7.23 12.23 11.88
C ILE A 397 8.30 12.89 12.71
N PRO A 398 9.55 12.95 12.19
CA PRO A 398 10.61 13.51 13.01
C PRO A 398 10.54 15.04 13.04
N HIS A 399 11.13 15.62 14.09
CA HIS A 399 11.28 17.07 14.24
C HIS A 399 11.97 17.60 12.99
N ASN A 400 11.54 18.75 12.48
CA ASN A 400 12.13 19.28 11.23
C ASN A 400 13.61 19.63 11.42
N LYS A 401 14.34 19.76 10.30
CA LYS A 401 15.81 19.79 10.38
C LYS A 401 16.39 21.05 11.04
N TYR A 402 15.60 22.11 11.12
CA TYR A 402 16.01 23.35 11.80
C TYR A 402 15.84 23.29 13.34
N GLY A 403 15.41 22.14 13.88
CA GLY A 403 14.87 22.05 15.20
C GLY A 403 15.92 22.29 16.24
N ASP A 404 16.94 21.45 16.29
CA ASP A 404 17.96 21.58 17.34
C ASP A 404 18.44 23.00 17.36
N LEU A 405 18.50 23.59 16.18
CA LEU A 405 19.04 24.92 15.98
C LEU A 405 18.11 26.00 16.58
N LEU A 406 16.85 26.01 16.14
CA LEU A 406 15.82 26.89 16.73
C LEU A 406 15.69 26.74 18.24
N LYS A 407 15.68 25.49 18.67
CA LYS A 407 15.58 25.15 20.08
C LYS A 407 16.75 25.71 20.89
N GLU A 408 17.95 25.49 20.37
CA GLU A 408 19.20 25.99 20.93
C GLU A 408 19.15 27.51 21.06
N ILE A 409 18.73 28.20 20.02
CA ILE A 409 18.67 29.66 20.05
C ILE A 409 17.69 30.14 21.10
N ALA A 410 16.48 29.63 21.03
CA ALA A 410 15.43 30.04 21.97
C ALA A 410 15.82 29.75 23.41
N GLU A 411 16.43 28.60 23.63
CA GLU A 411 16.75 28.09 24.98
C GLU A 411 17.71 28.99 25.73
N LYS A 412 18.60 29.62 24.97
CA LYS A 412 19.48 30.62 25.55
C LYS A 412 18.77 31.84 26.09
N PHE A 413 17.48 32.07 25.81
CA PHE A 413 16.73 33.20 26.42
C PHE A 413 16.02 32.83 27.74
N ASN A 414 16.19 31.60 28.20
CA ASN A 414 15.85 31.25 29.57
C ASN A 414 16.78 31.98 30.48
N ASP A 415 16.24 32.74 31.43
CA ASP A 415 17.12 33.44 32.37
C ASP A 415 16.33 33.65 33.64
N ASN A 416 16.79 34.53 34.50
CA ASN A 416 16.13 34.73 35.78
C ASN A 416 14.76 35.31 35.66
N ASN A 417 14.43 35.92 34.52
CA ASN A 417 13.16 36.64 34.38
C ASN A 417 12.14 35.92 33.52
N TYR A 418 12.57 35.06 32.59
CA TYR A 418 11.64 34.47 31.61
C TYR A 418 11.95 33.00 31.45
N LYS A 419 10.93 32.21 31.21
CA LYS A 419 11.04 30.79 30.88
C LYS A 419 10.60 30.67 29.43
N ILE A 420 11.43 30.02 28.62
CA ILE A 420 11.14 29.80 27.20
C ILE A 420 11.21 28.31 26.86
N ALA A 421 10.20 27.83 26.14
CA ALA A 421 10.18 26.45 25.60
C ALA A 421 9.84 26.52 24.14
N LEU A 422 10.47 25.65 23.36
CA LEU A 422 10.24 25.59 21.93
C LEU A 422 10.21 24.13 21.47
N SER A 423 9.14 23.75 20.76
CA SER A 423 9.08 22.47 20.13
C SER A 423 9.11 22.63 18.61
N PRO A 424 10.14 22.07 17.94
CA PRO A 424 10.16 22.13 16.47
C PRO A 424 8.97 21.39 15.91
N SER A 425 8.42 21.86 14.81
CA SER A 425 7.36 21.11 14.16
C SER A 425 7.86 19.79 13.61
N ARG A 426 6.93 18.85 13.50
CA ARG A 426 7.15 17.58 12.86
C ARG A 426 6.51 17.64 11.45
N TYR A 427 7.28 18.19 10.51
CA TYR A 427 6.78 18.74 9.29
C TYR A 427 6.58 17.66 8.26
N VAL A 428 5.45 17.74 7.59
CA VAL A 428 5.00 16.77 6.59
C VAL A 428 5.03 17.55 5.27
N GLU A 429 5.77 17.06 4.27
CA GLU A 429 5.91 17.80 2.98
C GLU A 429 4.62 18.00 2.23
N LYS A 430 3.76 17.00 2.19
CA LYS A 430 2.51 17.13 1.42
C LYS A 430 1.35 16.96 2.38
N PRO A 431 0.98 18.03 3.10
CA PRO A 431 -0.06 17.86 4.10
C PRO A 431 -1.41 17.71 3.42
N LYS A 432 -2.29 16.92 4.02
CA LYS A 432 -3.61 16.76 3.44
C LYS A 432 -4.37 18.07 3.43
N SER A 433 -4.30 18.79 4.54
CA SER A 433 -4.92 20.13 4.65
C SER A 433 -4.22 20.92 5.75
N THR A 434 -4.48 22.23 5.79
CA THR A 434 -3.89 23.12 6.74
C THR A 434 -4.87 23.86 7.59
N VAL A 435 -6.11 24.02 7.16
CA VAL A 435 -7.06 24.79 7.94
C VAL A 435 -7.25 24.13 9.29
N GLY A 436 -7.18 24.94 10.36
CA GLY A 436 -7.37 24.44 11.72
C GLY A 436 -6.16 23.84 12.39
N LEU A 437 -5.02 23.82 11.71
CA LEU A 437 -3.79 23.33 12.35
C LEU A 437 -3.40 24.21 13.56
N GLY A 438 -3.54 25.52 13.42
CA GLY A 438 -3.22 26.41 14.50
C GLY A 438 -4.15 26.18 15.68
N ASP A 439 -5.44 26.04 15.39
CA ASP A 439 -6.41 25.87 16.48
C ASP A 439 -6.11 24.58 17.25
N THR A 440 -5.66 23.59 16.51
CA THR A 440 -5.35 22.28 17.04
C THR A 440 -4.12 22.39 17.94
N ILE A 441 -3.08 23.04 17.44
CA ILE A 441 -1.86 23.20 18.24
C ILE A 441 -2.07 24.13 19.45
N SER A 442 -2.75 25.26 19.25
CA SER A 442 -2.97 26.18 20.33
C SER A 442 -3.78 25.59 21.47
N SER A 443 -4.89 24.91 21.11
CA SER A 443 -5.80 24.36 22.09
C SER A 443 -5.14 23.16 22.78
N GLY A 444 -4.36 22.38 22.06
CA GLY A 444 -3.61 21.30 22.71
C GLY A 444 -2.63 21.81 23.75
N ALA A 445 -1.86 22.82 23.37
CA ALA A 445 -0.83 23.34 24.24
C ALA A 445 -1.46 23.98 25.48
N PHE A 446 -2.53 24.75 25.29
CA PHE A 446 -3.25 25.46 26.35
C PHE A 446 -3.92 24.50 27.35
N VAL A 447 -4.63 23.52 26.85
CA VAL A 447 -5.26 22.53 27.69
C VAL A 447 -4.23 21.74 28.46
N TYR A 448 -3.11 21.42 27.83
CA TYR A 448 -2.03 20.75 28.55
C TYR A 448 -1.44 21.67 29.65
N TYR A 449 -1.17 22.91 29.30
CA TYR A 449 -0.73 23.91 30.25
C TYR A 449 -1.68 24.02 31.47
N VAL A 450 -2.96 24.16 31.24
CA VAL A 450 -3.93 24.24 32.32
C VAL A 450 -3.89 22.95 33.16
N SER A 451 -3.75 21.83 32.47
CA SER A 451 -3.73 20.51 33.12
C SER A 451 -2.57 20.41 34.09
N LEU A 452 -1.37 20.77 33.64
CA LEU A 452 -0.18 20.69 34.49
C LEU A 452 -0.20 21.69 35.63
N LEU A 453 -0.74 22.88 35.39
CA LEU A 453 -0.93 23.82 36.51
C LEU A 453 -1.80 23.27 37.63
N ASN A 454 -2.92 22.66 37.25
CA ASN A 454 -3.86 22.12 38.22
C ASN A 454 -3.33 20.89 38.91
N LYS A 455 -2.62 20.06 38.19
CA LYS A 455 -1.96 18.93 38.78
C LYS A 455 -0.95 19.37 39.84
N LYS A 456 -0.17 20.38 39.53
CA LYS A 456 0.83 20.90 40.47
C LYS A 456 0.16 21.54 41.71
N ARG A 457 -0.88 22.35 41.50
CA ARG A 457 -1.61 23.00 42.59
C ARG A 457 -2.03 22.02 43.71
N MET A 458 -2.25 20.71 43.41
CA MET A 458 -2.56 19.70 44.44
C MET A 458 -1.27 19.08 45.00
N ILE B 1 11.01 -11.53 -7.99
CA ILE B 1 11.41 -10.48 -7.02
C ILE B 1 12.64 -10.90 -6.28
N MET B 2 13.59 -10.00 -6.22
CA MET B 2 14.93 -10.30 -5.81
C MET B 2 14.98 -10.61 -4.32
N GLU B 3 14.37 -9.77 -3.47
CA GLU B 3 14.37 -10.04 -2.04
C GLU B 3 13.66 -11.35 -1.72
N ILE B 4 12.59 -11.74 -2.41
CA ILE B 4 11.94 -13.02 -2.10
C ILE B 4 12.88 -14.15 -2.47
N LYS B 5 13.48 -14.08 -3.66
CA LYS B 5 14.43 -15.08 -4.09
C LYS B 5 15.56 -15.26 -3.09
N LYS B 6 16.04 -14.17 -2.53
CA LYS B 6 17.13 -14.20 -1.54
C LYS B 6 16.71 -14.95 -0.29
N PHE B 7 15.53 -14.68 0.22
CA PHE B 7 15.00 -15.40 1.38
C PHE B 7 14.96 -16.88 1.06
N ILE B 8 14.39 -17.24 -0.10
CA ILE B 8 14.18 -18.63 -0.48
C ILE B 8 15.48 -19.40 -0.66
N GLU B 9 16.45 -18.74 -1.29
CA GLU B 9 17.81 -19.28 -1.43
C GLU B 9 18.42 -19.57 -0.07
N THR B 10 18.23 -18.65 0.87
CA THR B 10 18.88 -18.76 2.18
C THR B 10 18.41 -19.99 2.91
N ILE B 11 17.12 -20.34 2.77
CA ILE B 11 16.56 -21.49 3.54
C ILE B 11 16.58 -22.80 2.77
N LYS B 12 16.98 -22.76 1.51
CA LYS B 12 16.84 -23.92 0.65
C LYS B 12 17.57 -25.17 1.13
N GLY B 13 18.80 -25.01 1.63
CA GLY B 13 19.58 -26.14 2.08
C GLY B 13 19.19 -26.70 3.42
N THR B 14 18.24 -26.06 4.14
CA THR B 14 17.92 -26.47 5.48
C THR B 14 16.96 -27.66 5.48
N LYS B 15 17.14 -28.56 6.43
CA LYS B 15 16.37 -29.79 6.51
C LYS B 15 15.71 -29.81 7.87
N LEU B 16 14.46 -30.21 7.90
CA LEU B 16 13.58 -30.04 9.11
C LEU B 16 12.81 -31.31 9.46
N PHE B 17 12.79 -31.65 10.76
CA PHE B 17 11.96 -32.68 11.35
C PHE B 17 10.87 -31.97 12.11
N THR B 18 9.66 -32.45 12.01
CA THR B 18 8.62 -31.87 12.81
C THR B 18 7.72 -32.96 13.35
N ALA B 19 7.21 -32.72 14.56
CA ALA B 19 6.33 -33.65 15.30
C ALA B 19 5.59 -32.84 16.36
N TYR B 20 4.47 -33.28 16.92
CA TYR B 20 3.82 -34.61 16.78
C TYR B 20 2.40 -34.57 16.22
N ASN B 21 1.88 -33.37 15.93
CA ASN B 21 0.45 -33.16 15.76
C ASN B 21 0.05 -32.74 14.39
N THR B 22 -0.85 -33.57 13.81
CA THR B 22 -1.53 -33.22 12.61
C THR B 22 -2.99 -33.59 12.79
N ASN B 23 -3.84 -32.82 12.14
CA ASN B 23 -5.26 -33.08 12.17
C ASN B 23 -5.94 -32.34 11.02
N VAL B 24 -7.25 -32.52 10.89
CA VAL B 24 -8.05 -31.69 10.03
C VAL B 24 -8.57 -30.54 10.92
N ASP B 25 -8.41 -29.34 10.41
CA ASP B 25 -9.07 -28.16 10.98
C ASP B 25 -10.31 -27.90 10.14
N ALA B 26 -11.48 -28.08 10.75
CA ALA B 26 -12.74 -27.74 10.14
C ALA B 26 -13.07 -26.32 10.57
N ILE B 27 -13.08 -25.39 9.62
CA ILE B 27 -13.14 -23.97 9.90
C ILE B 27 -14.56 -23.41 9.61
N LYS B 28 -15.11 -22.71 10.60
CA LYS B 28 -16.29 -21.89 10.40
C LYS B 28 -15.95 -20.40 10.47
N TYR B 29 -16.29 -19.65 9.40
CA TYR B 29 -16.16 -18.20 9.38
C TYR B 29 -17.40 -17.57 9.95
N LEU B 30 -17.34 -17.14 11.21
CA LEU B 30 -18.53 -16.74 11.90
C LEU B 30 -19.02 -15.42 11.39
N LYS B 31 -20.34 -15.31 11.21
CA LYS B 31 -21.03 -14.04 10.98
C LYS B 31 -21.90 -13.69 12.17
N ASP B 32 -22.26 -12.40 12.29
CA ASP B 32 -23.17 -11.90 13.37
C ASP B 32 -24.28 -12.87 13.68
N GLU B 33 -24.96 -13.27 12.62
CA GLU B 33 -26.10 -14.17 12.75
C GLU B 33 -25.76 -15.56 13.24
N ASP B 34 -24.59 -16.07 12.89
CA ASP B 34 -24.17 -17.44 13.34
C ASP B 34 -24.04 -17.42 14.85
N VAL B 35 -23.44 -16.37 15.39
CA VAL B 35 -23.27 -16.23 16.82
C VAL B 35 -24.59 -15.99 17.52
N GLN B 36 -25.40 -15.11 16.93
CA GLN B 36 -26.73 -14.83 17.50
C GLN B 36 -27.55 -16.08 17.65
N LYS B 37 -27.50 -16.92 16.62
CA LYS B 37 -28.16 -18.22 16.62
C LYS B 37 -27.61 -19.19 17.69
N LEU B 38 -26.30 -19.23 17.87
CA LEU B 38 -25.72 -20.06 18.91
C LEU B 38 -26.20 -19.63 20.31
N VAL B 39 -26.12 -18.34 20.65
CA VAL B 39 -26.58 -17.88 21.98
C VAL B 39 -28.11 -18.03 22.19
N ASP B 40 -28.89 -17.81 21.14
CA ASP B 40 -30.37 -17.92 21.20
C ASP B 40 -30.91 -19.37 21.42
N GLU B 41 -30.07 -20.37 21.17
CA GLU B 41 -30.42 -21.75 21.52
C GLU B 41 -30.51 -21.95 23.07
N PHE B 42 -29.96 -21.02 23.85
CA PHE B 42 -29.92 -21.14 25.33
C PHE B 42 -30.57 -19.96 25.99
N ASN B 43 -30.92 -20.12 27.26
CA ASN B 43 -31.23 -19.02 28.14
C ASN B 43 -29.94 -18.19 28.34
N HIS B 44 -30.00 -16.91 27.98
CA HIS B 44 -28.85 -16.00 28.03
C HIS B 44 -28.26 -15.92 29.41
N LYS B 45 -29.13 -15.97 30.42
CA LYS B 45 -28.68 -16.11 31.81
C LYS B 45 -27.83 -17.34 32.07
N ASP B 46 -28.19 -18.48 31.48
CA ASP B 46 -27.38 -19.73 31.64
C ASP B 46 -25.97 -19.58 31.01
N ILE B 47 -25.89 -18.86 29.91
CA ILE B 47 -24.59 -18.55 29.29
C ILE B 47 -23.74 -17.68 30.21
N ILE B 48 -24.31 -16.60 30.73
CA ILE B 48 -23.57 -15.70 31.65
C ILE B 48 -23.08 -16.47 32.89
N GLU B 49 -23.91 -17.35 33.45
CA GLU B 49 -23.55 -18.13 34.64
C GLU B 49 -22.45 -19.14 34.32
N ARG B 50 -22.58 -19.80 33.18
CA ARG B 50 -21.53 -20.69 32.75
C ARG B 50 -20.18 -19.97 32.45
N MET B 51 -20.21 -18.77 31.89
CA MET B 51 -18.99 -17.94 31.71
C MET B 51 -18.33 -17.61 33.02
N GLU B 52 -19.12 -17.38 34.08
CA GLU B 52 -18.59 -17.13 35.42
C GLU B 52 -17.82 -18.35 35.94
N GLU B 53 -18.25 -19.53 35.55
CA GLU B 53 -17.57 -20.77 35.98
C GLU B 53 -16.27 -21.05 35.23
N TYR B 54 -16.18 -20.52 34.01
CA TYR B 54 -15.02 -20.66 33.16
C TYR B 54 -14.63 -22.12 32.91
N PRO B 55 -15.46 -22.88 32.18
CA PRO B 55 -15.18 -24.29 32.01
C PRO B 55 -13.91 -24.47 31.19
N ARG B 56 -13.06 -25.37 31.65
CA ARG B 56 -11.76 -25.66 31.00
C ARG B 56 -11.85 -26.91 30.16
N ILE B 57 -13.04 -27.51 30.12
CA ILE B 57 -13.29 -28.62 29.21
C ILE B 57 -14.72 -28.48 28.77
N ILE B 58 -14.94 -28.72 27.51
CA ILE B 58 -16.31 -28.69 26.94
C ILE B 58 -16.96 -30.07 27.12
N GLU B 59 -17.96 -30.14 27.99
CA GLU B 59 -18.71 -31.41 28.22
C GLU B 59 -20.12 -31.34 27.62
N GLU B 60 -20.64 -30.15 27.41
CA GLU B 60 -21.94 -29.98 26.75
C GLU B 60 -21.88 -28.68 25.93
N PRO B 61 -22.79 -28.53 24.97
CA PRO B 61 -22.70 -27.37 24.11
C PRO B 61 -22.69 -26.01 24.82
N LEU B 62 -23.35 -25.89 25.98
CA LEU B 62 -23.32 -24.63 26.74
C LEU B 62 -21.89 -24.20 27.15
N ASP B 63 -21.03 -25.15 27.45
CA ASP B 63 -19.64 -24.90 27.78
C ASP B 63 -18.94 -24.23 26.62
N PHE B 64 -19.21 -24.74 25.41
CA PHE B 64 -18.65 -24.20 24.16
C PHE B 64 -19.09 -22.76 23.93
N VAL B 65 -20.40 -22.55 24.01
CA VAL B 65 -20.96 -21.25 23.80
C VAL B 65 -20.40 -20.26 24.79
N ALA B 66 -20.33 -20.64 26.07
CA ALA B 66 -19.73 -19.75 27.09
C ALA B 66 -18.32 -19.34 26.75
N ARG B 67 -17.48 -20.31 26.42
CA ARG B 67 -16.06 -20.00 26.09
C ARG B 67 -15.90 -19.23 24.76
N LEU B 68 -16.77 -19.49 23.77
CA LEU B 68 -16.71 -18.79 22.53
C LEU B 68 -17.06 -17.32 22.77
N VAL B 69 -18.13 -17.06 23.53
CA VAL B 69 -18.49 -15.69 23.83
C VAL B 69 -17.34 -14.99 24.58
N HIS B 70 -16.77 -15.68 25.56
CA HIS B 70 -15.62 -15.12 26.28
C HIS B 70 -14.46 -14.70 25.32
N SER B 71 -14.18 -15.55 24.31
CA SER B 71 -13.09 -15.30 23.34
C SER B 71 -13.43 -14.06 22.50
N ILE B 72 -14.64 -14.01 21.96
CA ILE B 72 -15.09 -12.85 21.20
C ILE B 72 -15.02 -11.55 22.04
N LYS B 73 -15.53 -11.63 23.24
CA LYS B 73 -15.66 -10.47 24.11
C LYS B 73 -14.30 -9.90 24.56
N THR B 74 -13.39 -10.78 24.92
CA THR B 74 -12.03 -10.36 25.31
C THR B 74 -11.15 -10.17 24.09
N GLY B 75 -11.57 -10.67 22.94
CA GLY B 75 -10.76 -10.58 21.74
C GLY B 75 -9.51 -11.41 21.76
N LYS B 76 -9.52 -12.52 22.51
CA LYS B 76 -8.34 -13.33 22.70
C LYS B 76 -8.57 -14.76 22.20
N PRO B 77 -7.56 -15.33 21.50
CA PRO B 77 -7.64 -16.74 21.14
C PRO B 77 -7.71 -17.68 22.34
N ALA B 78 -8.35 -18.83 22.15
CA ALA B 78 -8.29 -19.93 23.11
C ALA B 78 -8.44 -21.27 22.41
N GLU B 79 -7.95 -22.32 23.11
CA GLU B 79 -8.11 -23.69 22.67
C GLU B 79 -8.63 -24.49 23.87
N VAL B 80 -9.80 -25.12 23.71
CA VAL B 80 -10.43 -25.80 24.80
C VAL B 80 -10.79 -27.20 24.39
N PRO B 81 -10.41 -28.21 25.19
CA PRO B 81 -10.70 -29.61 24.77
C PRO B 81 -12.16 -30.03 24.97
N ILE B 82 -12.58 -31.02 24.18
CA ILE B 82 -13.91 -31.60 24.32
C ILE B 82 -13.79 -33.01 24.86
N LYS B 83 -14.78 -33.41 25.61
CA LYS B 83 -14.97 -34.79 25.97
C LYS B 83 -15.38 -35.55 24.68
N ASP B 84 -15.11 -36.83 24.66
CA ASP B 84 -15.31 -37.65 23.48
C ASP B 84 -16.72 -38.20 23.24
N ASP B 85 -17.71 -37.88 24.05
CA ASP B 85 -19.06 -38.49 23.88
C ASP B 85 -19.81 -38.16 22.59
N LYS B 86 -20.66 -39.10 22.21
CA LYS B 86 -21.35 -39.06 20.93
C LYS B 86 -22.22 -37.82 20.78
N LYS B 87 -23.04 -37.59 21.81
CA LYS B 87 -24.09 -36.58 21.76
C LYS B 87 -23.50 -35.19 21.51
N LEU B 88 -22.37 -34.93 22.15
CA LEU B 88 -21.63 -33.69 21.94
C LEU B 88 -20.99 -33.56 20.56
N HIS B 89 -20.25 -34.60 20.15
CA HIS B 89 -19.66 -34.75 18.79
C HIS B 89 -20.71 -34.45 17.68
N GLU B 90 -21.89 -35.04 17.81
CA GLU B 90 -22.96 -34.84 16.86
C GLU B 90 -23.50 -33.43 16.83
N TRP B 91 -23.61 -32.79 18.01
CA TRP B 91 -24.09 -31.41 18.05
C TRP B 91 -23.14 -30.53 17.25
N PHE B 92 -21.84 -30.78 17.41
CA PHE B 92 -20.82 -30.07 16.66
C PHE B 92 -20.85 -30.37 15.14
N ASP B 93 -21.21 -31.58 14.74
CA ASP B 93 -21.36 -31.93 13.29
C ASP B 93 -22.49 -31.24 12.57
N ARG B 94 -23.58 -30.94 13.26
CA ARG B 94 -24.65 -30.13 12.68
C ARG B 94 -24.24 -28.71 12.25
N ILE B 95 -23.10 -28.24 12.74
CA ILE B 95 -22.63 -26.93 12.38
C ILE B 95 -22.13 -27.06 10.96
N LYS B 96 -22.35 -26.03 10.17
CA LYS B 96 -21.90 -25.98 8.76
C LYS B 96 -20.54 -25.31 8.67
N TYR B 97 -19.51 -26.09 8.34
CA TYR B 97 -18.14 -25.58 8.27
C TYR B 97 -17.86 -25.10 6.86
N ASP B 98 -17.07 -24.07 6.71
CA ASP B 98 -16.86 -23.47 5.42
C ASP B 98 -15.71 -24.14 4.66
N GLU B 99 -14.70 -24.63 5.37
CA GLU B 99 -13.60 -25.34 4.73
C GLU B 99 -12.92 -26.30 5.68
N GLU B 100 -12.21 -27.24 5.10
CA GLU B 100 -11.35 -28.14 5.84
C GLU B 100 -9.93 -27.89 5.34
N ARG B 101 -8.94 -27.87 6.25
CA ARG B 101 -7.55 -27.80 5.87
C ARG B 101 -6.66 -28.50 6.85
N MET B 102 -5.41 -28.63 6.47
CA MET B 102 -4.41 -29.16 7.39
C MET B 102 -4.39 -28.34 8.69
N GLY B 103 -4.43 -29.04 9.80
CA GLY B 103 -4.25 -28.44 11.12
C GLY B 103 -3.17 -29.15 11.92
N GLY B 104 -2.78 -28.49 13.04
CA GLY B 104 -1.72 -29.00 13.92
C GLY B 104 -0.40 -28.44 13.49
N GLN B 105 0.40 -28.06 14.47
CA GLN B 105 1.70 -27.46 14.23
C GLN B 105 2.54 -28.26 13.24
N ALA B 106 2.65 -29.55 13.47
CA ALA B 106 3.57 -30.33 12.63
C ALA B 106 3.00 -30.42 11.18
N GLY B 107 1.68 -30.41 11.04
CA GLY B 107 1.06 -30.44 9.68
C GLY B 107 1.25 -29.12 8.95
N ILE B 108 0.95 -28.02 9.64
CA ILE B 108 0.99 -26.69 9.08
C ILE B 108 2.45 -26.35 8.68
N VAL B 109 3.38 -26.62 9.60
CA VAL B 109 4.79 -26.30 9.38
C VAL B 109 5.38 -27.15 8.26
N SER B 110 5.10 -28.43 8.24
CA SER B 110 5.45 -29.30 7.13
C SER B 110 5.03 -28.79 5.79
N ASN B 111 3.74 -28.48 5.68
CA ASN B 111 3.21 -27.95 4.46
C ASN B 111 3.91 -26.70 4.05
N LEU B 112 4.10 -25.82 5.00
CA LEU B 112 4.71 -24.49 4.71
C LEU B 112 6.11 -24.69 4.12
N MET B 113 6.89 -25.51 4.80
CA MET B 113 8.26 -25.71 4.41
C MET B 113 8.35 -26.49 3.08
N ALA B 114 7.37 -27.34 2.80
CA ALA B 114 7.27 -27.98 1.48
C ALA B 114 6.96 -26.98 0.42
N THR B 115 6.01 -26.09 0.70
CA THR B 115 5.69 -25.00 -0.21
C THR B 115 6.86 -24.09 -0.48
N LEU B 116 7.65 -23.78 0.55
CA LEU B 116 8.83 -22.98 0.39
C LEU B 116 10.02 -23.73 -0.22
N GLN B 117 9.89 -25.06 -0.45
CA GLN B 117 10.85 -25.85 -1.19
C GLN B 117 12.22 -26.02 -0.54
N ILE B 118 12.22 -26.18 0.79
CA ILE B 118 13.43 -26.49 1.48
C ILE B 118 13.81 -27.94 1.17
N ASP B 119 15.08 -28.27 1.42
CA ASP B 119 15.70 -29.50 0.95
C ASP B 119 15.01 -30.76 1.40
N LYS B 120 14.64 -30.79 2.68
CA LYS B 120 14.00 -31.99 3.22
C LYS B 120 13.13 -31.66 4.39
N ILE B 121 11.92 -32.26 4.40
CA ILE B 121 11.06 -32.22 5.57
C ILE B 121 10.67 -33.62 5.98
N ILE B 122 10.86 -33.96 7.25
CA ILE B 122 10.41 -35.26 7.77
C ILE B 122 9.38 -34.95 8.82
N VAL B 123 8.16 -35.41 8.61
CA VAL B 123 7.06 -35.21 9.57
C VAL B 123 6.65 -36.51 10.21
N TYR B 124 6.41 -36.48 11.51
CA TYR B 124 5.92 -37.64 12.21
C TYR B 124 4.68 -37.30 13.01
N THR B 125 3.67 -38.17 12.85
CA THR B 125 2.42 -38.12 13.60
C THR B 125 1.88 -39.53 13.66
N PRO B 126 1.26 -39.92 14.76
CA PRO B 126 0.85 -41.34 14.86
C PRO B 126 -0.27 -41.79 13.94
N PHE B 127 -1.25 -40.96 13.67
CA PHE B 127 -2.35 -41.32 12.75
C PHE B 127 -2.20 -40.67 11.39
N LEU B 128 -2.25 -41.49 10.37
CA LEU B 128 -2.14 -41.00 9.01
C LEU B 128 -3.12 -41.73 8.05
N SER B 129 -4.39 -41.36 8.14
CA SER B 129 -5.43 -41.83 7.24
C SER B 129 -5.22 -41.20 5.87
N LYS B 130 -5.87 -41.79 4.86
CA LYS B 130 -5.73 -41.28 3.51
C LYS B 130 -6.22 -39.83 3.42
N LYS B 131 -7.36 -39.54 4.04
CA LYS B 131 -7.89 -38.17 3.99
C LYS B 131 -6.88 -37.18 4.61
N GLN B 132 -6.27 -37.58 5.72
CA GLN B 132 -5.26 -36.74 6.38
C GLN B 132 -4.02 -36.59 5.53
N ALA B 133 -3.53 -37.68 4.94
CA ALA B 133 -2.32 -37.65 4.16
C ALA B 133 -2.50 -36.79 2.92
N GLU B 134 -3.70 -36.79 2.36
CA GLU B 134 -3.96 -35.97 1.17
C GLU B 134 -4.19 -34.50 1.41
N MET B 135 -4.18 -34.09 2.66
CA MET B 135 -4.09 -32.65 2.98
C MET B 135 -2.66 -32.14 3.09
N PHE B 136 -1.67 -33.02 2.95
CA PHE B 136 -0.28 -32.58 2.83
C PHE B 136 0.01 -32.07 1.44
N VAL B 137 0.90 -31.14 1.36
CA VAL B 137 1.37 -30.59 0.11
C VAL B 137 2.08 -31.73 -0.67
N ASP B 138 1.93 -31.69 -1.98
CA ASP B 138 2.53 -32.63 -2.86
C ASP B 138 3.97 -32.17 -3.11
N TYR B 139 4.90 -32.82 -2.47
CA TYR B 139 6.31 -32.49 -2.58
C TYR B 139 7.11 -33.72 -2.33
N ASP B 140 7.98 -34.07 -3.28
CA ASP B 140 8.73 -35.33 -3.15
C ASP B 140 9.66 -35.43 -1.92
N ASN B 141 10.14 -34.32 -1.39
CA ASN B 141 10.99 -34.37 -0.17
C ASN B 141 10.26 -34.00 1.16
N LEU B 142 8.94 -34.10 1.16
CA LEU B 142 8.12 -34.12 2.37
C LEU B 142 7.79 -35.56 2.70
N LEU B 143 8.48 -36.06 3.70
CA LEU B 143 8.62 -37.48 4.01
C LEU B 143 8.07 -37.87 5.38
N TYR B 144 7.57 -39.11 5.47
CA TYR B 144 7.05 -39.70 6.68
C TYR B 144 7.88 -41.01 6.99
N PRO B 145 8.35 -41.20 8.26
CA PRO B 145 9.16 -42.36 8.60
C PRO B 145 8.28 -43.57 8.88
N LEU B 146 8.60 -44.66 8.19
CA LEU B 146 7.93 -45.97 8.32
C LEU B 146 8.99 -47.00 8.66
N VAL B 147 8.57 -48.08 9.32
CA VAL B 147 9.46 -49.27 9.47
C VAL B 147 8.89 -50.43 8.66
N GLU B 148 9.65 -50.85 7.67
CA GLU B 148 9.25 -51.95 6.77
C GLU B 148 10.34 -53.00 6.79
N ASN B 149 9.99 -54.20 7.24
CA ASN B 149 10.92 -55.34 7.35
C ASN B 149 12.14 -54.97 8.16
N GLY B 150 11.88 -54.37 9.32
CA GLY B 150 12.92 -53.92 10.22
C GLY B 150 13.84 -52.79 9.78
N ASN B 151 13.50 -52.10 8.68
CA ASN B 151 14.31 -51.00 8.17
C ASN B 151 13.50 -49.69 8.15
N LEU B 152 14.19 -48.58 8.44
CA LEU B 152 13.65 -47.23 8.29
C LEU B 152 13.47 -46.85 6.82
N VAL B 153 12.24 -46.51 6.46
CA VAL B 153 11.90 -46.01 5.13
C VAL B 153 11.28 -44.62 5.33
N LEU B 154 11.82 -43.65 4.62
CA LEU B 154 11.27 -42.31 4.52
C LEU B 154 10.50 -42.25 3.24
N LYS B 155 9.19 -42.11 3.36
CA LYS B 155 8.28 -42.19 2.24
C LYS B 155 7.52 -40.88 2.09
N LYS B 156 7.25 -40.51 0.86
CA LYS B 156 6.51 -39.27 0.53
C LYS B 156 5.18 -39.31 1.26
N VAL B 157 4.92 -38.28 2.07
CA VAL B 157 3.90 -38.41 3.12
C VAL B 157 2.51 -38.75 2.49
N ARG B 158 2.23 -38.18 1.32
CA ARG B 158 0.93 -38.39 0.67
C ARG B 158 0.67 -39.86 0.25
N GLU B 159 1.72 -40.68 0.18
CA GLU B 159 1.63 -42.08 -0.18
C GLU B 159 1.83 -43.03 0.99
N ALA B 160 2.02 -42.48 2.19
CA ALA B 160 2.40 -43.27 3.36
C ALA B 160 1.20 -43.63 4.26
N TYR B 161 -0.02 -43.38 3.79
CA TYR B 161 -1.22 -43.49 4.64
C TYR B 161 -1.56 -44.95 4.94
N ARG B 162 -2.41 -45.13 5.91
CA ARG B 162 -2.88 -46.45 6.30
C ARG B 162 -4.27 -46.26 6.90
N ASP B 163 -4.84 -47.31 7.45
CA ASP B 163 -6.25 -47.35 7.84
C ASP B 163 -6.44 -46.84 9.24
N ASP B 164 -5.99 -45.62 9.48
CA ASP B 164 -5.96 -45.05 10.80
C ASP B 164 -7.19 -44.23 11.00
N PRO B 165 -7.49 -43.95 12.25
CA PRO B 165 -8.57 -42.98 12.48
C PRO B 165 -8.14 -41.56 12.11
N ILE B 166 -9.09 -40.65 12.09
CA ILE B 166 -8.89 -39.25 11.66
C ILE B 166 -9.26 -38.40 12.89
N LYS B 167 -8.46 -37.37 13.14
CA LYS B 167 -8.69 -36.39 14.21
C LYS B 167 -9.17 -35.07 13.56
N ILE B 168 -10.25 -34.52 14.09
CA ILE B 168 -10.82 -33.28 13.59
C ILE B 168 -10.94 -32.28 14.71
N ASN B 169 -10.30 -31.11 14.52
CA ASN B 169 -10.55 -29.96 15.38
C ASN B 169 -11.44 -28.95 14.69
N ARG B 170 -12.16 -28.18 15.50
CA ARG B 170 -13.11 -27.24 14.98
C ARG B 170 -12.68 -25.84 15.32
N ILE B 171 -12.53 -25.03 14.28
CA ILE B 171 -11.97 -23.71 14.40
C ILE B 171 -13.05 -22.68 14.13
N PHE B 172 -13.24 -21.76 15.07
CA PHE B 172 -14.28 -20.73 14.95
C PHE B 172 -13.64 -19.40 14.79
N GLU B 173 -13.62 -18.93 13.53
CA GLU B 173 -12.92 -17.70 13.16
C GLU B 173 -13.88 -16.56 13.22
N PHE B 174 -13.46 -15.46 13.80
CA PHE B 174 -14.25 -14.24 13.75
C PHE B 174 -13.34 -13.05 13.46
N LYS B 175 -13.97 -12.00 12.96
CA LYS B 175 -13.33 -10.77 12.61
C LYS B 175 -13.72 -9.63 13.50
N LYS B 176 -12.79 -8.70 13.67
CA LYS B 176 -13.05 -7.39 14.25
C LYS B 176 -14.33 -6.82 13.65
N GLY B 177 -15.27 -6.41 14.50
CA GLY B 177 -16.53 -5.80 14.03
C GLY B 177 -17.71 -6.73 14.11
N LEU B 178 -17.46 -8.03 14.25
CA LEU B 178 -18.53 -9.00 14.45
C LEU B 178 -19.29 -8.56 15.68
N LYS B 179 -20.61 -8.67 15.62
CA LYS B 179 -21.44 -8.26 16.75
C LYS B 179 -22.73 -9.03 16.93
N PHE B 180 -23.17 -9.07 18.18
CA PHE B 180 -24.33 -9.86 18.56
C PHE B 180 -24.81 -9.39 19.94
N LYS B 181 -25.97 -9.89 20.35
CA LYS B 181 -26.58 -9.45 21.61
C LYS B 181 -26.69 -10.62 22.59
N LEU B 182 -26.22 -10.39 23.80
CA LEU B 182 -26.32 -11.34 24.86
C LEU B 182 -26.85 -10.66 26.13
N ASN B 183 -28.05 -11.05 26.51
CA ASN B 183 -28.71 -10.59 27.74
C ASN B 183 -28.82 -9.06 27.77
N GLY B 184 -29.24 -8.52 26.62
CA GLY B 184 -29.35 -7.08 26.43
C GLY B 184 -28.11 -6.31 25.98
N GLU B 185 -26.92 -6.88 26.16
CA GLU B 185 -25.67 -6.16 25.87
C GLU B 185 -25.22 -6.51 24.46
N GLU B 186 -24.93 -5.49 23.67
CA GLU B 186 -24.38 -5.71 22.36
C GLU B 186 -22.86 -5.89 22.53
N ILE B 187 -22.36 -7.02 22.07
CA ILE B 187 -20.96 -7.34 22.18
C ILE B 187 -20.38 -7.22 20.80
N THR B 188 -19.26 -6.52 20.72
CA THR B 188 -18.57 -6.32 19.45
C THR B 188 -17.15 -6.85 19.59
N ALA B 189 -16.74 -7.71 18.67
CA ALA B 189 -15.33 -8.12 18.57
C ALA B 189 -14.41 -6.95 18.23
N LYS B 190 -13.39 -6.78 19.05
CA LYS B 190 -12.38 -5.74 18.90
C LYS B 190 -11.10 -6.26 18.16
N GLN B 191 -11.00 -7.58 18.00
CA GLN B 191 -9.87 -8.22 17.33
C GLN B 191 -10.39 -9.39 16.46
N SER B 192 -9.63 -9.72 15.44
CA SER B 192 -9.89 -10.89 14.61
C SER B 192 -9.04 -12.00 15.19
N THR B 193 -9.64 -13.09 15.59
CA THR B 193 -8.88 -14.23 16.07
C THR B 193 -9.78 -15.48 15.92
N ARG B 194 -9.47 -16.53 16.68
CA ARG B 194 -10.17 -17.80 16.52
C ARG B 194 -10.21 -18.56 17.82
N PHE B 195 -11.28 -19.35 17.97
CA PHE B 195 -11.50 -20.18 19.11
C PHE B 195 -11.46 -21.61 18.62
N ILE B 196 -10.66 -22.44 19.30
CA ILE B 196 -10.43 -23.80 18.89
C ILE B 196 -11.06 -24.77 19.83
N VAL B 197 -11.86 -25.65 19.27
CA VAL B 197 -12.39 -26.78 19.97
C VAL B 197 -11.51 -27.97 19.67
N ALA B 198 -10.84 -28.46 20.70
CA ALA B 198 -9.76 -29.40 20.54
C ALA B 198 -10.23 -30.81 20.87
N SER B 199 -10.09 -31.70 19.89
CA SER B 199 -10.28 -33.09 20.12
C SER B 199 -9.00 -33.70 20.73
N ARG B 200 -9.15 -34.61 21.68
CA ARG B 200 -8.05 -35.38 22.25
C ARG B 200 -8.44 -36.87 22.26
N PRO B 201 -8.41 -37.51 21.09
CA PRO B 201 -9.00 -38.84 21.05
C PRO B 201 -8.23 -39.77 21.95
N GLU B 202 -8.94 -40.63 22.67
CA GLU B 202 -8.32 -41.50 23.70
C GLU B 202 -7.12 -42.30 23.16
N ALA B 203 -7.27 -42.85 21.94
CA ALA B 203 -6.26 -43.71 21.34
C ALA B 203 -5.00 -42.97 20.76
N LEU B 204 -5.04 -41.64 20.63
CA LEU B 204 -4.00 -40.90 19.92
C LEU B 204 -3.06 -40.32 20.96
N ARG B 205 -1.86 -40.82 20.98
CA ARG B 205 -0.86 -40.43 21.96
C ARG B 205 0.19 -39.49 21.36
N ILE B 206 0.66 -38.59 22.20
CA ILE B 206 1.66 -37.64 21.78
C ILE B 206 3.01 -38.29 22.00
N GLU B 207 3.40 -39.08 21.01
CA GLU B 207 4.58 -39.90 21.10
C GLU B 207 5.09 -40.32 19.74
N ILE B 208 6.34 -40.74 19.71
CA ILE B 208 6.87 -41.50 18.59
C ILE B 208 6.71 -42.97 18.98
N LYS B 209 6.04 -43.74 18.14
CA LYS B 209 5.81 -45.17 18.43
C LYS B 209 7.11 -45.90 18.41
N ASP B 210 7.19 -47.01 19.19
CA ASP B 210 8.44 -47.80 19.37
C ASP B 210 9.18 -48.16 18.08
N ASP B 211 8.44 -48.56 17.06
CA ASP B 211 9.07 -48.96 15.79
C ASP B 211 9.97 -47.83 15.21
N VAL B 212 9.42 -46.63 15.07
CA VAL B 212 10.18 -45.49 14.52
C VAL B 212 11.15 -44.94 15.56
N ARG B 213 10.76 -45.00 16.84
CA ARG B 213 11.54 -44.35 17.88
C ARG B 213 12.99 -44.84 18.01
N LYS B 214 13.17 -46.14 17.79
CA LYS B 214 14.48 -46.79 17.60
C LYS B 214 15.42 -46.01 16.60
N PHE B 215 14.82 -45.39 15.58
CA PHE B 215 15.60 -44.64 14.58
C PHE B 215 15.67 -43.12 14.79
N LEU B 216 15.18 -42.59 15.90
CA LEU B 216 15.22 -41.13 16.11
C LEU B 216 16.60 -40.53 15.92
N PRO B 217 17.63 -41.19 16.47
CA PRO B 217 18.99 -40.61 16.27
C PRO B 217 19.38 -40.45 14.82
N LYS B 218 18.98 -41.41 13.99
CA LYS B 218 19.28 -41.36 12.55
C LYS B 218 18.43 -40.28 11.87
N ILE B 219 17.19 -40.13 12.30
CA ILE B 219 16.36 -39.04 11.82
C ILE B 219 16.97 -37.67 12.13
N GLY B 220 17.44 -37.50 13.36
CA GLY B 220 18.18 -36.29 13.74
C GLY B 220 19.37 -35.98 12.86
N GLU B 221 20.15 -37.01 12.56
CA GLU B 221 21.28 -36.82 11.66
C GLU B 221 20.89 -36.42 10.26
N ALA B 222 19.73 -36.88 9.80
CA ALA B 222 19.22 -36.50 8.46
C ALA B 222 18.75 -35.06 8.35
N VAL B 223 18.61 -34.35 9.47
CA VAL B 223 18.05 -32.98 9.46
C VAL B 223 18.99 -31.97 10.13
N ASP B 224 18.64 -30.69 10.05
CA ASP B 224 19.35 -29.64 10.72
C ASP B 224 18.66 -29.14 12.00
N CYS B 225 17.33 -29.33 12.09
CA CYS B 225 16.56 -28.74 13.16
C CYS B 225 15.25 -29.45 13.30
N ALA B 226 14.59 -29.20 14.43
CA ALA B 226 13.33 -29.80 14.69
C ALA B 226 12.36 -28.76 15.24
N PHE B 227 11.12 -28.84 14.80
CA PHE B 227 10.02 -27.97 15.27
C PHE B 227 9.02 -28.90 15.93
N LEU B 228 8.86 -28.73 17.24
CA LEU B 228 8.12 -29.62 18.09
C LEU B 228 6.96 -28.96 18.79
N SER B 229 5.81 -29.63 18.74
CA SER B 229 4.62 -29.18 19.42
C SER B 229 3.60 -30.29 19.53
N GLY B 230 2.40 -30.00 20.03
CA GLY B 230 1.38 -31.01 20.23
C GLY B 230 1.20 -31.45 21.67
N TYR B 231 2.12 -31.02 22.56
CA TYR B 231 2.06 -31.34 23.97
C TYR B 231 0.73 -30.85 24.60
N GLN B 232 0.15 -29.81 24.01
CA GLN B 232 -1.13 -29.30 24.43
C GLN B 232 -2.30 -30.30 24.49
N ALA B 233 -2.20 -31.40 23.74
CA ALA B 233 -3.25 -32.38 23.74
C ALA B 233 -2.99 -33.51 24.72
N ILE B 234 -1.86 -33.53 25.43
CA ILE B 234 -1.59 -34.61 26.42
C ILE B 234 -2.62 -34.53 27.57
N LYS B 235 -3.25 -35.66 27.89
CA LYS B 235 -4.17 -35.72 29.05
C LYS B 235 -3.39 -36.14 30.31
N GLU B 236 -3.90 -35.74 31.47
CA GLU B 236 -3.40 -36.22 32.74
C GLU B 236 -3.41 -37.75 32.88
N GLU B 237 -4.49 -38.36 32.43
CA GLU B 237 -4.66 -39.79 32.59
C GLU B 237 -5.34 -40.35 31.35
N TYR B 238 -4.94 -41.56 31.00
CA TYR B 238 -5.62 -42.38 30.03
C TYR B 238 -6.23 -43.62 30.72
N ARG B 239 -7.32 -44.14 30.15
CA ARG B 239 -8.00 -45.31 30.74
C ARG B 239 -7.12 -46.55 30.89
N ASP B 240 -6.11 -46.69 30.05
CA ASP B 240 -5.18 -47.80 30.12
C ASP B 240 -4.13 -47.60 31.22
N GLY B 241 -4.18 -46.49 31.95
CA GLY B 241 -3.28 -46.26 33.06
C GLY B 241 -2.04 -45.45 32.75
N LYS B 242 -1.83 -45.11 31.46
CA LYS B 242 -0.79 -44.19 31.10
C LYS B 242 -1.20 -42.82 31.59
N THR B 243 -0.20 -42.00 31.87
CA THR B 243 -0.40 -40.67 32.40
C THR B 243 0.44 -39.63 31.66
N ALA B 244 0.17 -38.36 31.96
CA ALA B 244 0.92 -37.27 31.36
C ALA B 244 2.42 -37.46 31.58
N LYS B 245 2.78 -37.78 32.81
CA LYS B 245 4.20 -37.97 33.17
C LYS B 245 4.93 -38.97 32.27
N TYR B 246 4.27 -40.07 31.91
CA TYR B 246 4.86 -41.06 31.01
C TYR B 246 5.21 -40.41 29.67
N TYR B 247 4.27 -39.67 29.07
CA TYR B 247 4.47 -39.07 27.76
C TYR B 247 5.45 -37.91 27.80
N PHE B 248 5.43 -37.14 28.87
CA PHE B 248 6.40 -36.09 29.03
C PHE B 248 7.87 -36.62 29.24
N GLU B 249 8.05 -37.64 30.07
CA GLU B 249 9.36 -38.23 30.23
C GLU B 249 9.86 -38.75 28.87
N ARG B 250 8.97 -39.45 28.17
CA ARG B 250 9.27 -40.00 26.86
C ARG B 250 9.62 -38.91 25.83
N ALA B 251 8.87 -37.82 25.86
CA ALA B 251 9.11 -36.69 24.93
C ALA B 251 10.44 -35.98 25.19
N GLU B 252 10.79 -35.81 26.47
CA GLU B 252 12.08 -35.23 26.88
C GLU B 252 13.23 -36.11 26.35
N GLU B 253 13.09 -37.41 26.50
CA GLU B 253 14.02 -38.34 25.94
C GLU B 253 14.08 -38.25 24.37
N ASP B 254 12.96 -38.02 23.71
CA ASP B 254 12.92 -37.86 22.26
C ASP B 254 13.83 -36.76 21.79
N ILE B 255 13.83 -35.67 22.55
CA ILE B 255 14.69 -34.58 22.23
C ILE B 255 16.19 -34.96 22.35
N LYS B 256 16.56 -35.64 23.42
CA LYS B 256 17.94 -36.16 23.55
C LYS B 256 18.28 -37.17 22.44
N LEU B 257 17.34 -38.04 22.09
CA LEU B 257 17.56 -38.99 21.00
C LEU B 257 17.80 -38.27 19.63
N LEU B 258 17.02 -37.25 19.36
CA LEU B 258 17.20 -36.47 18.14
C LEU B 258 18.54 -35.80 18.09
N LYS B 259 19.05 -35.37 19.25
CA LYS B 259 20.35 -34.74 19.33
C LYS B 259 21.52 -35.72 19.50
N LYS B 260 21.26 -37.03 19.46
CA LYS B 260 22.24 -38.03 19.92
C LYS B 260 23.47 -38.11 19.03
N ASN B 261 23.25 -38.11 17.72
CA ASN B 261 24.36 -38.20 16.78
C ASN B 261 24.67 -36.89 16.07
N LYS B 262 23.77 -35.89 16.17
CA LYS B 262 24.02 -34.56 15.60
C LYS B 262 23.34 -33.55 16.49
N ASN B 263 24.01 -32.47 16.85
CA ASN B 263 23.38 -31.51 17.72
C ASN B 263 22.59 -30.48 16.89
N ILE B 264 21.44 -30.94 16.46
CA ILE B 264 20.48 -30.13 15.72
C ILE B 264 19.85 -29.11 16.68
N LYS B 265 19.34 -28.03 16.12
CA LYS B 265 18.59 -27.05 16.90
C LYS B 265 17.12 -27.49 17.02
N THR B 266 16.55 -27.35 18.20
CA THR B 266 15.19 -27.76 18.47
C THR B 266 14.41 -26.55 18.97
N HIS B 267 13.12 -26.55 18.61
CA HIS B 267 12.21 -25.45 18.88
C HIS B 267 10.91 -26.00 19.45
N LEU B 268 10.46 -25.36 20.51
CA LEU B 268 9.14 -25.63 21.12
C LEU B 268 8.19 -24.55 20.75
N GLU B 269 7.07 -24.92 20.18
CA GLU B 269 6.01 -23.98 19.97
C GLU B 269 5.00 -24.21 21.03
N PHE B 270 4.79 -23.17 21.83
CA PHE B 270 3.72 -23.13 22.85
C PHE B 270 2.36 -22.99 22.20
N ALA B 271 1.35 -23.17 23.01
CA ALA B 271 -0.03 -23.07 22.56
C ALA B 271 -0.90 -22.71 23.74
N SER B 272 -2.19 -22.51 23.50
CA SER B 272 -3.15 -22.28 24.60
C SER B 272 -3.44 -23.67 25.23
N ILE B 273 -2.99 -23.88 26.47
CA ILE B 273 -3.10 -25.17 27.19
C ILE B 273 -4.04 -25.01 28.38
N SER B 274 -5.24 -25.56 28.22
CA SER B 274 -6.33 -25.35 29.16
C SER B 274 -6.03 -25.96 30.54
N ASN B 275 -5.34 -27.09 30.58
CA ASN B 275 -5.04 -27.76 31.83
C ASN B 275 -3.71 -27.24 32.35
N ILE B 276 -3.75 -26.55 33.49
CA ILE B 276 -2.55 -25.91 34.05
C ILE B 276 -1.47 -26.94 34.44
N GLU B 277 -1.83 -28.18 34.76
CA GLU B 277 -0.81 -29.21 35.11
C GLU B 277 -0.03 -29.65 33.89
N ILE B 278 -0.71 -29.85 32.76
CA ILE B 278 -0.05 -30.12 31.49
C ILE B 278 0.83 -28.94 31.08
N ARG B 279 0.31 -27.73 31.27
CA ARG B 279 1.07 -26.51 30.91
C ARG B 279 2.39 -26.45 31.66
N LYS B 280 2.32 -26.75 32.95
CA LYS B 280 3.51 -26.84 33.76
C LYS B 280 4.49 -27.89 33.29
N MET B 281 3.98 -29.04 32.90
CA MET B 281 4.85 -30.09 32.39
C MET B 281 5.57 -29.71 31.10
N VAL B 282 4.93 -28.94 30.26
CA VAL B 282 5.59 -28.43 29.04
C VAL B 282 6.85 -27.63 29.42
N VAL B 283 6.68 -26.74 30.38
CA VAL B 283 7.79 -25.93 30.90
C VAL B 283 8.90 -26.80 31.53
N ASP B 284 8.53 -27.70 32.42
CA ASP B 284 9.50 -28.53 33.14
C ASP B 284 10.21 -29.55 32.30
N TYR B 285 9.49 -30.16 31.37
CA TYR B 285 10.08 -31.26 30.58
C TYR B 285 10.62 -30.84 29.21
N ILE B 286 9.98 -29.86 28.56
CA ILE B 286 10.29 -29.54 27.15
C ILE B 286 11.05 -28.23 27.00
N LEU B 287 10.50 -27.15 27.54
CA LEU B 287 11.15 -25.83 27.47
C LEU B 287 12.60 -25.82 28.02
N SER B 288 12.84 -26.59 29.08
CA SER B 288 14.14 -26.81 29.67
C SER B 288 15.14 -27.53 28.75
N ASN B 289 14.70 -28.10 27.61
CA ASN B 289 15.61 -28.91 26.73
C ASN B 289 15.75 -28.43 25.29
N VAL B 290 15.09 -27.33 24.96
CA VAL B 290 15.12 -26.83 23.59
C VAL B 290 16.03 -25.59 23.43
N GLU B 291 16.36 -25.28 22.20
CA GLU B 291 17.15 -24.11 21.88
C GLU B 291 16.32 -22.89 21.53
N SER B 292 15.10 -23.11 21.07
CA SER B 292 14.25 -22.05 20.65
C SER B 292 12.86 -22.27 21.20
N VAL B 293 12.17 -21.18 21.54
CA VAL B 293 10.79 -21.24 21.96
C VAL B 293 9.98 -20.13 21.30
N GLY B 294 8.78 -20.47 20.87
CA GLY B 294 7.88 -19.55 20.22
C GLY B 294 6.59 -19.45 21.04
N MET B 295 6.16 -18.23 21.34
CA MET B 295 5.01 -17.95 22.20
C MET B 295 4.31 -16.71 21.75
N ASP B 296 3.00 -16.61 21.96
CA ASP B 296 2.39 -15.30 21.95
C ASP B 296 2.52 -14.65 23.34
N GLU B 297 1.93 -13.49 23.52
CA GLU B 297 2.12 -12.73 24.75
C GLU B 297 1.49 -13.43 25.94
N THR B 298 0.29 -13.97 25.74
CA THR B 298 -0.40 -14.74 26.78
C THR B 298 0.42 -15.95 27.19
N GLU B 299 1.07 -16.58 26.24
CA GLU B 299 1.83 -17.78 26.51
C GLU B 299 3.06 -17.45 27.35
N ILE B 300 3.79 -16.36 27.00
CA ILE B 300 4.96 -16.02 27.81
C ILE B 300 4.51 -15.63 29.23
N ALA B 301 3.38 -14.95 29.35
CA ALA B 301 2.86 -14.63 30.65
C ALA B 301 2.63 -15.91 31.44
N ASN B 302 1.96 -16.86 30.80
CA ASN B 302 1.69 -18.14 31.43
C ASN B 302 2.91 -18.89 31.91
N VAL B 303 3.97 -18.87 31.10
CA VAL B 303 5.25 -19.51 31.46
C VAL B 303 5.89 -18.81 32.64
N LEU B 304 5.86 -17.49 32.59
CA LEU B 304 6.43 -16.68 33.65
C LEU B 304 5.74 -16.99 34.99
N HIS B 305 4.41 -17.14 34.96
CA HIS B 305 3.62 -17.45 36.11
C HIS B 305 4.01 -18.83 36.70
N ILE B 306 4.07 -19.83 35.84
CA ILE B 306 4.62 -21.15 36.21
C ILE B 306 6.01 -21.05 36.89
N LEU B 307 6.84 -20.11 36.45
CA LEU B 307 8.18 -19.93 37.04
C LEU B 307 8.20 -19.01 38.28
N GLY B 308 7.05 -18.53 38.69
CA GLY B 308 6.91 -17.82 39.91
C GLY B 308 6.97 -16.33 39.75
N TYR B 309 6.99 -15.80 38.50
CA TYR B 309 7.04 -14.36 38.25
C TYR B 309 5.64 -13.82 38.00
N ASP B 310 4.85 -13.81 39.08
CA ASP B 310 3.43 -13.49 39.05
C ASP B 310 3.17 -12.06 38.71
N GLU B 311 3.89 -11.14 39.32
CA GLU B 311 3.63 -9.72 39.09
C GLU B 311 3.96 -9.32 37.65
N LEU B 312 5.11 -9.79 37.16
CA LEU B 312 5.50 -9.47 35.79
C LEU B 312 4.51 -10.12 34.80
N SER B 313 4.18 -11.39 35.02
CA SER B 313 3.22 -12.07 34.14
C SER B 313 1.88 -11.36 34.11
N ASN B 314 1.36 -10.96 35.27
CA ASN B 314 0.10 -10.22 35.28
C ASN B 314 0.25 -8.86 34.59
N ASN B 315 1.36 -8.18 34.78
CA ASN B 315 1.56 -6.88 34.09
C ASN B 315 1.54 -7.09 32.59
N ILE B 316 2.19 -8.17 32.14
CA ILE B 316 2.16 -8.47 30.70
C ILE B 316 0.74 -8.62 30.19
N LEU B 317 -0.03 -9.47 30.88
CA LEU B 317 -1.47 -9.66 30.54
C LEU B 317 -2.25 -8.36 30.56
N LYS B 318 -2.02 -7.53 31.57
CA LYS B 318 -2.74 -6.25 31.73
C LYS B 318 -2.40 -5.19 30.68
N ASP B 319 -1.11 -4.94 30.47
CA ASP B 319 -0.67 -3.78 29.67
C ASP B 319 0.05 -4.06 28.35
N SER B 320 0.43 -5.32 28.11
CA SER B 320 1.25 -5.69 26.93
C SER B 320 2.42 -4.74 26.64
N PHE B 321 3.17 -4.30 27.65
CA PHE B 321 4.31 -3.41 27.40
C PHE B 321 5.47 -4.26 26.89
N ILE B 322 6.03 -3.81 25.79
CA ILE B 322 7.11 -4.50 25.12
C ILE B 322 8.27 -4.64 26.07
N GLU B 323 8.49 -3.60 26.91
CA GLU B 323 9.53 -3.66 27.98
C GLU B 323 9.37 -4.83 28.91
N ASP B 324 8.14 -5.11 29.30
CA ASP B 324 7.88 -6.25 30.17
C ASP B 324 8.10 -7.60 29.50
N VAL B 325 7.73 -7.70 28.21
CA VAL B 325 7.92 -8.91 27.44
C VAL B 325 9.41 -9.21 27.33
N ILE B 326 10.17 -8.17 27.01
CA ILE B 326 11.60 -8.31 26.91
C ILE B 326 12.19 -8.76 28.26
N GLU B 327 11.79 -8.13 29.37
CA GLU B 327 12.22 -8.58 30.72
C GLU B 327 11.90 -10.05 30.93
N GLY B 328 10.72 -10.48 30.52
CA GLY B 328 10.37 -11.90 30.65
C GLY B 328 11.27 -12.80 29.84
N ALA B 329 11.55 -12.39 28.64
CA ALA B 329 12.42 -13.20 27.77
C ALA B 329 13.81 -13.41 28.38
N LYS B 330 14.32 -12.34 28.97
CA LYS B 330 15.60 -12.38 29.63
C LYS B 330 15.61 -13.32 30.80
N ILE B 331 14.53 -13.31 31.55
CA ILE B 331 14.37 -14.29 32.61
C ILE B 331 14.51 -15.69 32.08
N LEU B 332 13.84 -15.99 30.96
CA LEU B 332 13.91 -17.34 30.40
C LEU B 332 15.32 -17.72 29.98
N LEU B 333 15.99 -16.83 29.26
CA LEU B 333 17.39 -17.02 28.87
C LEU B 333 18.30 -17.25 30.07
N ASP B 334 18.05 -16.54 31.15
CA ASP B 334 18.88 -16.72 32.37
C ASP B 334 18.56 -18.00 33.09
N LYS B 335 17.29 -18.37 33.09
CA LYS B 335 16.86 -19.61 33.72
C LYS B 335 17.26 -20.88 32.97
N PHE B 336 17.18 -20.84 31.64
CA PHE B 336 17.41 -22.00 30.78
C PHE B 336 18.63 -21.81 29.88
N LYS B 337 19.75 -22.40 30.31
CA LYS B 337 21.04 -22.32 29.62
C LYS B 337 21.04 -22.86 28.22
N ASN B 338 20.24 -23.90 27.95
CA ASN B 338 20.14 -24.48 26.59
C ASN B 338 19.42 -23.59 25.61
N LEU B 339 18.53 -22.75 26.13
CA LEU B 339 17.84 -21.80 25.29
C LEU B 339 18.82 -20.80 24.67
N GLU B 340 18.72 -20.61 23.36
CA GLU B 340 19.48 -19.59 22.61
C GLU B 340 18.65 -18.45 22.15
N VAL B 341 17.36 -18.69 21.91
CA VAL B 341 16.51 -17.63 21.41
C VAL B 341 15.10 -17.74 21.97
N VAL B 342 14.58 -16.60 22.44
CA VAL B 342 13.20 -16.48 22.89
C VAL B 342 12.45 -15.65 21.89
N GLN B 343 11.37 -16.20 21.36
CA GLN B 343 10.59 -15.55 20.35
C GLN B 343 9.16 -15.37 20.78
N VAL B 344 8.71 -14.13 20.70
CA VAL B 344 7.34 -13.77 21.06
C VAL B 344 6.69 -13.06 19.90
N HIS B 345 5.48 -13.47 19.54
CA HIS B 345 4.75 -12.87 18.47
C HIS B 345 3.42 -12.35 19.00
N THR B 346 3.05 -11.14 18.60
CA THR B 346 1.73 -10.59 18.87
C THR B 346 1.18 -10.07 17.57
N ILE B 347 -0.01 -9.53 17.60
CA ILE B 347 -0.60 -8.93 16.42
C ILE B 347 0.15 -7.68 15.93
N TYR B 348 0.95 -7.07 16.78
CA TYR B 348 1.77 -5.90 16.42
C TYR B 348 3.25 -6.16 16.01
N TYR B 349 3.81 -7.31 16.37
CA TYR B 349 5.21 -7.54 16.13
C TYR B 349 5.59 -8.99 16.31
N ILE B 350 6.79 -9.31 15.82
CA ILE B 350 7.50 -10.49 16.30
C ILE B 350 8.83 -10.02 16.87
N LEU B 351 9.25 -10.65 17.97
CA LEU B 351 10.44 -10.27 18.76
C LEU B 351 11.35 -11.46 18.92
N PHE B 352 12.66 -11.27 18.71
CA PHE B 352 13.68 -12.20 19.19
C PHE B 352 14.51 -11.55 20.32
N VAL B 353 14.78 -12.34 21.34
CA VAL B 353 15.69 -11.99 22.39
C VAL B 353 16.75 -13.09 22.47
N CYS B 354 18.01 -12.67 22.38
CA CYS B 354 19.17 -13.57 22.41
C CYS B 354 20.24 -13.04 23.35
N ARG B 355 21.20 -13.90 23.71
CA ARG B 355 22.36 -13.44 24.44
C ARG B 355 23.32 -12.73 23.44
N ALA B 356 24.17 -11.86 23.97
CA ALA B 356 25.19 -11.18 23.17
C ALA B 356 26.16 -12.17 22.51
N ASP B 357 26.41 -13.30 23.17
CA ASP B 357 27.32 -14.29 22.64
C ASP B 357 26.74 -15.08 21.48
N ASN B 358 25.48 -14.83 21.11
CA ASN B 358 24.88 -15.57 19.97
C ASN B 358 25.79 -15.35 18.77
N PRO B 359 25.97 -16.37 17.90
CA PRO B 359 26.82 -16.12 16.70
C PRO B 359 26.24 -15.08 15.73
N LEU B 360 24.92 -14.86 15.74
CA LEU B 360 24.33 -13.94 14.79
C LEU B 360 24.37 -12.49 15.31
N SER B 361 24.47 -11.55 14.39
CA SER B 361 24.34 -10.14 14.73
C SER B 361 22.89 -9.77 14.91
N LYS B 362 22.64 -8.61 15.52
CA LYS B 362 21.31 -8.09 15.55
C LYS B 362 20.70 -7.96 14.16
N GLU B 363 21.45 -7.50 13.16
CA GLU B 363 20.92 -7.37 11.76
C GLU B 363 20.54 -8.74 11.16
N GLU B 364 21.31 -9.79 11.45
CA GLU B 364 20.93 -11.12 10.99
C GLU B 364 19.65 -11.62 11.70
N LEU B 365 19.54 -11.32 12.98
CA LEU B 365 18.32 -11.67 13.70
C LEU B 365 17.13 -10.95 13.06
N GLU B 366 17.33 -9.68 12.68
CA GLU B 366 16.28 -8.90 12.04
C GLU B 366 15.82 -9.49 10.73
N GLU B 367 16.75 -10.01 9.95
CA GLU B 367 16.42 -10.61 8.67
C GLU B 367 15.51 -11.83 8.86
N CYS B 368 15.79 -12.66 9.87
CA CYS B 368 14.89 -13.77 10.22
C CYS B 368 13.47 -13.29 10.43
N LEU B 369 13.33 -12.18 11.14
CA LEU B 369 12.02 -11.71 11.51
C LEU B 369 11.30 -11.05 10.37
N GLU B 370 12.03 -10.26 9.57
CA GLU B 370 11.49 -9.69 8.32
C GLU B 370 10.95 -10.77 7.41
N PHE B 371 11.69 -11.83 7.20
CA PHE B 371 11.20 -12.95 6.45
C PHE B 371 9.86 -13.51 7.02
N SER B 372 9.85 -13.74 8.31
CA SER B 372 8.76 -14.38 8.97
C SER B 372 7.53 -13.53 8.85
N THR B 373 7.68 -12.22 8.99
CA THR B 373 6.56 -11.29 8.84
C THR B 373 5.93 -11.34 7.43
N ILE B 374 6.75 -11.48 6.38
CA ILE B 374 6.23 -11.68 5.03
C ILE B 374 5.36 -12.94 4.88
N LEU B 375 5.79 -14.01 5.50
CA LEU B 375 5.00 -15.20 5.51
C LEU B 375 3.68 -14.99 6.21
N ALA B 376 3.75 -14.45 7.40
CA ALA B 376 2.55 -14.32 8.22
C ALA B 376 1.53 -13.39 7.53
N SER B 377 1.98 -12.24 7.01
CA SER B 377 1.02 -11.32 6.40
C SER B 377 0.44 -11.87 5.14
N THR B 378 1.20 -12.59 4.35
CA THR B 378 0.68 -13.34 3.17
C THR B 378 -0.43 -14.33 3.60
N LYS B 379 -0.17 -15.08 4.68
CA LYS B 379 -1.14 -16.03 5.15
C LYS B 379 -2.38 -15.31 5.68
N ALA B 380 -2.22 -14.20 6.43
CA ALA B 380 -3.36 -13.45 6.93
C ALA B 380 -4.28 -12.93 5.77
N LYS B 381 -3.65 -12.53 4.67
CA LYS B 381 -4.37 -12.01 3.52
C LYS B 381 -5.12 -13.10 2.80
N LEU B 382 -4.42 -14.17 2.45
CA LEU B 382 -4.94 -15.20 1.59
C LEU B 382 -5.55 -16.34 2.33
N GLY B 383 -5.29 -16.48 3.62
CA GLY B 383 -5.74 -17.68 4.34
C GLY B 383 -4.76 -18.84 4.28
N ASN B 384 -4.02 -19.00 3.19
CA ASN B 384 -3.06 -20.08 2.99
C ASN B 384 -1.94 -19.60 2.10
N ILE B 385 -0.76 -20.17 2.28
CA ILE B 385 0.38 -19.93 1.39
C ILE B 385 0.49 -21.19 0.57
N ARG B 386 0.17 -21.08 -0.69
CA ARG B 386 0.10 -22.22 -1.60
C ARG B 386 1.31 -22.23 -2.50
N ALA B 387 1.91 -21.06 -2.75
CA ALA B 387 3.12 -20.99 -3.63
C ALA B 387 4.01 -19.83 -3.19
N ILE B 388 5.30 -19.95 -3.48
CA ILE B 388 6.28 -18.92 -3.19
C ILE B 388 5.84 -17.58 -3.74
N ASP B 389 5.26 -17.63 -4.94
CA ASP B 389 4.77 -16.45 -5.61
C ASP B 389 3.71 -15.67 -4.80
N ASP B 390 2.95 -16.37 -3.94
CA ASP B 390 2.00 -15.69 -3.04
C ASP B 390 2.65 -14.69 -2.08
N LEU B 391 3.96 -14.84 -1.79
CA LEU B 391 4.65 -13.97 -0.84
C LEU B 391 4.69 -12.52 -1.26
N HIS B 392 4.46 -12.26 -2.54
CA HIS B 392 4.30 -10.86 -3.01
C HIS B 392 3.17 -10.15 -2.31
N GLU B 393 2.14 -10.88 -1.87
CA GLU B 393 1.02 -10.27 -1.17
C GLU B 393 1.48 -9.68 0.13
N GLY B 394 2.26 -10.45 0.86
CA GLY B 394 2.77 -9.96 2.15
C GLY B 394 3.70 -8.76 2.00
N LEU B 395 4.53 -8.78 0.94
CA LEU B 395 5.41 -7.67 0.63
C LEU B 395 4.71 -6.36 0.33
N LYS B 396 3.51 -6.40 -0.19
CA LYS B 396 2.69 -5.21 -0.47
C LYS B 396 2.17 -4.55 0.79
N ILE B 397 2.02 -5.30 1.88
CA ILE B 397 1.43 -4.76 3.09
C ILE B 397 2.53 -4.02 3.86
N PRO B 398 2.34 -2.74 4.17
CA PRO B 398 3.36 -2.06 4.91
C PRO B 398 3.40 -2.47 6.39
N HIS B 399 4.55 -2.25 7.03
CA HIS B 399 4.71 -2.38 8.49
C HIS B 399 3.69 -1.53 9.20
N ASN B 400 3.10 -2.03 10.28
CA ASN B 400 2.03 -1.31 10.93
C ASN B 400 2.55 0.02 11.51
N LYS B 401 1.63 0.94 11.79
CA LYS B 401 2.02 2.30 12.12
C LYS B 401 2.77 2.43 13.47
N TYR B 402 2.66 1.46 14.36
CA TYR B 402 3.36 1.47 15.66
C TYR B 402 4.81 1.00 15.54
N GLY B 403 5.26 0.70 14.32
CA GLY B 403 6.43 -0.11 14.07
C GLY B 403 7.68 0.61 14.50
N ASP B 404 7.94 1.76 13.89
CA ASP B 404 9.20 2.49 14.23
C ASP B 404 9.28 2.67 15.73
N LEU B 405 8.12 2.84 16.35
CA LEU B 405 8.04 3.11 17.76
C LEU B 405 8.40 1.86 18.59
N LEU B 406 7.70 0.76 18.36
CA LEU B 406 8.03 -0.52 18.98
C LEU B 406 9.49 -0.93 18.79
N LYS B 407 9.94 -0.77 17.56
CA LYS B 407 11.28 -1.12 17.15
C LYS B 407 12.31 -0.30 17.89
N GLU B 408 12.05 1.00 17.97
CA GLU B 408 12.87 1.96 18.73
C GLU B 408 12.95 1.56 20.19
N ILE B 409 11.81 1.23 20.80
CA ILE B 409 11.80 0.85 22.24
C ILE B 409 12.62 -0.40 22.47
N ALA B 410 12.33 -1.43 21.69
CA ALA B 410 13.00 -2.71 21.85
C ALA B 410 14.48 -2.61 21.61
N GLU B 411 14.84 -1.84 20.59
CA GLU B 411 16.22 -1.69 20.15
C GLU B 411 17.12 -1.13 21.23
N LYS B 412 16.56 -0.25 22.06
CA LYS B 412 17.28 0.26 23.21
C LYS B 412 17.66 -0.76 24.25
N PHE B 413 17.11 -1.98 24.22
CA PHE B 413 17.54 -3.06 25.12
C PHE B 413 18.66 -3.93 24.55
N ASN B 414 19.17 -3.62 23.35
CA ASN B 414 20.46 -4.15 22.90
C ASN B 414 21.59 -3.61 23.75
N ASP B 415 22.34 -4.45 24.40
CA ASP B 415 23.42 -3.97 25.22
C ASP B 415 24.49 -5.03 25.23
N ASN B 416 25.43 -4.96 26.15
CA ASN B 416 26.52 -5.94 26.16
C ASN B 416 26.16 -7.33 26.45
N ASN B 417 24.98 -7.54 27.01
CA ASN B 417 24.56 -8.84 27.46
C ASN B 417 23.49 -9.51 26.57
N TYR B 418 22.71 -8.71 25.87
CA TYR B 418 21.55 -9.24 25.11
C TYR B 418 21.47 -8.61 23.75
N LYS B 419 21.01 -9.39 22.77
CA LYS B 419 20.73 -8.91 21.40
C LYS B 419 19.20 -8.99 21.22
N ILE B 420 18.60 -7.89 20.77
CA ILE B 420 17.18 -7.81 20.56
C ILE B 420 16.87 -7.40 19.12
N ALA B 421 15.95 -8.12 18.47
CA ALA B 421 15.41 -7.72 17.14
C ALA B 421 13.92 -7.75 17.20
N LEU B 422 13.30 -6.82 16.49
CA LEU B 422 11.85 -6.70 16.44
C LEU B 422 11.41 -6.33 15.04
N SER B 423 10.48 -7.09 14.48
CA SER B 423 9.88 -6.76 13.19
C SER B 423 8.40 -6.44 13.41
N PRO B 424 7.98 -5.20 13.11
CA PRO B 424 6.57 -4.86 13.20
C PRO B 424 5.77 -5.72 12.24
N SER B 425 4.58 -6.11 12.65
CA SER B 425 3.72 -6.87 11.74
C SER B 425 3.31 -6.00 10.54
N ARG B 426 3.00 -6.69 9.46
CA ARG B 426 2.43 -6.10 8.28
C ARG B 426 0.93 -6.43 8.31
N TYR B 427 0.19 -5.61 9.05
CA TYR B 427 -1.13 -5.92 9.53
C TYR B 427 -2.17 -5.70 8.44
N VAL B 428 -3.08 -6.65 8.31
CA VAL B 428 -4.17 -6.67 7.36
C VAL B 428 -5.44 -6.48 8.23
N GLU B 429 -6.24 -5.45 7.95
CA GLU B 429 -7.48 -5.22 8.72
C GLU B 429 -8.51 -6.32 8.68
N LYS B 430 -8.74 -6.93 7.52
CA LYS B 430 -9.77 -8.01 7.41
C LYS B 430 -9.08 -9.28 6.98
N PRO B 431 -8.42 -9.98 7.92
CA PRO B 431 -7.70 -11.16 7.49
C PRO B 431 -8.69 -12.27 7.10
N LYS B 432 -8.32 -13.07 6.10
CA LYS B 432 -9.15 -14.17 5.73
C LYS B 432 -9.32 -15.15 6.88
N SER B 433 -8.22 -15.47 7.57
CA SER B 433 -8.24 -16.37 8.72
C SER B 433 -7.04 -16.11 9.58
N THR B 434 -7.08 -16.61 10.81
CA THR B 434 -6.01 -16.43 11.77
C THR B 434 -5.40 -17.73 12.23
N VAL B 435 -6.09 -18.85 12.14
CA VAL B 435 -5.52 -20.10 12.68
C VAL B 435 -4.22 -20.41 11.94
N GLY B 436 -3.18 -20.77 12.70
CA GLY B 436 -1.88 -21.16 12.11
C GLY B 436 -0.94 -20.02 11.78
N LEU B 437 -1.39 -18.77 12.03
CA LEU B 437 -0.49 -17.62 11.76
C LEU B 437 0.80 -17.69 12.62
N GLY B 438 0.62 -18.05 13.87
CA GLY B 438 1.72 -18.17 14.75
C GLY B 438 2.67 -19.26 14.33
N ASP B 439 2.13 -20.38 13.91
CA ASP B 439 2.99 -21.50 13.50
C ASP B 439 3.83 -21.12 12.28
N THR B 440 3.20 -20.31 11.42
CA THR B 440 3.79 -19.86 10.21
C THR B 440 4.95 -18.90 10.54
N ILE B 441 4.68 -17.94 11.42
CA ILE B 441 5.70 -16.95 11.79
C ILE B 441 6.81 -17.58 12.60
N SER B 442 6.46 -18.45 13.52
CA SER B 442 7.46 -19.10 14.34
C SER B 442 8.39 -20.01 13.58
N SER B 443 7.83 -20.84 12.73
CA SER B 443 8.61 -21.79 11.93
C SER B 443 9.44 -21.03 10.89
N GLY B 444 8.92 -19.95 10.32
CA GLY B 444 9.70 -19.17 9.36
C GLY B 444 10.93 -18.54 10.02
N ALA B 445 10.71 -17.94 11.18
CA ALA B 445 11.75 -17.24 11.88
C ALA B 445 12.78 -18.23 12.32
N PHE B 446 12.35 -19.38 12.85
CA PHE B 446 13.27 -20.44 13.31
C PHE B 446 14.14 -21.08 12.22
N VAL B 447 13.53 -21.41 11.13
CA VAL B 447 14.22 -22.01 10.04
C VAL B 447 15.24 -21.01 9.46
N TYR B 448 14.84 -19.75 9.37
CA TYR B 448 15.74 -18.75 8.89
C TYR B 448 16.90 -18.61 9.89
N TYR B 449 16.59 -18.55 11.20
CA TYR B 449 17.63 -18.52 12.22
C TYR B 449 18.63 -19.71 12.06
N VAL B 450 18.12 -20.91 11.92
CA VAL B 450 18.99 -22.12 11.77
C VAL B 450 19.83 -22.00 10.49
N SER B 451 19.19 -21.45 9.45
CA SER B 451 19.85 -21.31 8.14
C SER B 451 21.05 -20.38 8.24
N LEU B 452 20.85 -19.23 8.88
CA LEU B 452 21.93 -18.27 9.04
C LEU B 452 23.04 -18.77 9.96
N LEU B 453 22.68 -19.51 11.00
CA LEU B 453 23.72 -20.12 11.83
C LEU B 453 24.64 -21.03 11.06
N ASN B 454 24.04 -21.89 10.25
CA ASN B 454 24.80 -22.87 9.51
C ASN B 454 25.61 -22.21 8.40
N LYS B 455 25.05 -21.21 7.76
CA LYS B 455 25.80 -20.47 6.77
C LYS B 455 27.07 -19.85 7.38
N LYS B 456 26.91 -19.26 8.56
CA LYS B 456 28.03 -18.60 9.24
C LYS B 456 29.07 -19.62 9.66
N ARG B 457 28.63 -20.74 10.24
CA ARG B 457 29.50 -21.81 10.70
C ARG B 457 30.42 -22.35 9.60
N MET B 458 29.88 -22.49 8.40
CA MET B 458 30.70 -22.77 7.23
C MET B 458 31.33 -21.42 6.83
N GLU C 3 -8.84 8.56 -17.69
CA GLU C 3 -9.91 9.06 -18.60
C GLU C 3 -9.59 8.83 -20.09
N ILE C 4 -10.49 8.10 -20.69
CA ILE C 4 -10.33 7.67 -22.04
C ILE C 4 -10.35 8.85 -23.02
N LYS C 5 -11.32 9.73 -22.87
CA LYS C 5 -11.42 10.89 -23.70
C LYS C 5 -10.14 11.73 -23.71
N LYS C 6 -9.53 11.88 -22.54
CA LYS C 6 -8.29 12.64 -22.44
C LYS C 6 -7.13 11.96 -23.20
N PHE C 7 -6.99 10.63 -23.06
CA PHE C 7 -5.98 9.90 -23.81
C PHE C 7 -6.18 10.11 -25.32
N ILE C 8 -7.42 9.93 -25.78
CA ILE C 8 -7.73 10.00 -27.19
C ILE C 8 -7.46 11.39 -27.79
N GLU C 9 -7.87 12.41 -27.06
CA GLU C 9 -7.60 13.79 -27.43
C GLU C 9 -6.10 14.03 -27.56
N THR C 10 -5.33 13.51 -26.61
CA THR C 10 -3.88 13.71 -26.64
C THR C 10 -3.21 13.18 -27.90
N ILE C 11 -3.67 12.04 -28.41
CA ILE C 11 -3.02 11.46 -29.60
C ILE C 11 -3.59 11.89 -30.93
N LYS C 12 -4.70 12.62 -30.91
CA LYS C 12 -5.48 12.85 -32.11
C LYS C 12 -4.74 13.58 -33.25
N GLY C 13 -3.90 14.56 -32.91
CA GLY C 13 -3.15 15.27 -33.91
C GLY C 13 -1.93 14.55 -34.43
N THR C 14 -1.56 13.40 -33.86
CA THR C 14 -0.31 12.72 -34.26
C THR C 14 -0.49 11.97 -35.57
N LYS C 15 0.57 11.93 -36.35
CA LYS C 15 0.53 11.27 -37.63
C LYS C 15 1.63 10.24 -37.64
N LEU C 16 1.33 9.09 -38.22
CA LEU C 16 2.22 7.91 -38.15
C LEU C 16 2.48 7.26 -39.52
N PHE C 17 3.73 6.87 -39.76
CA PHE C 17 4.08 5.99 -40.83
C PHE C 17 4.41 4.64 -40.21
N THR C 18 4.01 3.57 -40.85
CA THR C 18 4.44 2.23 -40.42
C THR C 18 4.80 1.31 -41.59
N ALA C 19 5.83 0.46 -41.38
CA ALA C 19 6.36 -0.47 -42.36
C ALA C 19 7.13 -1.57 -41.60
N TYR C 20 7.38 -2.75 -42.13
CA TYR C 20 7.14 -3.18 -43.50
C TYR C 20 6.13 -4.34 -43.68
N ASN C 21 5.67 -4.91 -42.58
CA ASN C 21 5.07 -6.24 -42.59
C ASN C 21 3.60 -6.30 -42.27
N THR C 22 2.86 -6.83 -43.24
CA THR C 22 1.45 -7.16 -43.08
C THR C 22 1.24 -8.56 -43.63
N ASN C 23 0.33 -9.29 -43.00
CA ASN C 23 0.02 -10.62 -43.47
C ASN C 23 -1.33 -11.01 -42.90
N VAL C 24 -1.79 -12.19 -43.27
CA VAL C 24 -2.88 -12.80 -42.59
C VAL C 24 -2.30 -13.65 -41.46
N ASP C 25 -2.89 -13.52 -40.27
CA ASP C 25 -2.58 -14.42 -39.16
C ASP C 25 -3.76 -15.37 -39.10
N ALA C 26 -3.50 -16.63 -39.39
CA ALA C 26 -4.45 -17.70 -39.23
C ALA C 26 -4.24 -18.26 -37.82
N ILE C 27 -5.24 -18.08 -36.97
CA ILE C 27 -5.13 -18.38 -35.56
C ILE C 27 -5.85 -19.67 -35.18
N LYS C 28 -5.13 -20.57 -34.52
CA LYS C 28 -5.71 -21.75 -33.86
C LYS C 28 -5.69 -21.56 -32.35
N TYR C 29 -6.87 -21.64 -31.76
CA TYR C 29 -6.99 -21.68 -30.30
C TYR C 29 -6.85 -23.12 -29.92
N LEU C 30 -5.68 -23.47 -29.39
CA LEU C 30 -5.44 -24.85 -29.03
C LEU C 30 -6.25 -25.27 -27.79
N LYS C 31 -6.84 -26.46 -27.89
CA LYS C 31 -7.38 -27.17 -26.70
C LYS C 31 -6.50 -28.42 -26.38
N ASP C 32 -6.65 -28.95 -25.15
CA ASP C 32 -5.94 -30.18 -24.69
C ASP C 32 -5.90 -31.25 -25.78
N GLU C 33 -7.07 -31.54 -26.33
CA GLU C 33 -7.20 -32.57 -27.33
C GLU C 33 -6.53 -32.22 -28.68
N ASP C 34 -6.43 -30.95 -29.06
CA ASP C 34 -5.71 -30.57 -30.30
C ASP C 34 -4.22 -30.90 -30.15
N VAL C 35 -3.66 -30.60 -29.00
CA VAL C 35 -2.24 -30.86 -28.76
C VAL C 35 -1.99 -32.38 -28.64
N GLN C 36 -2.88 -33.08 -27.90
CA GLN C 36 -2.76 -34.54 -27.72
C GLN C 36 -2.78 -35.24 -29.06
N LYS C 37 -3.67 -34.82 -29.95
CA LYS C 37 -3.70 -35.28 -31.33
C LYS C 37 -2.44 -34.97 -32.16
N LEU C 38 -1.88 -33.77 -32.04
CA LEU C 38 -0.65 -33.45 -32.75
C LEU C 38 0.45 -34.41 -32.29
N VAL C 39 0.69 -34.52 -30.98
CA VAL C 39 1.80 -35.37 -30.52
C VAL C 39 1.58 -36.87 -30.86
N ASP C 40 0.33 -37.33 -30.79
CA ASP C 40 -0.01 -38.75 -31.05
C ASP C 40 0.17 -39.16 -32.50
N GLU C 41 0.28 -38.18 -33.40
CA GLU C 41 0.66 -38.50 -34.81
C GLU C 41 2.13 -39.02 -34.93
N PHE C 42 2.96 -38.79 -33.93
CA PHE C 42 4.39 -39.16 -33.96
C PHE C 42 4.71 -40.15 -32.89
N ASN C 43 5.85 -40.81 -33.02
CA ASN C 43 6.48 -41.47 -31.89
C ASN C 43 6.90 -40.39 -30.89
N HIS C 44 6.42 -40.48 -29.65
CA HIS C 44 6.73 -39.52 -28.62
C HIS C 44 8.20 -39.40 -28.36
N LYS C 45 8.91 -40.52 -28.45
CA LYS C 45 10.38 -40.53 -28.33
C LYS C 45 11.05 -39.65 -29.38
N ASP C 46 10.51 -39.63 -30.60
CA ASP C 46 11.04 -38.79 -31.67
C ASP C 46 10.83 -37.33 -31.40
N ILE C 47 9.72 -37.00 -30.76
CA ILE C 47 9.44 -35.61 -30.34
C ILE C 47 10.47 -35.15 -29.28
N ILE C 48 10.69 -35.99 -28.25
CA ILE C 48 11.61 -35.70 -27.17
C ILE C 48 13.03 -35.48 -27.75
N GLU C 49 13.46 -36.32 -28.69
CA GLU C 49 14.80 -36.19 -29.23
C GLU C 49 14.89 -34.95 -30.10
N ARG C 50 13.88 -34.72 -30.92
CA ARG C 50 13.87 -33.51 -31.79
C ARG C 50 13.86 -32.21 -30.97
N MET C 51 13.17 -32.21 -29.82
CA MET C 51 13.25 -31.08 -28.86
C MET C 51 14.67 -30.84 -28.37
N GLU C 52 15.43 -31.90 -28.10
CA GLU C 52 16.81 -31.74 -27.67
C GLU C 52 17.66 -31.10 -28.78
N GLU C 53 17.36 -31.42 -30.04
CA GLU C 53 18.11 -30.86 -31.17
C GLU C 53 17.78 -29.41 -31.40
N TYR C 54 16.61 -29.00 -30.96
CA TYR C 54 16.20 -27.60 -30.98
C TYR C 54 16.28 -27.01 -32.40
N PRO C 55 15.45 -27.52 -33.31
CA PRO C 55 15.46 -26.94 -34.67
C PRO C 55 15.05 -25.46 -34.70
N ARG C 56 15.79 -24.66 -35.48
CA ARG C 56 15.56 -23.24 -35.63
C ARG C 56 14.89 -22.93 -36.96
N ILE C 57 14.59 -23.97 -37.72
CA ILE C 57 13.72 -23.81 -38.88
C ILE C 57 12.87 -25.07 -38.96
N ILE C 58 11.60 -24.92 -39.32
CA ILE C 58 10.70 -26.06 -39.52
C ILE C 58 10.84 -26.59 -40.96
N GLU C 59 11.45 -27.77 -41.10
CA GLU C 59 11.59 -28.42 -42.40
C GLU C 59 10.65 -29.61 -42.57
N GLU C 60 10.20 -30.16 -41.46
CA GLU C 60 9.18 -31.23 -41.53
C GLU C 60 8.27 -31.08 -40.31
N PRO C 61 7.08 -31.71 -40.33
CA PRO C 61 6.13 -31.46 -39.22
C PRO C 61 6.66 -31.77 -37.80
N LEU C 62 7.54 -32.77 -37.68
CA LEU C 62 8.13 -33.09 -36.37
C LEU C 62 8.91 -31.90 -35.74
N ASP C 63 9.53 -31.09 -36.59
CA ASP C 63 10.19 -29.83 -36.13
C ASP C 63 9.20 -28.92 -35.44
N PHE C 64 8.06 -28.73 -36.10
CA PHE C 64 6.94 -27.88 -35.58
C PHE C 64 6.46 -28.37 -34.24
N VAL C 65 6.12 -29.67 -34.19
CA VAL C 65 5.60 -30.26 -32.98
C VAL C 65 6.63 -30.07 -31.82
N ALA C 66 7.91 -30.35 -32.11
CA ALA C 66 8.94 -30.21 -31.08
C ALA C 66 9.03 -28.80 -30.51
N ARG C 67 9.04 -27.81 -31.39
CA ARG C 67 9.09 -26.42 -30.94
C ARG C 67 7.83 -25.98 -30.27
N LEU C 68 6.68 -26.41 -30.74
CA LEU C 68 5.39 -26.05 -30.07
C LEU C 68 5.38 -26.62 -28.62
N VAL C 69 5.74 -27.88 -28.46
CA VAL C 69 5.76 -28.46 -27.11
C VAL C 69 6.72 -27.69 -26.22
N HIS C 70 7.88 -27.35 -26.77
CA HIS C 70 8.85 -26.53 -26.01
C HIS C 70 8.24 -25.19 -25.51
N SER C 71 7.48 -24.55 -26.39
CA SER C 71 6.87 -23.25 -26.10
C SER C 71 5.81 -23.44 -25.00
N ILE C 72 4.96 -24.43 -25.16
CA ILE C 72 3.99 -24.80 -24.08
C ILE C 72 4.62 -25.14 -22.74
N LYS C 73 5.66 -25.96 -22.80
CA LYS C 73 6.33 -26.44 -21.59
C LYS C 73 7.10 -25.35 -20.83
N THR C 74 7.80 -24.48 -21.55
CA THR C 74 8.52 -23.36 -20.94
C THR C 74 7.63 -22.14 -20.76
N GLY C 75 6.46 -22.13 -21.41
CA GLY C 75 5.56 -21.02 -21.29
C GLY C 75 6.06 -19.76 -21.94
N LYS C 76 6.86 -19.89 -23.00
CA LYS C 76 7.52 -18.75 -23.67
C LYS C 76 7.16 -18.67 -25.16
N PRO C 77 6.81 -17.47 -25.63
CA PRO C 77 6.49 -17.27 -27.03
C PRO C 77 7.70 -17.56 -27.92
N ALA C 78 7.45 -17.97 -29.15
CA ALA C 78 8.47 -18.10 -30.15
C ALA C 78 7.89 -17.89 -31.54
N GLU C 79 8.76 -17.50 -32.47
CA GLU C 79 8.42 -17.41 -33.90
C GLU C 79 9.51 -18.17 -34.70
N VAL C 80 9.11 -19.21 -35.41
CA VAL C 80 10.05 -20.08 -36.09
C VAL C 80 9.69 -20.15 -37.56
N PRO C 81 10.66 -19.84 -38.47
CA PRO C 81 10.30 -19.95 -39.90
C PRO C 81 10.12 -21.38 -40.45
N ILE C 82 9.33 -21.47 -41.52
CA ILE C 82 9.07 -22.68 -42.22
C ILE C 82 9.70 -22.61 -43.64
N LYS C 83 10.29 -23.74 -44.07
CA LYS C 83 10.74 -23.91 -45.47
C LYS C 83 9.50 -23.95 -46.39
N ASP C 84 9.72 -23.54 -47.63
CA ASP C 84 8.74 -23.61 -48.69
C ASP C 84 8.92 -25.00 -49.31
N ASP C 85 7.96 -25.86 -49.04
CA ASP C 85 7.96 -27.22 -49.55
C ASP C 85 6.49 -27.62 -49.62
N LYS C 86 6.06 -28.24 -50.71
CA LYS C 86 4.64 -28.61 -50.90
C LYS C 86 4.10 -29.57 -49.78
N LYS C 87 4.85 -30.64 -49.54
CA LYS C 87 4.49 -31.64 -48.55
C LYS C 87 4.25 -31.06 -47.15
N LEU C 88 5.11 -30.14 -46.75
CA LEU C 88 5.01 -29.42 -45.49
C LEU C 88 3.81 -28.48 -45.44
N HIS C 89 3.71 -27.63 -46.45
CA HIS C 89 2.60 -26.71 -46.62
C HIS C 89 1.21 -27.41 -46.51
N GLU C 90 1.07 -28.54 -47.18
CA GLU C 90 -0.15 -29.34 -47.17
C GLU C 90 -0.47 -29.94 -45.80
N TRP C 91 0.57 -30.40 -45.08
CA TRP C 91 0.36 -30.88 -43.72
C TRP C 91 -0.22 -29.76 -42.82
N PHE C 92 0.29 -28.54 -42.98
CA PHE C 92 -0.22 -27.37 -42.26
C PHE C 92 -1.65 -26.90 -42.67
N ASP C 93 -2.03 -27.12 -43.94
CA ASP C 93 -3.41 -26.83 -44.44
C ASP C 93 -4.45 -27.75 -43.83
N ARG C 94 -4.11 -29.01 -43.55
CA ARG C 94 -5.00 -29.93 -42.81
C ARG C 94 -5.47 -29.41 -41.43
N ILE C 95 -4.75 -28.44 -40.87
CA ILE C 95 -5.09 -27.90 -39.55
C ILE C 95 -6.28 -26.98 -39.72
N LYS C 96 -7.20 -27.06 -38.78
CA LYS C 96 -8.41 -26.24 -38.79
C LYS C 96 -8.19 -24.95 -37.93
N TYR C 97 -8.17 -23.80 -38.57
CA TYR C 97 -7.94 -22.53 -37.87
C TYR C 97 -9.26 -21.94 -37.43
N ASP C 98 -9.28 -21.21 -36.35
CA ASP C 98 -10.49 -20.68 -35.84
C ASP C 98 -10.83 -19.30 -36.42
N GLU C 99 -9.82 -18.50 -36.72
CA GLU C 99 -10.06 -17.15 -37.30
C GLU C 99 -8.85 -16.68 -38.10
N GLU C 100 -9.12 -15.73 -38.99
CA GLU C 100 -8.12 -15.04 -39.76
C GLU C 100 -8.21 -13.59 -39.42
N ARG C 101 -7.08 -12.96 -39.13
CA ARG C 101 -7.05 -11.52 -38.84
C ARG C 101 -5.77 -10.87 -39.30
N MET C 102 -5.76 -9.55 -39.28
CA MET C 102 -4.60 -8.81 -39.69
C MET C 102 -3.42 -9.20 -38.81
N GLY C 103 -2.30 -9.51 -39.45
CA GLY C 103 -1.06 -9.83 -38.77
C GLY C 103 0.06 -8.98 -39.28
N GLY C 104 1.17 -9.03 -38.57
CA GLY C 104 2.38 -8.24 -38.89
C GLY C 104 2.28 -6.91 -38.17
N GLN C 105 3.42 -6.45 -37.68
CA GLN C 105 3.50 -5.20 -36.92
C GLN C 105 2.85 -4.04 -37.62
N ALA C 106 3.22 -3.80 -38.86
CA ALA C 106 2.70 -2.64 -39.53
C ALA C 106 1.17 -2.76 -39.78
N GLY C 107 0.67 -3.96 -39.99
CA GLY C 107 -0.81 -4.16 -40.16
C GLY C 107 -1.58 -3.96 -38.84
N ILE C 108 -1.05 -4.53 -37.74
CA ILE C 108 -1.69 -4.45 -36.45
C ILE C 108 -1.66 -3.01 -35.93
N VAL C 109 -0.49 -2.37 -36.03
CA VAL C 109 -0.34 -0.99 -35.57
C VAL C 109 -1.19 -0.01 -36.39
N SER C 110 -1.20 -0.17 -37.70
CA SER C 110 -2.08 0.63 -38.58
C SER C 110 -3.53 0.58 -38.20
N ASN C 111 -4.02 -0.65 -38.07
CA ASN C 111 -5.40 -0.87 -37.63
C ASN C 111 -5.71 -0.25 -36.29
N LEU C 112 -4.82 -0.44 -35.35
CA LEU C 112 -5.01 0.12 -34.02
C LEU C 112 -5.14 1.65 -34.05
N MET C 113 -4.18 2.30 -34.68
CA MET C 113 -4.18 3.73 -34.75
C MET C 113 -5.35 4.31 -35.57
N ALA C 114 -5.83 3.57 -36.59
CA ALA C 114 -7.05 3.94 -37.26
C ALA C 114 -8.23 3.87 -36.34
N THR C 115 -8.33 2.78 -35.60
CA THR C 115 -9.38 2.60 -34.63
C THR C 115 -9.38 3.69 -33.57
N LEU C 116 -8.19 4.08 -33.11
CA LEU C 116 -8.08 5.18 -32.18
C LEU C 116 -8.26 6.57 -32.80
N GLN C 117 -8.38 6.67 -34.12
CA GLN C 117 -8.75 7.91 -34.83
C GLN C 117 -7.72 9.02 -34.79
N ILE C 118 -6.43 8.63 -34.87
CA ILE C 118 -5.39 9.64 -35.02
C ILE C 118 -5.46 10.23 -36.43
N ASP C 119 -4.83 11.38 -36.58
CA ASP C 119 -4.98 12.25 -37.74
C ASP C 119 -4.62 11.58 -39.06
N LYS C 120 -3.52 10.84 -39.07
CA LYS C 120 -3.09 10.23 -40.30
C LYS C 120 -2.25 9.02 -40.03
N ILE C 121 -2.53 7.97 -40.79
CA ILE C 121 -1.65 6.77 -40.79
C ILE C 121 -1.25 6.43 -42.21
N ILE C 122 0.05 6.27 -42.46
CA ILE C 122 0.50 5.85 -43.77
C ILE C 122 1.17 4.50 -43.55
N VAL C 123 0.66 3.49 -44.21
CA VAL C 123 1.20 2.11 -44.09
C VAL C 123 1.85 1.70 -45.39
N TYR C 124 3.02 1.06 -45.31
CA TYR C 124 3.62 0.48 -46.50
C TYR C 124 3.96 -0.99 -46.26
N THR C 125 3.56 -1.79 -47.24
CA THR C 125 3.92 -3.17 -47.29
C THR C 125 3.95 -3.56 -48.75
N PRO C 126 4.86 -4.46 -49.15
CA PRO C 126 4.95 -4.74 -50.59
C PRO C 126 3.77 -5.46 -51.21
N PHE C 127 3.20 -6.46 -50.54
CA PHE C 127 2.06 -7.20 -51.08
C PHE C 127 0.71 -6.69 -50.53
N LEU C 128 -0.18 -6.29 -51.41
CA LEU C 128 -1.44 -5.76 -51.00
C LEU C 128 -2.51 -6.31 -51.92
N SER C 129 -2.81 -7.59 -51.75
CA SER C 129 -3.94 -8.22 -52.43
C SER C 129 -5.24 -7.66 -51.86
N LYS C 130 -6.33 -7.89 -52.60
CA LYS C 130 -7.63 -7.43 -52.17
C LYS C 130 -7.99 -8.04 -50.82
N LYS C 131 -7.80 -9.34 -50.66
CA LYS C 131 -8.13 -9.99 -49.36
C LYS C 131 -7.35 -9.33 -48.20
N GLN C 132 -6.07 -9.07 -48.44
CA GLN C 132 -5.21 -8.44 -47.41
C GLN C 132 -5.69 -7.04 -47.12
N ALA C 133 -6.01 -6.27 -48.19
CA ALA C 133 -6.38 -4.86 -48.02
C ALA C 133 -7.68 -4.76 -47.26
N GLU C 134 -8.57 -5.73 -47.48
CA GLU C 134 -9.85 -5.70 -46.77
C GLU C 134 -9.82 -6.16 -45.31
N MET C 135 -8.66 -6.57 -44.81
CA MET C 135 -8.48 -6.79 -43.38
C MET C 135 -8.00 -5.53 -42.67
N PHE C 136 -7.78 -4.45 -43.39
CA PHE C 136 -7.52 -3.15 -42.79
C PHE C 136 -8.81 -2.50 -42.32
N VAL C 137 -8.70 -1.70 -41.27
CA VAL C 137 -9.85 -0.93 -40.71
C VAL C 137 -10.27 0.09 -41.75
N ASP C 138 -11.58 0.32 -41.81
CA ASP C 138 -12.18 1.26 -42.73
C ASP C 138 -12.06 2.66 -42.12
N TYR C 139 -11.10 3.44 -42.61
CA TYR C 139 -10.82 4.77 -42.06
C TYR C 139 -10.23 5.60 -43.13
N ASP C 140 -10.82 6.74 -43.41
CA ASP C 140 -10.40 7.55 -44.55
C ASP C 140 -8.96 8.05 -44.47
N ASN C 141 -8.40 8.19 -43.28
CA ASN C 141 -7.02 8.62 -43.13
C ASN C 141 -6.01 7.51 -42.79
N LEU C 142 -6.37 6.29 -43.13
CA LEU C 142 -5.43 5.15 -43.20
C LEU C 142 -5.08 4.91 -44.64
N LEU C 143 -3.87 5.31 -45.00
CA LEU C 143 -3.43 5.54 -46.37
C LEU C 143 -2.21 4.69 -46.77
N TYR C 144 -2.17 4.35 -48.05
CA TYR C 144 -1.13 3.54 -48.64
C TYR C 144 -0.51 4.32 -49.81
N PRO C 145 0.84 4.37 -49.89
CA PRO C 145 1.49 5.19 -50.93
C PRO C 145 1.60 4.45 -52.24
N LEU C 146 1.14 5.09 -53.29
CA LEU C 146 1.17 4.57 -54.68
C LEU C 146 1.88 5.65 -55.56
N VAL C 147 2.49 5.22 -56.66
CA VAL C 147 3.00 6.16 -57.67
C VAL C 147 2.17 6.06 -58.95
N GLU C 148 1.49 7.15 -59.27
CA GLU C 148 0.61 7.25 -60.43
C GLU C 148 1.04 8.48 -61.23
N ASN C 149 1.45 8.22 -62.47
CA ASN C 149 1.88 9.28 -63.42
C ASN C 149 2.94 10.12 -62.78
N GLY C 150 3.93 9.42 -62.24
CA GLY C 150 5.10 10.06 -61.63
C GLY C 150 4.86 10.85 -60.38
N ASN C 151 3.67 10.76 -59.77
CA ASN C 151 3.37 11.48 -58.52
C ASN C 151 3.01 10.44 -57.41
N LEU C 152 3.40 10.81 -56.20
CA LEU C 152 2.97 10.16 -55.00
C LEU C 152 1.49 10.40 -54.73
N VAL C 153 0.74 9.32 -54.60
CA VAL C 153 -0.67 9.34 -54.22
C VAL C 153 -0.80 8.49 -52.95
N LEU C 154 -1.45 9.08 -51.96
CA LEU C 154 -1.79 8.42 -50.72
C LEU C 154 -3.25 8.09 -50.84
N LYS C 155 -3.51 6.78 -50.94
CA LYS C 155 -4.84 6.28 -51.19
C LYS C 155 -5.33 5.44 -49.98
N LYS C 156 -6.62 5.56 -49.67
CA LYS C 156 -7.23 4.81 -48.61
C LYS C 156 -6.89 3.31 -48.78
N VAL C 157 -6.26 2.72 -47.77
CA VAL C 157 -5.55 1.44 -47.96
C VAL C 157 -6.49 0.37 -48.49
N ARG C 158 -7.72 0.37 -48.02
CA ARG C 158 -8.70 -0.64 -48.48
C ARG C 158 -9.01 -0.61 -49.99
N GLU C 159 -8.76 0.53 -50.66
CA GLU C 159 -9.03 0.69 -52.08
C GLU C 159 -7.74 0.64 -52.91
N ALA C 160 -6.60 0.46 -52.28
CA ALA C 160 -5.31 0.53 -52.96
C ALA C 160 -4.75 -0.83 -53.45
N TYR C 161 -5.55 -1.89 -53.41
CA TYR C 161 -5.04 -3.23 -53.61
C TYR C 161 -4.68 -3.47 -55.08
N ARG C 162 -3.95 -4.54 -55.31
CA ARG C 162 -3.56 -4.92 -56.64
C ARG C 162 -3.38 -6.43 -56.64
N ASP C 163 -2.86 -6.96 -57.75
CA ASP C 163 -2.86 -8.39 -57.99
C ASP C 163 -1.63 -9.06 -57.41
N ASP C 164 -1.49 -8.99 -56.10
CA ASP C 164 -0.30 -9.44 -55.43
C ASP C 164 -0.63 -10.78 -54.80
N PRO C 165 0.40 -11.57 -54.53
CA PRO C 165 0.18 -12.76 -53.69
C PRO C 165 -0.20 -12.40 -52.25
N ILE C 166 -0.52 -13.42 -51.49
CA ILE C 166 -0.87 -13.26 -50.10
C ILE C 166 0.10 -14.02 -49.22
N LYS C 167 0.47 -13.43 -48.06
CA LYS C 167 1.27 -14.10 -47.03
C LYS C 167 0.41 -14.52 -45.86
N ILE C 168 0.55 -15.79 -45.43
CA ILE C 168 -0.20 -16.30 -44.29
C ILE C 168 0.78 -16.85 -43.23
N ASN C 169 0.68 -16.34 -42.00
CA ASN C 169 1.35 -16.96 -40.85
C ASN C 169 0.37 -17.67 -39.98
N ARG C 170 0.89 -18.66 -39.24
CA ARG C 170 0.03 -19.55 -38.46
C ARG C 170 0.35 -19.40 -36.98
N ILE C 171 -0.67 -19.04 -36.22
CA ILE C 171 -0.54 -18.65 -34.83
C ILE C 171 -1.19 -19.69 -33.98
N PHE C 172 -0.43 -20.25 -33.05
CA PHE C 172 -0.93 -21.31 -32.18
C PHE C 172 -1.03 -20.78 -30.77
N GLU C 173 -2.24 -20.40 -30.40
CA GLU C 173 -2.53 -19.76 -29.12
C GLU C 173 -2.83 -20.85 -28.10
N PHE C 174 -2.24 -20.73 -26.92
CA PHE C 174 -2.66 -21.59 -25.81
C PHE C 174 -2.77 -20.81 -24.53
N LYS C 175 -3.56 -21.35 -23.62
CA LYS C 175 -3.83 -20.74 -22.34
C LYS C 175 -3.17 -21.51 -21.21
N LYS C 176 -2.80 -20.79 -20.16
CA LYS C 176 -2.51 -21.37 -18.84
C LYS C 176 -3.54 -22.43 -18.47
N GLY C 177 -3.06 -23.62 -18.10
CA GLY C 177 -3.94 -24.74 -17.74
C GLY C 177 -4.14 -25.77 -18.82
N LEU C 178 -3.81 -25.43 -20.07
CA LEU C 178 -3.84 -26.41 -21.13
C LEU C 178 -2.94 -27.57 -20.71
N LYS C 179 -3.37 -28.80 -20.99
CA LYS C 179 -2.57 -29.98 -20.65
C LYS C 179 -2.73 -31.14 -21.59
N PHE C 180 -1.68 -31.95 -21.60
CA PHE C 180 -1.60 -33.09 -22.48
C PHE C 180 -0.48 -34.03 -21.96
N LYS C 181 -0.40 -35.19 -22.56
CA LYS C 181 0.53 -36.22 -22.14
C LYS C 181 1.58 -36.54 -23.23
N LEU C 182 2.86 -36.45 -22.87
CA LEU C 182 3.98 -36.71 -23.80
C LEU C 182 5.03 -37.64 -23.12
N ASN C 183 5.12 -38.84 -23.66
CA ASN C 183 6.05 -39.86 -23.23
C ASN C 183 5.88 -40.17 -21.74
N GLY C 184 4.64 -40.30 -21.32
CA GLY C 184 4.32 -40.57 -19.91
C GLY C 184 4.21 -39.38 -18.96
N GLU C 185 4.69 -38.20 -19.37
CA GLU C 185 4.64 -37.02 -18.52
C GLU C 185 3.43 -36.18 -18.92
N GLU C 186 2.65 -35.76 -17.93
CA GLU C 186 1.62 -34.77 -18.16
C GLU C 186 2.28 -33.39 -18.15
N ILE C 187 2.11 -32.65 -19.25
CA ILE C 187 2.63 -31.29 -19.38
C ILE C 187 1.47 -30.32 -19.25
N THR C 188 1.65 -29.30 -18.40
CA THR C 188 0.65 -28.29 -18.17
C THR C 188 1.24 -26.91 -18.51
N ALA C 189 0.55 -26.16 -19.37
CA ALA C 189 0.93 -24.75 -19.63
C ALA C 189 0.80 -23.90 -18.34
N LYS C 190 1.88 -23.24 -17.97
CA LYS C 190 1.92 -22.29 -16.83
C LYS C 190 1.65 -20.81 -17.26
N GLN C 191 1.68 -20.54 -18.57
CA GLN C 191 1.39 -19.19 -19.11
C GLN C 191 0.50 -19.29 -20.34
N SER C 192 -0.20 -18.21 -20.64
CA SER C 192 -0.94 -18.05 -21.87
C SER C 192 -0.03 -17.29 -22.84
N THR C 193 0.28 -17.88 -23.98
CA THR C 193 1.07 -17.19 -24.99
C THR C 193 0.83 -17.87 -26.31
N ARG C 194 1.72 -17.66 -27.29
CA ARG C 194 1.49 -18.15 -28.64
C ARG C 194 2.78 -18.53 -29.31
N PHE C 195 2.68 -19.54 -30.20
CA PHE C 195 3.80 -20.00 -31.02
C PHE C 195 3.47 -19.65 -32.49
N ILE C 196 4.39 -18.99 -33.16
CA ILE C 196 4.17 -18.49 -34.50
C ILE C 196 5.01 -19.28 -35.48
N VAL C 197 4.33 -19.81 -36.48
CA VAL C 197 4.98 -20.41 -37.62
C VAL C 197 5.06 -19.31 -38.67
N ALA C 198 6.28 -18.92 -39.00
CA ALA C 198 6.50 -17.76 -39.84
C ALA C 198 6.82 -18.15 -41.28
N SER C 199 5.98 -17.65 -42.19
CA SER C 199 6.21 -17.84 -43.56
C SER C 199 7.20 -16.76 -43.99
N ARG C 200 8.12 -17.10 -44.88
CA ARG C 200 9.05 -16.14 -45.48
C ARG C 200 9.02 -16.37 -47.02
N PRO C 201 7.96 -15.94 -47.67
CA PRO C 201 7.87 -16.32 -49.10
C PRO C 201 9.00 -15.73 -49.88
N GLU C 202 9.54 -16.51 -50.81
CA GLU C 202 10.69 -16.12 -51.58
C GLU C 202 10.51 -14.71 -52.28
N ALA C 203 9.36 -14.47 -52.91
CA ALA C 203 9.12 -13.26 -53.66
C ALA C 203 8.88 -11.98 -52.81
N LEU C 204 8.66 -12.12 -51.48
CA LEU C 204 8.33 -10.99 -50.64
C LEU C 204 9.58 -10.49 -49.91
N ARG C 205 9.95 -9.25 -50.19
CA ARG C 205 11.13 -8.65 -49.62
C ARG C 205 10.79 -7.59 -48.58
N ILE C 206 11.66 -7.49 -47.57
CA ILE C 206 11.48 -6.52 -46.55
C ILE C 206 12.13 -5.25 -47.08
N GLU C 207 11.34 -4.45 -47.81
CA GLU C 207 11.84 -3.26 -48.50
C GLU C 207 10.74 -2.36 -48.89
N ILE C 208 11.09 -1.11 -49.22
CA ILE C 208 10.24 -0.21 -49.96
C ILE C 208 10.65 -0.32 -51.42
N LYS C 209 9.69 -0.59 -52.31
CA LYS C 209 9.99 -0.74 -53.73
C LYS C 209 10.42 0.61 -54.32
N ASP C 210 11.25 0.57 -55.37
CA ASP C 210 11.88 1.75 -55.97
C ASP C 210 10.92 2.93 -56.22
N ASP C 211 9.73 2.62 -56.75
CA ASP C 211 8.83 3.68 -57.17
C ASP C 211 8.51 4.56 -55.98
N VAL C 212 8.09 3.94 -54.87
CA VAL C 212 7.68 4.67 -53.70
C VAL C 212 8.89 5.17 -52.95
N ARG C 213 9.96 4.39 -52.98
CA ARG C 213 11.15 4.76 -52.21
C ARG C 213 11.70 6.16 -52.51
N LYS C 214 11.64 6.55 -53.78
CA LYS C 214 11.97 7.94 -54.23
C LYS C 214 11.26 9.03 -53.40
N PHE C 215 10.07 8.72 -52.95
CA PHE C 215 9.29 9.67 -52.14
C PHE C 215 9.37 9.53 -50.62
N LEU C 216 10.25 8.65 -50.11
CA LEU C 216 10.30 8.48 -48.64
C LEU C 216 10.50 9.75 -47.88
N PRO C 217 11.44 10.62 -48.34
CA PRO C 217 11.56 11.93 -47.65
C PRO C 217 10.25 12.70 -47.48
N LYS C 218 9.41 12.68 -48.52
CA LYS C 218 8.15 13.41 -48.49
C LYS C 218 7.16 12.73 -47.57
N ILE C 219 7.18 11.40 -47.56
CA ILE C 219 6.36 10.63 -46.62
C ILE C 219 6.75 10.98 -45.15
N GLY C 220 8.04 11.03 -44.87
CA GLY C 220 8.53 11.51 -43.58
C GLY C 220 8.00 12.88 -43.17
N GLU C 221 8.03 13.82 -44.11
CA GLU C 221 7.48 15.15 -43.84
C GLU C 221 6.00 15.13 -43.56
N ALA C 222 5.27 14.19 -44.17
CA ALA C 222 3.84 14.07 -43.92
C ALA C 222 3.45 13.50 -42.54
N VAL C 223 4.41 12.97 -41.76
CA VAL C 223 4.11 12.32 -40.49
C VAL C 223 4.95 12.90 -39.36
N ASP C 224 4.68 12.43 -38.14
CA ASP C 224 5.41 12.83 -36.94
C ASP C 224 6.34 11.76 -36.46
N CYS C 225 6.09 10.52 -36.84
CA CYS C 225 6.87 9.43 -36.32
C CYS C 225 6.71 8.20 -37.20
N ALA C 226 7.58 7.24 -37.00
CA ALA C 226 7.48 5.99 -37.71
C ALA C 226 7.63 4.78 -36.77
N PHE C 227 6.82 3.74 -37.00
CA PHE C 227 6.90 2.46 -36.27
C PHE C 227 7.33 1.39 -37.30
N LEU C 228 8.55 0.83 -37.11
CA LEU C 228 9.19 -0.04 -38.04
C LEU C 228 9.46 -1.44 -37.49
N SER C 229 9.07 -2.45 -38.26
CA SER C 229 9.43 -3.83 -37.94
C SER C 229 9.30 -4.69 -39.19
N GLY C 230 9.44 -6.00 -39.03
CA GLY C 230 9.43 -6.91 -40.14
C GLY C 230 10.81 -7.50 -40.48
N TYR C 231 11.86 -6.93 -39.91
CA TYR C 231 13.25 -7.38 -40.19
C TYR C 231 13.42 -8.86 -39.87
N GLN C 232 12.62 -9.33 -38.91
CA GLN C 232 12.63 -10.74 -38.50
C GLN C 232 12.40 -11.77 -39.60
N ALA C 233 11.76 -11.37 -40.68
CA ALA C 233 11.55 -12.31 -41.79
C ALA C 233 12.66 -12.26 -42.86
N ILE C 234 13.67 -11.40 -42.71
CA ILE C 234 14.74 -11.33 -43.73
C ILE C 234 15.52 -12.66 -43.70
N LYS C 235 15.74 -13.25 -44.87
CA LYS C 235 16.55 -14.48 -45.00
C LYS C 235 17.97 -14.10 -45.35
N GLU C 236 18.90 -14.99 -44.97
CA GLU C 236 20.33 -14.84 -45.32
C GLU C 236 20.55 -14.84 -46.84
N GLU C 237 19.90 -15.76 -47.56
CA GLU C 237 19.98 -15.86 -49.08
C GLU C 237 18.62 -16.15 -49.80
N TYR C 238 18.35 -15.41 -50.86
CA TYR C 238 17.17 -15.58 -51.72
C TYR C 238 17.55 -16.36 -52.99
N ARG C 239 16.59 -17.06 -53.59
CA ARG C 239 16.82 -17.89 -54.74
C ARG C 239 17.28 -17.11 -55.97
N ASP C 240 17.10 -15.79 -55.99
CA ASP C 240 17.66 -14.90 -57.03
C ASP C 240 19.05 -14.36 -56.73
N GLY C 241 19.64 -14.80 -55.59
CA GLY C 241 20.97 -14.40 -55.19
C GLY C 241 21.08 -13.23 -54.25
N LYS C 242 19.99 -12.50 -54.01
CA LYS C 242 19.98 -11.37 -53.03
C LYS C 242 20.22 -11.93 -51.66
N THR C 243 20.79 -11.11 -50.77
CA THR C 243 21.10 -11.53 -49.42
C THR C 243 20.55 -10.59 -48.33
N ALA C 244 20.62 -11.07 -47.08
CA ALA C 244 20.21 -10.25 -45.94
C ALA C 244 20.87 -8.87 -45.96
N LYS C 245 22.17 -8.86 -46.15
CA LYS C 245 22.93 -7.63 -46.07
C LYS C 245 22.38 -6.55 -47.02
N TYR C 246 21.99 -6.96 -48.22
CA TYR C 246 21.45 -6.01 -49.20
C TYR C 246 20.22 -5.33 -48.63
N TYR C 247 19.30 -6.12 -48.04
CA TYR C 247 18.06 -5.53 -47.46
C TYR C 247 18.31 -4.71 -46.20
N PHE C 248 19.28 -5.14 -45.38
CA PHE C 248 19.62 -4.33 -44.21
C PHE C 248 20.26 -2.99 -44.53
N GLU C 249 21.19 -2.99 -45.48
CA GLU C 249 21.79 -1.71 -45.93
C GLU C 249 20.70 -0.77 -46.45
N ARG C 250 19.81 -1.33 -47.26
CA ARG C 250 18.73 -0.56 -47.83
C ARG C 250 17.76 -0.02 -46.75
N ALA C 251 17.47 -0.85 -45.76
CA ALA C 251 16.56 -0.48 -44.64
C ALA C 251 17.14 0.60 -43.73
N GLU C 252 18.46 0.57 -43.54
CA GLU C 252 19.16 1.65 -42.81
C GLU C 252 18.99 2.97 -43.56
N GLU C 253 19.20 2.90 -44.87
CA GLU C 253 19.03 4.05 -45.71
C GLU C 253 17.59 4.55 -45.69
N ASP C 254 16.62 3.65 -45.59
CA ASP C 254 15.20 4.04 -45.47
C ASP C 254 14.94 4.95 -44.31
N ILE C 255 15.57 4.63 -43.21
CA ILE C 255 15.45 5.42 -42.01
C ILE C 255 16.02 6.84 -42.23
N LYS C 256 17.19 6.91 -42.86
CA LYS C 256 17.76 8.25 -43.16
C LYS C 256 16.90 9.03 -44.13
N LEU C 257 16.35 8.34 -45.12
CA LEU C 257 15.46 8.97 -46.08
C LEU C 257 14.23 9.53 -45.40
N LEU C 258 13.67 8.76 -44.47
CA LEU C 258 12.49 9.23 -43.72
C LEU C 258 12.75 10.47 -42.90
N LYS C 259 13.96 10.56 -42.39
CA LYS C 259 14.37 11.71 -41.59
C LYS C 259 14.99 12.84 -42.39
N LYS C 260 15.01 12.71 -43.71
CA LYS C 260 15.79 13.61 -44.54
C LYS C 260 15.30 15.05 -44.49
N ASN C 261 13.99 15.25 -44.54
CA ASN C 261 13.43 16.62 -44.57
C ASN C 261 12.77 17.01 -43.29
N LYS C 262 12.51 16.04 -42.40
CA LYS C 262 11.91 16.33 -41.09
C LYS C 262 12.49 15.30 -40.15
N ASN C 263 12.93 15.72 -38.97
CA ASN C 263 13.49 14.75 -38.05
C ASN C 263 12.37 14.16 -37.17
N ILE C 264 11.64 13.25 -37.80
CA ILE C 264 10.59 12.49 -37.14
C ILE C 264 11.22 11.49 -36.18
N LYS C 265 10.41 11.05 -35.20
CA LYS C 265 10.86 9.99 -34.27
C LYS C 265 10.61 8.64 -34.89
N THR C 266 11.58 7.75 -34.77
CA THR C 266 11.47 6.40 -35.32
C THR C 266 11.62 5.37 -34.21
N HIS C 267 10.87 4.27 -34.35
CA HIS C 267 10.78 3.23 -33.35
C HIS C 267 11.04 1.88 -34.04
N LEU C 268 11.92 1.09 -33.44
CA LEU C 268 12.15 -0.30 -33.85
C LEU C 268 11.39 -1.22 -32.91
N GLU C 269 10.54 -2.08 -33.45
CA GLU C 269 9.96 -3.12 -32.65
C GLU C 269 10.64 -4.45 -32.93
N PHE C 270 11.27 -4.98 -31.92
CA PHE C 270 11.95 -6.27 -32.00
C PHE C 270 10.92 -7.38 -32.09
N ALA C 271 11.41 -8.58 -32.38
CA ALA C 271 10.58 -9.74 -32.43
C ALA C 271 11.45 -10.96 -32.19
N SER C 272 10.82 -12.12 -32.14
CA SER C 272 11.60 -13.37 -31.91
C SER C 272 12.27 -13.67 -33.27
N ILE C 273 13.59 -13.59 -33.31
CA ILE C 273 14.38 -13.79 -34.51
C ILE C 273 15.17 -15.10 -34.32
N SER C 274 14.75 -16.14 -35.04
CA SER C 274 15.33 -17.48 -34.89
C SER C 274 16.82 -17.55 -35.30
N ASN C 275 17.22 -16.75 -36.31
CA ASN C 275 18.60 -16.77 -36.80
C ASN C 275 19.39 -15.67 -36.12
N ILE C 276 20.33 -16.05 -35.26
CA ILE C 276 21.21 -15.08 -34.58
C ILE C 276 21.97 -14.09 -35.54
N GLU C 277 22.31 -14.51 -36.76
CA GLU C 277 22.95 -13.61 -37.70
C GLU C 277 22.04 -12.48 -38.18
N ILE C 278 20.80 -12.78 -38.45
CA ILE C 278 19.79 -11.74 -38.78
C ILE C 278 19.61 -10.83 -37.58
N ARG C 279 19.53 -11.44 -36.39
CA ARG C 279 19.35 -10.65 -35.15
C ARG C 279 20.47 -9.62 -34.95
N LYS C 280 21.71 -10.06 -35.22
CA LYS C 280 22.91 -9.21 -35.19
C LYS C 280 22.76 -8.06 -36.14
N MET C 281 22.24 -8.35 -37.33
CA MET C 281 22.08 -7.29 -38.35
C MET C 281 21.02 -6.24 -37.92
N VAL C 282 19.97 -6.68 -37.24
CA VAL C 282 18.97 -5.73 -36.74
C VAL C 282 19.67 -4.73 -35.80
N VAL C 283 20.48 -5.25 -34.88
CA VAL C 283 21.25 -4.40 -33.92
C VAL C 283 22.20 -3.43 -34.63
N ASP C 284 22.97 -3.95 -35.58
CA ASP C 284 23.97 -3.11 -36.28
C ASP C 284 23.40 -2.04 -37.18
N TYR C 285 22.39 -2.43 -37.94
CA TYR C 285 21.88 -1.60 -39.00
C TYR C 285 20.68 -0.77 -38.58
N ILE C 286 19.81 -1.30 -37.72
CA ILE C 286 18.54 -0.60 -37.40
C ILE C 286 18.57 0.04 -36.01
N LEU C 287 18.85 -0.73 -34.99
CA LEU C 287 18.82 -0.20 -33.61
C LEU C 287 19.70 1.03 -33.45
N SER C 288 20.84 1.03 -34.16
CA SER C 288 21.79 2.16 -34.15
C SER C 288 21.28 3.44 -34.83
N ASN C 289 20.11 3.40 -35.46
CA ASN C 289 19.57 4.52 -36.14
C ASN C 289 18.22 5.00 -35.68
N VAL C 290 17.63 4.36 -34.69
CA VAL C 290 16.29 4.77 -34.21
C VAL C 290 16.32 5.58 -32.88
N GLU C 291 15.19 6.20 -32.55
CA GLU C 291 15.02 6.95 -31.32
C GLU C 291 14.30 6.17 -30.21
N SER C 292 13.55 5.11 -30.60
CA SER C 292 12.85 4.31 -29.64
C SER C 292 13.00 2.85 -30.02
N VAL C 293 13.02 1.97 -29.02
CA VAL C 293 13.04 0.55 -29.25
C VAL C 293 12.09 -0.12 -28.29
N GLY C 294 11.34 -1.13 -28.82
CA GLY C 294 10.42 -1.92 -28.05
C GLY C 294 10.87 -3.35 -28.08
N MET C 295 10.96 -3.97 -26.89
CA MET C 295 11.42 -5.38 -26.71
C MET C 295 10.65 -6.03 -25.60
N ASP C 296 10.51 -7.35 -25.65
CA ASP C 296 10.22 -8.10 -24.45
C ASP C 296 11.51 -8.40 -23.70
N GLU C 297 11.40 -9.15 -22.60
CA GLU C 297 12.56 -9.42 -21.78
C GLU C 297 13.60 -10.27 -22.48
N THR C 298 13.16 -11.27 -23.20
CA THR C 298 14.05 -12.14 -23.93
C THR C 298 14.77 -11.37 -25.00
N GLU C 299 14.05 -10.44 -25.65
CA GLU C 299 14.64 -9.65 -26.74
C GLU C 299 15.74 -8.75 -26.23
N ILE C 300 15.53 -8.07 -25.11
CA ILE C 300 16.61 -7.24 -24.52
C ILE C 300 17.80 -8.09 -24.08
N ALA C 301 17.55 -9.27 -23.49
CA ALA C 301 18.64 -10.18 -23.15
C ALA C 301 19.46 -10.53 -24.37
N ASN C 302 18.79 -10.88 -25.44
CA ASN C 302 19.45 -11.18 -26.72
C ASN C 302 20.28 -10.03 -27.28
N VAL C 303 19.73 -8.83 -27.22
CA VAL C 303 20.46 -7.65 -27.69
C VAL C 303 21.69 -7.43 -26.83
N LEU C 304 21.51 -7.61 -25.52
CA LEU C 304 22.64 -7.42 -24.55
C LEU C 304 23.79 -8.41 -24.81
N HIS C 305 23.43 -9.65 -25.14
CA HIS C 305 24.41 -10.65 -25.54
C HIS C 305 25.17 -10.17 -26.82
N ILE C 306 24.44 -9.75 -27.85
CA ILE C 306 25.06 -9.24 -29.11
C ILE C 306 26.02 -8.08 -28.82
N LEU C 307 25.73 -7.26 -27.81
CA LEU C 307 26.61 -6.21 -27.36
C LEU C 307 27.73 -6.61 -26.34
N GLY C 308 27.80 -7.90 -25.99
CA GLY C 308 28.86 -8.42 -25.18
C GLY C 308 28.60 -8.45 -23.72
N TYR C 309 27.36 -8.17 -23.26
CA TYR C 309 26.98 -8.19 -21.84
C TYR C 309 26.33 -9.51 -21.46
N ASP C 310 27.17 -10.54 -21.45
CA ASP C 310 26.74 -11.92 -21.37
C ASP C 310 26.19 -12.22 -20.00
N GLU C 311 26.88 -11.77 -18.97
CA GLU C 311 26.47 -12.14 -17.66
C GLU C 311 25.10 -11.54 -17.34
N LEU C 312 24.93 -10.28 -17.74
CA LEU C 312 23.69 -9.59 -17.47
C LEU C 312 22.56 -10.18 -18.29
N SER C 313 22.84 -10.46 -19.55
CA SER C 313 21.88 -11.17 -20.37
C SER C 313 21.38 -12.49 -19.76
N ASN C 314 22.32 -13.34 -19.35
CA ASN C 314 21.97 -14.64 -18.79
C ASN C 314 21.21 -14.47 -17.49
N ASN C 315 21.60 -13.49 -16.67
CA ASN C 315 20.81 -13.20 -15.46
C ASN C 315 19.39 -12.81 -15.76
N ILE C 316 19.22 -11.97 -16.78
CA ILE C 316 17.85 -11.56 -17.17
C ILE C 316 17.03 -12.78 -17.56
N LEU C 317 17.60 -13.62 -18.43
CA LEU C 317 16.95 -14.88 -18.86
C LEU C 317 16.63 -15.81 -17.70
N LYS C 318 17.57 -15.93 -16.77
CA LYS C 318 17.41 -16.81 -15.59
C LYS C 318 16.35 -16.31 -14.58
N ASP C 319 16.43 -15.03 -14.18
CA ASP C 319 15.66 -14.53 -13.03
C ASP C 319 14.64 -13.44 -13.30
N SER C 320 14.62 -12.87 -14.51
CA SER C 320 13.74 -11.72 -14.81
C SER C 320 13.65 -10.65 -13.71
N PHE C 321 14.76 -10.28 -13.10
CA PHE C 321 14.73 -9.17 -12.15
C PHE C 321 14.62 -7.84 -12.87
N ILE C 322 13.66 -7.03 -12.42
CA ILE C 322 13.42 -5.73 -12.99
C ILE C 322 14.68 -4.88 -12.88
N GLU C 323 15.42 -5.03 -11.80
CA GLU C 323 16.74 -4.33 -11.63
C GLU C 323 17.71 -4.60 -12.76
N ASP C 324 17.77 -5.85 -13.18
CA ASP C 324 18.67 -6.22 -14.27
C ASP C 324 18.19 -5.70 -15.62
N VAL C 325 16.88 -5.73 -15.85
CA VAL C 325 16.27 -5.15 -17.10
C VAL C 325 16.61 -3.65 -17.19
N ILE C 326 16.44 -2.97 -16.08
CA ILE C 326 16.78 -1.52 -16.03
C ILE C 326 18.23 -1.31 -16.33
N GLU C 327 19.10 -2.10 -15.70
CA GLU C 327 20.56 -1.97 -16.00
C GLU C 327 20.80 -2.13 -17.49
N GLY C 328 20.13 -3.12 -18.09
CA GLY C 328 20.32 -3.33 -19.52
C GLY C 328 19.88 -2.15 -20.38
N ALA C 329 18.76 -1.55 -20.00
CA ALA C 329 18.23 -0.39 -20.72
C ALA C 329 19.21 0.73 -20.70
N LYS C 330 19.81 0.95 -19.52
CA LYS C 330 20.82 1.98 -19.37
C LYS C 330 22.01 1.73 -20.26
N ILE C 331 22.42 0.47 -20.36
CA ILE C 331 23.55 0.15 -21.24
C ILE C 331 23.22 0.53 -22.68
N LEU C 332 21.99 0.23 -23.09
CA LEU C 332 21.56 0.64 -24.46
C LEU C 332 21.56 2.12 -24.67
N LEU C 333 20.99 2.85 -23.73
CA LEU C 333 21.05 4.35 -23.79
C LEU C 333 22.50 4.87 -23.87
N ASP C 334 23.40 4.26 -23.09
CA ASP C 334 24.80 4.73 -23.08
C ASP C 334 25.51 4.36 -24.38
N LYS C 335 25.19 3.20 -24.91
CA LYS C 335 25.77 2.75 -26.18
C LYS C 335 25.25 3.47 -27.43
N PHE C 336 23.92 3.69 -27.49
CA PHE C 336 23.26 4.32 -28.65
C PHE C 336 22.77 5.73 -28.28
N LYS C 337 23.59 6.71 -28.62
CA LYS C 337 23.33 8.12 -28.38
C LYS C 337 22.06 8.64 -29.08
N ASN C 338 21.68 8.08 -30.23
CA ASN C 338 20.42 8.45 -30.94
C ASN C 338 19.17 8.01 -30.19
N LEU C 339 19.30 6.94 -29.44
CA LEU C 339 18.21 6.40 -28.70
C LEU C 339 17.79 7.40 -27.63
N GLU C 340 16.50 7.69 -27.53
CA GLU C 340 15.93 8.51 -26.48
C GLU C 340 15.13 7.70 -25.47
N VAL C 341 14.55 6.56 -25.88
CA VAL C 341 13.76 5.79 -24.94
C VAL C 341 13.94 4.30 -25.20
N VAL C 342 14.15 3.57 -24.14
CA VAL C 342 14.18 2.12 -24.18
C VAL C 342 12.90 1.64 -23.55
N GLN C 343 12.16 0.82 -24.28
CA GLN C 343 10.92 0.26 -23.77
C GLN C 343 10.99 -1.27 -23.70
N VAL C 344 10.68 -1.79 -22.51
CA VAL C 344 10.58 -3.22 -22.31
C VAL C 344 9.19 -3.59 -21.79
N HIS C 345 8.56 -4.61 -22.38
CA HIS C 345 7.26 -5.07 -21.94
C HIS C 345 7.32 -6.56 -21.60
N THR C 346 6.70 -6.95 -20.49
CA THR C 346 6.55 -8.35 -20.13
C THR C 346 5.12 -8.54 -19.81
N ILE C 347 4.73 -9.76 -19.48
CA ILE C 347 3.33 -10.00 -19.06
C ILE C 347 2.94 -9.22 -17.78
N TYR C 348 3.92 -8.77 -17.01
CA TYR C 348 3.71 -8.07 -15.73
C TYR C 348 3.76 -6.55 -15.76
N TYR C 349 4.42 -5.99 -16.78
CA TYR C 349 4.65 -4.55 -16.79
C TYR C 349 5.11 -4.06 -18.16
N ILE C 350 5.02 -2.75 -18.33
CA ILE C 350 5.77 -2.05 -19.39
C ILE C 350 6.62 -0.99 -18.70
N LEU C 351 7.86 -0.86 -19.18
CA LEU C 351 8.91 0.00 -18.62
C LEU C 351 9.44 0.94 -19.67
N PHE C 352 9.56 2.25 -19.32
CA PHE C 352 10.37 3.19 -20.06
C PHE C 352 11.63 3.56 -19.24
N VAL C 353 12.75 3.60 -19.93
CA VAL C 353 13.99 4.15 -19.41
C VAL C 353 14.48 5.23 -20.37
N CYS C 354 14.68 6.42 -19.82
CA CYS C 354 15.09 7.61 -20.57
C CYS C 354 16.26 8.27 -19.84
N ARG C 355 16.94 9.17 -20.51
CA ARG C 355 17.95 10.03 -19.85
C ARG C 355 17.20 11.15 -19.11
N ALA C 356 17.87 11.70 -18.11
CA ALA C 356 17.32 12.85 -17.38
C ALA C 356 17.05 14.08 -18.25
N ASP C 357 17.86 14.26 -19.27
CA ASP C 357 17.70 15.35 -20.21
C ASP C 357 16.54 15.20 -21.19
N ASN C 358 15.80 14.08 -21.13
CA ASN C 358 14.56 13.96 -21.95
C ASN C 358 13.63 15.15 -21.65
N PRO C 359 12.96 15.72 -22.68
CA PRO C 359 12.01 16.82 -22.39
C PRO C 359 10.84 16.43 -21.51
N LEU C 360 10.47 15.15 -21.47
CA LEU C 360 9.29 14.76 -20.63
C LEU C 360 9.69 14.51 -19.19
N SER C 361 8.76 14.80 -18.29
CA SER C 361 8.93 14.41 -16.89
C SER C 361 8.67 12.92 -16.69
N LYS C 362 9.08 12.40 -15.56
CA LYS C 362 8.68 11.05 -15.18
C LYS C 362 7.16 10.83 -15.19
N GLU C 363 6.38 11.80 -14.71
CA GLU C 363 4.91 11.69 -14.71
C GLU C 363 4.33 11.62 -16.13
N GLU C 364 4.92 12.36 -17.05
CA GLU C 364 4.47 12.29 -18.45
C GLU C 364 4.83 10.94 -19.08
N LEU C 365 6.02 10.41 -18.76
CA LEU C 365 6.36 9.10 -19.23
C LEU C 365 5.36 8.10 -18.70
N GLU C 366 4.96 8.25 -17.43
CA GLU C 366 3.98 7.34 -16.82
C GLU C 366 2.67 7.36 -17.55
N GLU C 367 2.23 8.53 -17.95
CA GLU C 367 0.97 8.67 -18.63
C GLU C 367 0.98 7.90 -19.95
N CYS C 368 2.10 7.91 -20.66
CA CYS C 368 2.26 7.08 -21.86
C CYS C 368 2.00 5.61 -21.58
N LEU C 369 2.60 5.13 -20.51
CA LEU C 369 2.53 3.71 -20.16
C LEU C 369 1.19 3.30 -19.62
N GLU C 370 0.56 4.16 -18.83
CA GLU C 370 -0.83 3.96 -18.39
C GLU C 370 -1.77 3.84 -19.56
N PHE C 371 -1.62 4.72 -20.54
CA PHE C 371 -2.41 4.59 -21.77
C PHE C 371 -2.18 3.23 -22.45
N SER C 372 -0.92 2.85 -22.58
CA SER C 372 -0.58 1.68 -23.33
C SER C 372 -1.16 0.44 -22.67
N THR C 373 -1.09 0.40 -21.34
CA THR C 373 -1.61 -0.74 -20.59
C THR C 373 -3.14 -0.90 -20.76
N ILE C 374 -3.89 0.22 -20.85
CA ILE C 374 -5.32 0.14 -21.17
C ILE C 374 -5.60 -0.51 -22.54
N LEU C 375 -4.78 -0.16 -23.53
CA LEU C 375 -4.93 -0.77 -24.81
C LEU C 375 -4.65 -2.26 -24.76
N ALA C 376 -3.52 -2.61 -24.17
CA ALA C 376 -3.10 -4.02 -24.12
C ALA C 376 -4.13 -4.87 -23.33
N SER C 377 -4.57 -4.42 -22.16
CA SER C 377 -5.55 -5.23 -21.42
C SER C 377 -6.87 -5.37 -22.14
N THR C 378 -7.34 -4.31 -22.80
CA THR C 378 -8.55 -4.39 -23.62
C THR C 378 -8.38 -5.48 -24.70
N LYS C 379 -7.26 -5.45 -25.40
CA LYS C 379 -7.01 -6.43 -26.46
C LYS C 379 -6.89 -7.85 -25.87
N ALA C 380 -6.23 -8.03 -24.74
CA ALA C 380 -6.17 -9.35 -24.11
C ALA C 380 -7.57 -9.90 -23.77
N LYS C 381 -8.46 -9.04 -23.31
CA LYS C 381 -9.82 -9.44 -22.91
C LYS C 381 -10.65 -9.81 -24.14
N LEU C 382 -10.69 -8.93 -25.12
CA LEU C 382 -11.57 -9.05 -26.27
C LEU C 382 -10.94 -9.74 -27.45
N GLY C 383 -9.63 -9.86 -27.50
CA GLY C 383 -8.97 -10.36 -28.69
C GLY C 383 -8.64 -9.30 -29.73
N ASN C 384 -9.44 -8.27 -29.83
CA ASN C 384 -9.26 -7.18 -30.80
C ASN C 384 -9.83 -5.90 -30.21
N ILE C 385 -9.28 -4.75 -30.61
CA ILE C 385 -9.87 -3.42 -30.24
C ILE C 385 -10.58 -2.94 -31.49
N ARG C 386 -11.91 -2.90 -31.45
CA ARG C 386 -12.72 -2.58 -32.62
C ARG C 386 -13.25 -1.13 -32.51
N ALA C 387 -13.42 -0.62 -31.29
CA ALA C 387 -13.85 0.77 -31.09
C ALA C 387 -13.24 1.35 -29.82
N ILE C 388 -13.09 2.67 -29.81
CA ILE C 388 -12.54 3.42 -28.64
C ILE C 388 -13.32 3.05 -27.37
N ASP C 389 -14.64 2.89 -27.53
CA ASP C 389 -15.48 2.51 -26.43
C ASP C 389 -15.07 1.18 -25.76
N ASP C 390 -14.49 0.26 -26.54
CA ASP C 390 -13.95 -0.99 -25.95
C ASP C 390 -12.93 -0.77 -24.82
N LEU C 391 -12.24 0.37 -24.81
CA LEU C 391 -11.15 0.61 -23.85
C LEU C 391 -11.64 0.62 -22.42
N HIS C 392 -12.96 0.84 -22.23
CA HIS C 392 -13.57 0.65 -20.90
C HIS C 392 -13.34 -0.72 -20.34
N GLU C 393 -13.19 -1.75 -21.17
CA GLU C 393 -12.86 -3.10 -20.68
C GLU C 393 -11.54 -3.13 -19.97
N GLY C 394 -10.53 -2.55 -20.62
CA GLY C 394 -9.22 -2.51 -20.03
C GLY C 394 -9.21 -1.71 -18.74
N LEU C 395 -9.94 -0.60 -18.70
CA LEU C 395 -10.03 0.24 -17.51
C LEU C 395 -10.61 -0.45 -16.29
N LYS C 396 -11.52 -1.37 -16.51
CA LYS C 396 -12.09 -2.23 -15.44
C LYS C 396 -11.05 -3.12 -14.76
N ILE C 397 -10.01 -3.52 -15.49
CA ILE C 397 -9.12 -4.57 -14.99
C ILE C 397 -8.12 -3.88 -14.11
N PRO C 398 -8.01 -4.31 -12.84
CA PRO C 398 -7.03 -3.64 -11.99
C PRO C 398 -5.57 -4.01 -12.33
N HIS C 399 -4.66 -3.12 -11.95
CA HIS C 399 -3.21 -3.37 -12.04
C HIS C 399 -2.89 -4.65 -11.33
N ASN C 400 -2.02 -5.48 -11.91
CA ASN C 400 -1.78 -6.79 -11.32
C ASN C 400 -1.19 -6.65 -9.92
N LYS C 401 -1.22 -7.72 -9.17
CA LYS C 401 -0.91 -7.71 -7.76
C LYS C 401 0.53 -7.34 -7.45
N TYR C 402 1.43 -7.59 -8.39
CA TYR C 402 2.85 -7.30 -8.21
C TYR C 402 3.18 -5.83 -8.49
N GLY C 403 2.16 -5.02 -8.80
CA GLY C 403 2.35 -3.73 -9.42
C GLY C 403 3.02 -2.71 -8.53
N ASP C 404 2.38 -2.41 -7.42
CA ASP C 404 2.99 -1.42 -6.50
C ASP C 404 4.44 -1.79 -6.24
N LEU C 405 4.70 -3.10 -6.18
CA LEU C 405 6.00 -3.65 -5.83
C LEU C 405 7.01 -3.42 -6.95
N LEU C 406 6.70 -3.86 -8.14
CA LEU C 406 7.51 -3.57 -9.34
C LEU C 406 7.76 -2.07 -9.60
N LYS C 407 6.70 -1.30 -9.45
CA LYS C 407 6.74 0.13 -9.59
C LYS C 407 7.66 0.80 -8.57
N GLU C 408 7.48 0.40 -7.30
CA GLU C 408 8.32 0.87 -6.16
C GLU C 408 9.79 0.56 -6.48
N ILE C 409 10.09 -0.66 -6.95
CA ILE C 409 11.49 -1.02 -7.25
C ILE C 409 12.07 -0.15 -8.36
N ALA C 410 11.34 -0.07 -9.44
CA ALA C 410 11.82 0.64 -10.61
C ALA C 410 11.99 2.13 -10.33
N GLU C 411 11.04 2.67 -9.60
CA GLU C 411 11.01 4.09 -9.28
C GLU C 411 12.25 4.58 -8.52
N LYS C 412 12.78 3.72 -7.67
CA LYS C 412 14.05 3.99 -6.99
C LYS C 412 15.26 4.15 -7.91
N PHE C 413 15.18 3.78 -9.19
CA PHE C 413 16.25 4.07 -10.18
C PHE C 413 16.14 5.41 -10.91
N ASN C 414 15.11 6.21 -10.59
CA ASN C 414 15.10 7.63 -10.98
C ASN C 414 16.18 8.35 -10.28
N ASP C 415 17.05 9.03 -10.99
CA ASP C 415 18.13 9.78 -10.32
C ASP C 415 18.54 10.91 -11.23
N ASN C 416 19.69 11.53 -11.00
CA ASN C 416 20.12 12.67 -11.81
C ASN C 416 20.41 12.36 -13.25
N ASN C 417 20.60 11.11 -13.59
CA ASN C 417 21.00 10.72 -14.92
C ASN C 417 19.90 10.00 -15.74
N TYR C 418 18.94 9.34 -15.09
CA TYR C 418 17.93 8.57 -15.80
C TYR C 418 16.54 8.85 -15.25
N LYS C 419 15.53 8.81 -16.12
CA LYS C 419 14.14 8.88 -15.77
C LYS C 419 13.51 7.51 -16.09
N ILE C 420 12.81 6.94 -15.10
CA ILE C 420 12.23 5.61 -15.19
C ILE C 420 10.76 5.66 -14.85
N ALA C 421 9.95 5.01 -15.71
CA ALA C 421 8.51 4.88 -15.48
C ALA C 421 8.14 3.46 -15.72
N LEU C 422 7.22 2.96 -14.91
CA LEU C 422 6.73 1.60 -15.02
C LEU C 422 5.26 1.56 -14.80
N SER C 423 4.52 0.93 -15.71
CA SER C 423 3.11 0.67 -15.50
C SER C 423 2.91 -0.84 -15.38
N PRO C 424 2.39 -1.30 -14.23
CA PRO C 424 2.00 -2.71 -14.12
C PRO C 424 0.92 -3.09 -15.09
N SER C 425 1.00 -4.30 -15.64
CA SER C 425 -0.06 -4.78 -16.54
C SER C 425 -1.38 -4.95 -15.79
N ARG C 426 -2.46 -4.85 -16.53
CA ARG C 426 -3.80 -5.09 -16.04
C ARG C 426 -4.20 -6.46 -16.53
N TYR C 427 -3.77 -7.45 -15.78
CA TYR C 427 -3.65 -8.83 -16.24
C TYR C 427 -5.00 -9.53 -16.19
N VAL C 428 -5.32 -10.25 -17.26
CA VAL C 428 -6.57 -10.98 -17.46
C VAL C 428 -6.17 -12.46 -17.40
N GLU C 429 -6.78 -13.24 -16.49
CA GLU C 429 -6.41 -14.66 -16.34
C GLU C 429 -6.63 -15.53 -17.58
N LYS C 430 -7.77 -15.38 -18.26
CA LYS C 430 -8.05 -16.22 -19.44
C LYS C 430 -8.14 -15.27 -20.66
N PRO C 431 -6.97 -14.85 -21.21
CA PRO C 431 -7.06 -13.88 -22.32
C PRO C 431 -7.61 -14.55 -23.56
N LYS C 432 -8.37 -13.82 -24.35
CA LYS C 432 -8.88 -14.37 -25.61
C LYS C 432 -7.73 -14.75 -26.55
N SER C 433 -6.74 -13.88 -26.69
CA SER C 433 -5.57 -14.14 -27.50
C SER C 433 -4.42 -13.29 -27.01
N THR C 434 -3.21 -13.64 -27.44
CA THR C 434 -1.99 -12.93 -27.08
C THR C 434 -1.21 -12.35 -28.27
N VAL C 435 -1.37 -12.89 -29.46
CA VAL C 435 -0.63 -12.39 -30.61
C VAL C 435 -0.95 -10.90 -30.84
N GLY C 436 0.09 -10.11 -31.00
CA GLY C 436 -0.06 -8.66 -31.21
C GLY C 436 -0.21 -7.79 -29.97
N LEU C 437 -0.16 -8.40 -28.77
CA LEU C 437 -0.29 -7.59 -27.57
C LEU C 437 0.91 -6.64 -27.41
N GLY C 438 2.09 -7.15 -27.73
CA GLY C 438 3.29 -6.31 -27.66
C GLY C 438 3.25 -5.17 -28.67
N ASP C 439 2.77 -5.46 -29.87
CA ASP C 439 2.71 -4.41 -30.87
C ASP C 439 1.79 -3.30 -30.40
N THR C 440 0.72 -3.73 -29.74
CA THR C 440 -0.33 -2.83 -29.29
C THR C 440 0.21 -1.94 -28.20
N ILE C 441 0.86 -2.55 -27.22
CA ILE C 441 1.43 -1.80 -26.11
C ILE C 441 2.61 -0.91 -26.56
N SER C 442 3.47 -1.43 -27.41
CA SER C 442 4.62 -0.64 -27.91
C SER C 442 4.23 0.56 -28.72
N SER C 443 3.31 0.36 -29.66
CA SER C 443 2.86 1.41 -30.55
C SER C 443 2.01 2.43 -29.74
N GLY C 444 1.23 1.97 -28.79
CA GLY C 444 0.48 2.94 -27.94
C GLY C 444 1.41 3.84 -27.13
N ALA C 445 2.40 3.25 -26.48
CA ALA C 445 3.30 3.98 -25.64
C ALA C 445 4.11 4.94 -26.46
N PHE C 446 4.59 4.48 -27.62
CA PHE C 446 5.40 5.33 -28.52
C PHE C 446 4.63 6.52 -29.10
N VAL C 447 3.44 6.26 -29.60
CA VAL C 447 2.62 7.34 -30.15
C VAL C 447 2.29 8.36 -29.06
N TYR C 448 1.96 7.88 -27.87
CA TYR C 448 1.66 8.79 -26.79
C TYR C 448 2.94 9.61 -26.44
N TYR C 449 4.09 8.92 -26.35
CA TYR C 449 5.39 9.61 -26.13
C TYR C 449 5.60 10.75 -27.20
N VAL C 450 5.43 10.42 -28.47
CA VAL C 450 5.63 11.41 -29.55
C VAL C 450 4.62 12.55 -29.41
N SER C 451 3.41 12.20 -29.03
CA SER C 451 2.31 13.18 -28.84
C SER C 451 2.64 14.18 -27.73
N LEU C 452 3.04 13.69 -26.57
CA LEU C 452 3.46 14.59 -25.49
C LEU C 452 4.72 15.44 -25.80
N LEU C 453 5.70 14.85 -26.47
CA LEU C 453 6.84 15.67 -26.91
C LEU C 453 6.42 16.89 -27.74
N ASN C 454 5.55 16.64 -28.73
CA ASN C 454 5.17 17.66 -29.66
C ASN C 454 4.27 18.69 -29.00
N LYS C 455 3.44 18.26 -28.09
CA LYS C 455 2.62 19.17 -27.33
C LYS C 455 3.51 20.11 -26.52
N LYS C 456 4.54 19.55 -25.88
CA LYS C 456 5.44 20.34 -25.05
C LYS C 456 6.25 21.33 -25.88
N ARG C 457 6.76 20.86 -27.01
CA ARG C 457 7.50 21.71 -27.91
C ARG C 457 6.79 23.06 -28.29
N MET C 458 5.44 23.12 -28.30
CA MET C 458 4.69 24.40 -28.60
C MET C 458 4.25 25.30 -27.43
#